data_1WXT
#
_entry.id   1WXT
#
_entity_poly.entity_id   1
_entity_poly.type   'polypeptide(L)'
_entity_poly.pdbx_seq_one_letter_code
;GSSGSSGLKMQVLYEFEARNPRELTVVQGEKLEVLDHSKRWWLVKNEAGRSGYIPSNILEPLSGPSSG
;
_entity_poly.pdbx_strand_id   A
#
# COMPACT_ATOMS: atom_id res chain seq x y z
N GLY A 1 -6.84 3.49 -15.43
CA GLY A 1 -5.63 2.95 -14.83
C GLY A 1 -4.69 2.37 -15.86
N SER A 2 -3.52 2.97 -16.00
CA SER A 2 -2.53 2.51 -16.97
C SER A 2 -1.15 3.07 -16.64
N SER A 3 -0.11 2.37 -17.09
CA SER A 3 1.26 2.80 -16.84
C SER A 3 1.44 4.28 -17.16
N GLY A 4 1.34 5.11 -16.12
CA GLY A 4 1.49 6.55 -16.31
C GLY A 4 2.07 7.23 -15.08
N SER A 5 1.34 8.23 -14.57
CA SER A 5 1.79 8.97 -13.40
C SER A 5 2.38 8.03 -12.35
N SER A 6 3.56 8.38 -11.86
CA SER A 6 4.24 7.56 -10.85
C SER A 6 4.04 8.16 -9.46
N GLY A 7 3.04 7.65 -8.74
CA GLY A 7 2.78 8.13 -7.40
C GLY A 7 3.76 7.59 -6.38
N LEU A 8 3.27 6.72 -5.50
CA LEU A 8 4.11 6.13 -4.47
C LEU A 8 3.75 4.66 -4.24
N LYS A 9 4.75 3.85 -3.92
CA LYS A 9 4.54 2.43 -3.69
C LYS A 9 5.20 1.99 -2.38
N MET A 10 4.55 1.08 -1.67
CA MET A 10 5.06 0.57 -0.40
C MET A 10 4.78 -0.92 -0.25
N GLN A 11 5.54 -1.58 0.62
CA GLN A 11 5.37 -3.00 0.86
C GLN A 11 4.74 -3.26 2.22
N VAL A 12 4.31 -4.49 2.46
CA VAL A 12 3.70 -4.86 3.73
C VAL A 12 4.71 -5.51 4.65
N LEU A 13 4.96 -4.87 5.80
CA LEU A 13 5.90 -5.41 6.77
C LEU A 13 5.26 -6.47 7.64
N TYR A 14 3.95 -6.35 7.84
CA TYR A 14 3.21 -7.31 8.65
C TYR A 14 1.80 -7.52 8.09
N GLU A 15 1.37 -8.78 8.05
CA GLU A 15 0.05 -9.12 7.54
C GLU A 15 -1.04 -8.54 8.41
N PHE A 16 -2.05 -7.94 7.78
CA PHE A 16 -3.16 -7.33 8.51
C PHE A 16 -4.50 -7.88 8.01
N GLU A 17 -5.48 -7.90 8.90
CA GLU A 17 -6.81 -8.39 8.54
C GLU A 17 -7.85 -7.29 8.66
N ALA A 18 -8.66 -7.13 7.61
CA ALA A 18 -9.70 -6.11 7.59
C ALA A 18 -10.99 -6.64 8.23
N ARG A 19 -11.76 -5.73 8.81
CA ARG A 19 -13.02 -6.09 9.46
C ARG A 19 -14.13 -5.13 9.06
N ASN A 20 -14.00 -4.54 7.88
CA ASN A 20 -15.00 -3.60 7.39
C ASN A 20 -14.93 -3.48 5.87
N PRO A 21 -16.00 -2.96 5.26
CA PRO A 21 -16.09 -2.78 3.81
C PRO A 21 -15.17 -1.67 3.31
N ARG A 22 -14.57 -0.95 4.25
CA ARG A 22 -13.66 0.14 3.90
C ARG A 22 -12.20 -0.31 3.98
N GLU A 23 -11.95 -1.32 4.81
CA GLU A 23 -10.60 -1.85 4.98
C GLU A 23 -10.36 -3.03 4.03
N LEU A 24 -9.09 -3.28 3.72
CA LEU A 24 -8.72 -4.37 2.83
C LEU A 24 -7.67 -5.26 3.47
N THR A 25 -7.81 -6.57 3.26
CA THR A 25 -6.87 -7.53 3.81
C THR A 25 -5.55 -7.53 3.04
N VAL A 26 -4.44 -7.54 3.78
CA VAL A 26 -3.12 -7.54 3.15
C VAL A 26 -2.19 -8.50 3.87
N VAL A 27 -1.23 -9.05 3.11
CA VAL A 27 -0.27 -9.99 3.67
C VAL A 27 1.14 -9.38 3.71
N GLN A 28 2.05 -10.06 4.40
CA GLN A 28 3.42 -9.58 4.52
C GLN A 28 4.24 -9.97 3.29
N GLY A 29 5.16 -9.09 2.90
CA GLY A 29 5.99 -9.36 1.74
C GLY A 29 5.25 -9.12 0.44
N GLU A 30 4.24 -8.26 0.48
CA GLU A 30 3.46 -7.96 -0.72
C GLU A 30 3.74 -6.54 -1.21
N LYS A 31 3.63 -6.34 -2.51
CA LYS A 31 3.87 -5.02 -3.11
C LYS A 31 2.56 -4.34 -3.47
N LEU A 32 2.29 -3.22 -2.82
CA LEU A 32 1.07 -2.46 -3.07
C LEU A 32 1.39 -1.01 -3.42
N GLU A 33 0.40 -0.30 -3.96
CA GLU A 33 0.57 1.09 -4.34
C GLU A 33 -0.24 2.01 -3.42
N VAL A 34 0.40 3.07 -2.93
CA VAL A 34 -0.26 4.02 -2.06
C VAL A 34 -1.11 5.00 -2.85
N LEU A 35 -2.23 5.42 -2.26
CA LEU A 35 -3.14 6.35 -2.92
C LEU A 35 -3.35 7.59 -2.04
N ASP A 36 -3.74 7.37 -0.80
CA ASP A 36 -3.98 8.47 0.14
C ASP A 36 -3.17 8.27 1.41
N HIS A 37 -2.02 8.93 1.49
CA HIS A 37 -1.16 8.84 2.66
C HIS A 37 -1.21 10.12 3.48
N SER A 38 -2.41 10.67 3.65
CA SER A 38 -2.59 11.90 4.40
C SER A 38 -3.10 11.60 5.81
N LYS A 39 -4.29 11.02 5.89
CA LYS A 39 -4.89 10.68 7.17
C LYS A 39 -4.07 9.61 7.89
N ARG A 40 -4.25 9.53 9.21
CA ARG A 40 -3.53 8.55 10.02
C ARG A 40 -3.39 7.23 9.27
N TRP A 41 -4.49 6.78 8.66
CA TRP A 41 -4.48 5.53 7.91
C TRP A 41 -4.26 5.78 6.43
N TRP A 42 -3.40 4.97 5.82
CA TRP A 42 -3.10 5.10 4.40
C TRP A 42 -3.99 4.18 3.57
N LEU A 43 -4.25 4.59 2.33
CA LEU A 43 -5.10 3.81 1.43
C LEU A 43 -4.27 3.22 0.29
N VAL A 44 -4.31 1.90 0.15
CA VAL A 44 -3.57 1.22 -0.90
C VAL A 44 -4.50 0.39 -1.78
N LYS A 45 -3.95 -0.14 -2.87
CA LYS A 45 -4.73 -0.95 -3.80
C LYS A 45 -3.95 -2.19 -4.22
N ASN A 46 -4.66 -3.25 -4.59
CA ASN A 46 -4.04 -4.49 -5.02
C ASN A 46 -4.22 -4.70 -6.52
N GLU A 47 -3.60 -5.74 -7.05
CA GLU A 47 -3.70 -6.06 -8.47
C GLU A 47 -5.15 -6.24 -8.89
N ALA A 48 -5.92 -6.92 -8.04
CA ALA A 48 -7.33 -7.17 -8.33
C ALA A 48 -8.06 -5.86 -8.62
N GLY A 49 -7.58 -4.76 -8.04
CA GLY A 49 -8.20 -3.48 -8.25
C GLY A 49 -8.95 -2.98 -7.03
N ARG A 50 -8.85 -3.72 -5.94
CA ARG A 50 -9.51 -3.36 -4.69
C ARG A 50 -8.61 -2.48 -3.84
N SER A 51 -9.17 -1.38 -3.32
CA SER A 51 -8.41 -0.46 -2.49
C SER A 51 -9.04 -0.35 -1.10
N GLY A 52 -8.22 -0.57 -0.07
CA GLY A 52 -8.71 -0.49 1.29
C GLY A 52 -7.75 0.26 2.21
N TYR A 53 -8.24 0.62 3.39
CA TYR A 53 -7.43 1.35 4.35
C TYR A 53 -6.53 0.39 5.14
N ILE A 54 -5.28 0.82 5.38
CA ILE A 54 -4.33 0.01 6.12
C ILE A 54 -3.40 0.89 6.96
N PRO A 55 -2.95 0.33 8.10
CA PRO A 55 -2.06 1.05 9.01
C PRO A 55 -0.66 1.24 8.42
N SER A 56 -0.26 2.50 8.26
CA SER A 56 1.05 2.81 7.71
C SER A 56 2.16 2.11 8.49
N ASN A 57 1.82 1.62 9.67
CA ASN A 57 2.78 0.93 10.53
C ASN A 57 3.32 -0.33 9.84
N ILE A 58 2.51 -0.89 8.96
CA ILE A 58 2.90 -2.10 8.23
C ILE A 58 3.39 -1.75 6.82
N LEU A 59 3.81 -0.51 6.63
CA LEU A 59 4.30 -0.05 5.34
C LEU A 59 5.74 0.44 5.45
N GLU A 60 6.60 -0.08 4.59
CA GLU A 60 8.01 0.31 4.58
C GLU A 60 8.41 0.86 3.22
N PRO A 61 9.42 1.75 3.23
CA PRO A 61 9.92 2.38 2.00
C PRO A 61 10.66 1.39 1.11
N LEU A 62 9.91 0.68 0.27
CA LEU A 62 10.50 -0.30 -0.64
C LEU A 62 11.86 0.17 -1.14
N SER A 63 12.92 -0.33 -0.51
CA SER A 63 14.28 0.03 -0.88
C SER A 63 14.61 -0.48 -2.28
N GLY A 64 15.71 0.01 -2.84
CA GLY A 64 16.13 -0.41 -4.16
C GLY A 64 17.56 -0.02 -4.48
N PRO A 65 18.06 -0.47 -5.63
CA PRO A 65 19.42 -0.19 -6.07
C PRO A 65 19.61 1.28 -6.46
N SER A 66 18.50 2.02 -6.49
CA SER A 66 18.54 3.43 -6.86
C SER A 66 19.70 4.13 -6.17
N SER A 67 20.46 4.90 -6.96
CA SER A 67 21.61 5.63 -6.43
C SER A 67 21.20 6.52 -5.27
N GLY A 68 22.19 7.13 -4.62
CA GLY A 68 21.91 8.01 -3.50
C GLY A 68 23.15 8.28 -2.66
N GLY A 1 8.23 12.90 -15.43
CA GLY A 1 7.17 13.84 -15.19
C GLY A 1 5.79 13.23 -15.37
N SER A 2 5.33 12.50 -14.35
CA SER A 2 4.03 11.85 -14.40
C SER A 2 3.90 10.99 -15.66
N SER A 3 4.97 10.26 -15.97
CA SER A 3 4.98 9.40 -17.15
C SER A 3 4.85 7.93 -16.74
N GLY A 4 4.02 7.20 -17.48
CA GLY A 4 3.81 5.79 -17.18
C GLY A 4 2.89 5.58 -16.00
N SER A 5 3.27 4.66 -15.12
CA SER A 5 2.46 4.35 -13.94
C SER A 5 2.93 5.15 -12.74
N SER A 6 2.57 6.44 -12.72
CA SER A 6 2.95 7.32 -11.63
C SER A 6 2.23 6.95 -10.34
N GLY A 7 2.71 7.47 -9.23
CA GLY A 7 2.10 7.16 -7.94
C GLY A 7 3.12 6.84 -6.87
N LEU A 8 2.83 5.84 -6.05
CA LEU A 8 3.73 5.43 -4.98
C LEU A 8 3.63 3.93 -4.73
N LYS A 9 4.75 3.31 -4.35
CA LYS A 9 4.77 1.88 -4.07
C LYS A 9 5.46 1.60 -2.73
N MET A 10 4.82 0.78 -1.91
CA MET A 10 5.36 0.43 -0.60
C MET A 10 5.37 -1.09 -0.41
N GLN A 11 6.14 -1.55 0.58
CA GLN A 11 6.23 -2.97 0.87
C GLN A 11 5.69 -3.28 2.26
N VAL A 12 4.85 -4.31 2.34
CA VAL A 12 4.26 -4.70 3.61
C VAL A 12 5.26 -5.47 4.47
N LEU A 13 5.14 -5.32 5.78
CA LEU A 13 6.04 -6.00 6.71
C LEU A 13 5.25 -6.81 7.74
N TYR A 14 4.03 -6.36 8.02
CA TYR A 14 3.16 -7.03 8.99
C TYR A 14 1.81 -7.35 8.37
N GLU A 15 1.47 -8.64 8.34
CA GLU A 15 0.19 -9.07 7.79
C GLU A 15 -0.97 -8.52 8.60
N PHE A 16 -1.94 -7.92 7.91
CA PHE A 16 -3.11 -7.34 8.57
C PHE A 16 -4.40 -7.95 8.02
N GLU A 17 -5.24 -8.46 8.91
CA GLU A 17 -6.51 -9.06 8.51
C GLU A 17 -7.62 -8.03 8.49
N ALA A 18 -8.13 -7.72 7.30
CA ALA A 18 -9.21 -6.76 7.14
C ALA A 18 -10.52 -7.30 7.69
N ARG A 19 -11.12 -6.56 8.62
CA ARG A 19 -12.38 -6.97 9.23
C ARG A 19 -13.52 -6.05 8.79
N ASN A 20 -13.27 -5.28 7.73
CA ASN A 20 -14.28 -4.36 7.22
C ASN A 20 -14.33 -4.41 5.69
N PRO A 21 -15.51 -4.07 5.13
CA PRO A 21 -15.72 -4.09 3.68
C PRO A 21 -14.95 -2.97 2.97
N ARG A 22 -14.61 -1.93 3.73
CA ARG A 22 -13.87 -0.79 3.18
C ARG A 22 -12.38 -1.03 3.27
N GLU A 23 -11.98 -2.03 4.04
CA GLU A 23 -10.57 -2.35 4.21
C GLU A 23 -10.13 -3.43 3.22
N LEU A 24 -8.83 -3.67 3.17
CA LEU A 24 -8.27 -4.67 2.25
C LEU A 24 -7.21 -5.51 2.94
N THR A 25 -7.32 -6.83 2.82
CA THR A 25 -6.37 -7.74 3.43
C THR A 25 -5.03 -7.70 2.71
N VAL A 26 -3.94 -7.83 3.46
CA VAL A 26 -2.61 -7.81 2.89
C VAL A 26 -1.66 -8.72 3.67
N VAL A 27 -0.60 -9.16 3.01
CA VAL A 27 0.38 -10.04 3.65
C VAL A 27 1.79 -9.47 3.52
N GLN A 28 2.67 -9.86 4.43
CA GLN A 28 4.05 -9.39 4.41
C GLN A 28 4.70 -9.66 3.07
N GLY A 29 5.53 -8.72 2.62
CA GLY A 29 6.20 -8.87 1.35
C GLY A 29 5.38 -8.33 0.19
N GLU A 30 4.07 -8.49 0.27
CA GLU A 30 3.18 -8.01 -0.78
C GLU A 30 3.50 -6.56 -1.16
N LYS A 31 3.26 -6.22 -2.41
CA LYS A 31 3.51 -4.87 -2.89
C LYS A 31 2.20 -4.14 -3.21
N LEU A 32 2.01 -3.00 -2.58
CA LEU A 32 0.79 -2.21 -2.79
C LEU A 32 1.14 -0.81 -3.30
N GLU A 33 0.12 -0.05 -3.67
CA GLU A 33 0.31 1.30 -4.19
C GLU A 33 -0.42 2.32 -3.33
N VAL A 34 0.34 3.18 -2.66
CA VAL A 34 -0.23 4.21 -1.79
C VAL A 34 -0.95 5.28 -2.61
N LEU A 35 -2.18 5.58 -2.22
CA LEU A 35 -2.98 6.58 -2.92
C LEU A 35 -3.12 7.85 -2.08
N ASP A 36 -3.68 7.70 -0.89
CA ASP A 36 -3.88 8.83 0.02
C ASP A 36 -3.19 8.58 1.36
N HIS A 37 -1.97 9.09 1.50
CA HIS A 37 -1.22 8.92 2.73
C HIS A 37 -1.19 10.21 3.54
N SER A 38 -2.35 10.58 4.09
CA SER A 38 -2.47 11.79 4.89
C SER A 38 -2.99 11.48 6.28
N LYS A 39 -4.20 10.93 6.35
CA LYS A 39 -4.82 10.58 7.63
C LYS A 39 -4.06 9.43 8.29
N ARG A 40 -4.41 9.15 9.55
CA ARG A 40 -3.77 8.09 10.30
C ARG A 40 -3.58 6.84 9.44
N TRP A 41 -4.69 6.35 8.88
CA TRP A 41 -4.65 5.16 8.04
C TRP A 41 -4.43 5.54 6.59
N TRP A 42 -3.61 4.75 5.90
CA TRP A 42 -3.31 5.00 4.50
C TRP A 42 -4.19 4.16 3.58
N LEU A 43 -4.44 4.65 2.38
CA LEU A 43 -5.27 3.93 1.41
C LEU A 43 -4.43 3.39 0.27
N VAL A 44 -4.36 2.06 0.17
CA VAL A 44 -3.58 1.41 -0.89
C VAL A 44 -4.47 0.53 -1.76
N LYS A 45 -3.93 0.08 -2.87
CA LYS A 45 -4.68 -0.78 -3.79
C LYS A 45 -3.84 -1.98 -4.23
N ASN A 46 -4.46 -3.15 -4.27
CA ASN A 46 -3.77 -4.37 -4.67
C ASN A 46 -3.82 -4.55 -6.18
N GLU A 47 -3.13 -5.58 -6.68
CA GLU A 47 -3.09 -5.86 -8.10
C GLU A 47 -4.50 -6.15 -8.63
N ALA A 48 -5.30 -6.85 -7.83
CA ALA A 48 -6.66 -7.18 -8.22
C ALA A 48 -7.43 -5.95 -8.68
N GLY A 49 -7.24 -4.84 -7.97
CA GLY A 49 -7.92 -3.60 -8.33
C GLY A 49 -8.81 -3.09 -7.20
N ARG A 50 -8.60 -3.63 -6.01
CA ARG A 50 -9.40 -3.21 -4.84
C ARG A 50 -8.56 -2.36 -3.90
N SER A 51 -9.13 -1.24 -3.47
CA SER A 51 -8.43 -0.32 -2.57
C SER A 51 -9.02 -0.39 -1.16
N GLY A 52 -8.15 -0.48 -0.16
CA GLY A 52 -8.61 -0.56 1.21
C GLY A 52 -7.74 0.25 2.15
N TYR A 53 -8.26 0.51 3.35
CA TYR A 53 -7.52 1.29 4.35
C TYR A 53 -6.63 0.38 5.20
N ILE A 54 -5.35 0.73 5.30
CA ILE A 54 -4.41 -0.04 6.08
C ILE A 54 -3.48 0.86 6.89
N PRO A 55 -3.02 0.36 8.04
CA PRO A 55 -2.13 1.12 8.94
C PRO A 55 -0.73 1.29 8.34
N SER A 56 -0.27 2.53 8.28
CA SER A 56 1.04 2.82 7.73
C SER A 56 2.14 2.11 8.52
N ASN A 57 1.76 1.56 9.67
CA ASN A 57 2.70 0.84 10.52
C ASN A 57 3.22 -0.41 9.83
N ILE A 58 2.35 -1.06 9.06
CA ILE A 58 2.72 -2.27 8.35
C ILE A 58 3.31 -1.95 6.98
N LEU A 59 3.74 -0.69 6.81
CA LEU A 59 4.33 -0.26 5.56
C LEU A 59 5.75 0.25 5.77
N GLU A 60 6.55 0.24 4.71
CA GLU A 60 7.92 0.69 4.78
C GLU A 60 8.38 1.28 3.44
N PRO A 61 9.47 2.08 3.49
CA PRO A 61 10.02 2.71 2.29
C PRO A 61 10.68 1.71 1.35
N LEU A 62 9.92 1.24 0.36
CA LEU A 62 10.42 0.28 -0.61
C LEU A 62 11.32 0.96 -1.63
N SER A 63 12.59 0.59 -1.65
CA SER A 63 13.55 1.16 -2.59
C SER A 63 14.84 0.34 -2.62
N GLY A 64 15.63 0.53 -3.67
CA GLY A 64 16.88 -0.19 -3.80
C GLY A 64 17.81 0.44 -4.82
N PRO A 65 19.12 0.24 -4.63
CA PRO A 65 20.15 0.78 -5.51
C PRO A 65 20.14 0.12 -6.88
N SER A 66 19.63 -1.11 -6.94
CA SER A 66 19.58 -1.85 -8.18
C SER A 66 18.23 -2.58 -8.32
N SER A 67 17.86 -2.87 -9.56
CA SER A 67 16.60 -3.55 -9.83
C SER A 67 16.70 -5.04 -9.50
N GLY A 68 15.63 -5.60 -8.94
CA GLY A 68 15.62 -7.00 -8.58
C GLY A 68 15.42 -7.22 -7.10
N GLY A 1 -9.00 9.21 -12.61
CA GLY A 1 -8.19 8.08 -12.20
C GLY A 1 -6.75 8.47 -11.96
N SER A 2 -6.53 9.63 -11.35
CA SER A 2 -5.19 10.12 -11.07
C SER A 2 -5.10 10.71 -9.67
N SER A 3 -3.93 10.62 -9.07
CA SER A 3 -3.70 11.13 -7.73
C SER A 3 -3.07 12.52 -7.77
N GLY A 4 -3.32 13.31 -6.73
CA GLY A 4 -2.77 14.66 -6.67
C GLY A 4 -1.30 14.70 -7.06
N SER A 5 -0.52 13.77 -6.49
CA SER A 5 0.91 13.71 -6.76
C SER A 5 1.30 12.33 -7.30
N SER A 6 2.49 12.24 -7.88
CA SER A 6 2.98 10.99 -8.42
C SER A 6 2.69 9.83 -7.48
N GLY A 7 2.14 8.74 -8.02
CA GLY A 7 1.82 7.58 -7.22
C GLY A 7 2.96 7.18 -6.30
N LEU A 8 2.66 6.36 -5.30
CA LEU A 8 3.67 5.89 -4.36
C LEU A 8 3.63 4.37 -4.22
N LYS A 9 4.80 3.77 -4.07
CA LYS A 9 4.91 2.33 -3.91
C LYS A 9 5.48 1.97 -2.55
N MET A 10 4.92 0.92 -1.94
CA MET A 10 5.39 0.47 -0.63
C MET A 10 5.18 -1.04 -0.47
N GLN A 11 5.82 -1.62 0.53
CA GLN A 11 5.70 -3.05 0.79
C GLN A 11 5.19 -3.31 2.20
N VAL A 12 4.56 -4.46 2.39
CA VAL A 12 4.01 -4.84 3.69
C VAL A 12 5.08 -5.46 4.58
N LEU A 13 5.05 -5.11 5.86
CA LEU A 13 6.02 -5.64 6.82
C LEU A 13 5.36 -6.63 7.77
N TYR A 14 4.16 -6.29 8.23
CA TYR A 14 3.43 -7.15 9.15
C TYR A 14 2.03 -7.46 8.61
N GLU A 15 1.79 -8.72 8.27
CA GLU A 15 0.51 -9.14 7.74
C GLU A 15 -0.64 -8.52 8.54
N PHE A 16 -1.66 -8.06 7.83
CA PHE A 16 -2.82 -7.44 8.47
C PHE A 16 -4.12 -7.99 7.90
N GLU A 17 -5.00 -8.44 8.79
CA GLU A 17 -6.28 -9.01 8.38
C GLU A 17 -7.39 -7.94 8.43
N ALA A 18 -7.72 -7.39 7.27
CA ALA A 18 -8.75 -6.36 7.19
C ALA A 18 -10.02 -6.80 7.91
N ARG A 19 -10.44 -6.01 8.89
CA ARG A 19 -11.64 -6.32 9.66
C ARG A 19 -12.76 -5.32 9.35
N ASN A 20 -12.75 -4.80 8.13
CA ASN A 20 -13.77 -3.84 7.71
C ASN A 20 -14.10 -4.01 6.23
N PRO A 21 -15.32 -3.62 5.85
CA PRO A 21 -15.78 -3.73 4.46
C PRO A 21 -15.09 -2.73 3.54
N ARG A 22 -14.54 -1.67 4.13
CA ARG A 22 -13.84 -0.64 3.37
C ARG A 22 -12.34 -0.86 3.41
N GLU A 23 -11.91 -1.89 4.15
CA GLU A 23 -10.50 -2.20 4.27
C GLU A 23 -10.10 -3.31 3.32
N LEU A 24 -8.81 -3.59 3.24
CA LEU A 24 -8.28 -4.63 2.36
C LEU A 24 -7.18 -5.42 3.04
N THR A 25 -7.21 -6.75 2.87
CA THR A 25 -6.21 -7.62 3.46
C THR A 25 -4.84 -7.42 2.81
N VAL A 26 -3.79 -7.68 3.57
CA VAL A 26 -2.43 -7.53 3.07
C VAL A 26 -1.45 -8.41 3.85
N VAL A 27 -0.67 -9.19 3.12
CA VAL A 27 0.31 -10.08 3.74
C VAL A 27 1.72 -9.50 3.66
N GLN A 28 2.62 -10.02 4.49
CA GLN A 28 4.01 -9.54 4.51
C GLN A 28 4.69 -9.81 3.17
N GLY A 29 5.57 -8.89 2.77
CA GLY A 29 6.28 -9.06 1.52
C GLY A 29 5.48 -8.52 0.33
N GLU A 30 4.17 -8.65 0.40
CA GLU A 30 3.30 -8.20 -0.68
C GLU A 30 3.51 -6.71 -0.95
N LYS A 31 3.25 -6.29 -2.18
CA LYS A 31 3.41 -4.90 -2.57
C LYS A 31 2.05 -4.24 -2.85
N LEU A 32 1.97 -2.95 -2.58
CA LEU A 32 0.72 -2.21 -2.81
C LEU A 32 1.02 -0.75 -3.13
N GLU A 33 0.25 -0.19 -4.06
CA GLU A 33 0.41 1.20 -4.45
C GLU A 33 -0.35 2.14 -3.52
N VAL A 34 0.38 3.03 -2.84
CA VAL A 34 -0.24 3.97 -1.92
C VAL A 34 -0.98 5.07 -2.67
N LEU A 35 -2.12 5.48 -2.13
CA LEU A 35 -2.92 6.53 -2.75
C LEU A 35 -3.09 7.72 -1.82
N ASP A 36 -3.64 7.46 -0.63
CA ASP A 36 -3.84 8.51 0.36
C ASP A 36 -2.94 8.30 1.57
N HIS A 37 -1.85 9.06 1.64
CA HIS A 37 -0.91 8.96 2.74
C HIS A 37 -1.06 10.14 3.69
N SER A 38 -2.24 10.76 3.67
CA SER A 38 -2.51 11.92 4.54
C SER A 38 -3.03 11.46 5.89
N LYS A 39 -4.19 10.82 5.88
CA LYS A 39 -4.80 10.33 7.12
C LYS A 39 -3.98 9.21 7.73
N ARG A 40 -4.07 9.05 9.05
CA ARG A 40 -3.34 8.01 9.75
C ARG A 40 -3.28 6.74 8.92
N TRP A 41 -4.44 6.18 8.57
CA TRP A 41 -4.50 4.97 7.78
C TRP A 41 -4.33 5.28 6.29
N TRP A 42 -3.28 4.73 5.70
CA TRP A 42 -3.00 4.94 4.28
C TRP A 42 -3.86 4.02 3.42
N LEU A 43 -4.33 4.55 2.29
CA LEU A 43 -5.16 3.78 1.37
C LEU A 43 -4.33 3.22 0.22
N VAL A 44 -4.30 1.90 0.10
CA VAL A 44 -3.54 1.24 -0.96
C VAL A 44 -4.46 0.40 -1.85
N LYS A 45 -3.96 0.05 -3.03
CA LYS A 45 -4.73 -0.74 -3.98
C LYS A 45 -3.97 -2.00 -4.38
N ASN A 46 -4.71 -3.05 -4.75
CA ASN A 46 -4.10 -4.31 -5.15
C ASN A 46 -4.22 -4.52 -6.66
N GLU A 47 -3.78 -5.68 -7.12
CA GLU A 47 -3.84 -6.00 -8.54
C GLU A 47 -5.28 -6.22 -9.00
N ALA A 48 -6.10 -6.76 -8.09
CA ALA A 48 -7.50 -7.01 -8.39
C ALA A 48 -8.26 -5.71 -8.66
N GLY A 49 -7.77 -4.63 -8.07
CA GLY A 49 -8.41 -3.34 -8.26
C GLY A 49 -9.09 -2.83 -6.99
N ARG A 50 -9.16 -3.69 -5.98
CA ARG A 50 -9.79 -3.32 -4.72
C ARG A 50 -8.82 -2.56 -3.82
N SER A 51 -9.26 -1.40 -3.34
CA SER A 51 -8.43 -0.56 -2.48
C SER A 51 -9.03 -0.45 -1.08
N GLY A 52 -8.19 -0.67 -0.08
CA GLY A 52 -8.66 -0.60 1.30
C GLY A 52 -7.71 0.19 2.19
N TYR A 53 -8.21 0.63 3.33
CA TYR A 53 -7.41 1.41 4.27
C TYR A 53 -6.53 0.49 5.13
N ILE A 54 -5.27 0.86 5.27
CA ILE A 54 -4.33 0.07 6.06
C ILE A 54 -3.42 0.99 6.88
N PRO A 55 -2.98 0.47 8.05
CA PRO A 55 -2.09 1.22 8.94
C PRO A 55 -0.69 1.38 8.37
N SER A 56 -0.28 2.63 8.16
CA SER A 56 1.04 2.92 7.62
C SER A 56 2.13 2.19 8.41
N ASN A 57 1.77 1.74 9.62
CA ASN A 57 2.71 1.03 10.47
C ASN A 57 3.23 -0.23 9.78
N ILE A 58 2.39 -0.83 8.95
CA ILE A 58 2.75 -2.04 8.22
C ILE A 58 3.24 -1.71 6.82
N LEU A 59 3.71 -0.49 6.62
CA LEU A 59 4.21 -0.06 5.32
C LEU A 59 5.62 0.52 5.44
N GLU A 60 6.56 -0.10 4.75
CA GLU A 60 7.95 0.34 4.77
C GLU A 60 8.36 0.95 3.43
N PRO A 61 9.44 1.74 3.44
CA PRO A 61 9.96 2.39 2.24
C PRO A 61 10.56 1.40 1.25
N LEU A 62 9.72 0.86 0.36
CA LEU A 62 10.18 -0.10 -0.63
C LEU A 62 11.15 0.54 -1.61
N SER A 63 10.63 1.39 -2.50
CA SER A 63 11.46 2.07 -3.49
C SER A 63 12.16 3.27 -2.87
N GLY A 64 13.42 3.47 -3.25
CA GLY A 64 14.18 4.60 -2.72
C GLY A 64 14.75 4.31 -1.35
N PRO A 65 15.94 3.69 -1.33
CA PRO A 65 16.63 3.35 -0.08
C PRO A 65 17.15 4.58 0.65
N SER A 66 16.87 4.65 1.95
CA SER A 66 17.30 5.79 2.77
C SER A 66 18.61 5.46 3.48
N SER A 67 19.29 6.50 3.94
CA SER A 67 20.57 6.34 4.64
C SER A 67 20.51 6.99 6.02
N GLY A 68 20.73 6.18 7.06
CA GLY A 68 20.71 6.68 8.41
C GLY A 68 19.37 6.46 9.09
N GLY A 1 -4.21 -0.99 -23.81
CA GLY A 1 -4.77 -1.30 -22.50
C GLY A 1 -4.54 -0.19 -21.49
N SER A 2 -3.38 -0.20 -20.86
CA SER A 2 -3.04 0.81 -19.87
C SER A 2 -1.73 1.52 -20.23
N SER A 3 -1.66 2.81 -19.91
CA SER A 3 -0.47 3.59 -20.20
C SER A 3 0.50 3.58 -19.03
N GLY A 4 -0.04 3.81 -17.82
CA GLY A 4 0.79 3.82 -16.64
C GLY A 4 0.75 5.16 -15.92
N SER A 5 1.02 5.15 -14.62
CA SER A 5 1.02 6.37 -13.82
C SER A 5 2.24 6.42 -12.90
N SER A 6 2.53 7.61 -12.40
CA SER A 6 3.68 7.80 -11.51
C SER A 6 3.22 8.11 -10.09
N GLY A 7 2.98 7.05 -9.32
CA GLY A 7 2.55 7.21 -7.95
C GLY A 7 3.49 6.59 -6.94
N LEU A 8 3.14 6.67 -5.67
CA LEU A 8 3.98 6.10 -4.62
C LEU A 8 3.64 4.63 -4.39
N LYS A 9 4.66 3.85 -4.02
CA LYS A 9 4.48 2.42 -3.77
C LYS A 9 5.20 2.00 -2.49
N MET A 10 4.59 1.07 -1.75
CA MET A 10 5.18 0.59 -0.51
C MET A 10 4.98 -0.92 -0.37
N GLN A 11 5.70 -1.53 0.57
CA GLN A 11 5.60 -2.97 0.80
C GLN A 11 4.99 -3.25 2.18
N VAL A 12 4.53 -4.49 2.37
CA VAL A 12 3.94 -4.89 3.63
C VAL A 12 4.95 -5.64 4.50
N LEU A 13 4.89 -5.39 5.80
CA LEU A 13 5.79 -6.03 6.75
C LEU A 13 5.05 -6.98 7.68
N TYR A 14 3.75 -6.72 7.85
CA TYR A 14 2.91 -7.55 8.71
C TYR A 14 1.53 -7.75 8.09
N GLU A 15 1.01 -8.96 8.22
CA GLU A 15 -0.31 -9.29 7.67
C GLU A 15 -1.42 -8.67 8.53
N PHE A 16 -2.23 -7.82 7.91
CA PHE A 16 -3.33 -7.16 8.61
C PHE A 16 -4.68 -7.67 8.11
N GLU A 17 -5.57 -7.98 9.04
CA GLU A 17 -6.90 -8.48 8.69
C GLU A 17 -7.93 -7.36 8.74
N ALA A 18 -8.32 -6.88 7.56
CA ALA A 18 -9.30 -5.81 7.47
C ALA A 18 -10.59 -6.17 8.19
N ARG A 19 -11.15 -5.22 8.92
CA ARG A 19 -12.38 -5.44 9.67
C ARG A 19 -13.55 -4.71 9.01
N ASN A 20 -13.31 -3.47 8.58
CA ASN A 20 -14.34 -2.67 7.94
C ASN A 20 -14.56 -3.11 6.50
N PRO A 21 -15.79 -2.88 6.00
CA PRO A 21 -16.16 -3.25 4.63
C PRO A 21 -15.46 -2.40 3.58
N ARG A 22 -14.73 -1.38 4.05
CA ARG A 22 -14.00 -0.49 3.15
C ARG A 22 -12.51 -0.81 3.17
N GLU A 23 -12.08 -1.54 4.18
CA GLU A 23 -10.67 -1.90 4.31
C GLU A 23 -10.32 -3.04 3.37
N LEU A 24 -9.05 -3.47 3.40
CA LEU A 24 -8.59 -4.56 2.55
C LEU A 24 -7.51 -5.38 3.27
N THR A 25 -7.57 -6.70 3.09
CA THR A 25 -6.61 -7.59 3.70
C THR A 25 -5.30 -7.63 2.91
N VAL A 26 -4.18 -7.67 3.63
CA VAL A 26 -2.87 -7.72 2.99
C VAL A 26 -1.95 -8.71 3.69
N VAL A 27 -0.99 -9.24 2.95
CA VAL A 27 -0.04 -10.21 3.50
C VAL A 27 1.37 -9.62 3.55
N GLN A 28 2.23 -10.25 4.35
CA GLN A 28 3.61 -9.79 4.49
C GLN A 28 4.38 -9.97 3.19
N GLY A 29 5.46 -9.20 3.03
CA GLY A 29 6.26 -9.29 1.83
C GLY A 29 5.45 -9.07 0.58
N GLU A 30 4.51 -8.12 0.63
CA GLU A 30 3.66 -7.82 -0.52
C GLU A 30 3.89 -6.38 -0.99
N LYS A 31 3.76 -6.18 -2.30
CA LYS A 31 3.94 -4.85 -2.88
C LYS A 31 2.60 -4.26 -3.31
N LEU A 32 2.28 -3.09 -2.76
CA LEU A 32 1.02 -2.42 -3.09
C LEU A 32 1.28 -0.98 -3.51
N GLU A 33 0.23 -0.30 -3.96
CA GLU A 33 0.34 1.09 -4.40
C GLU A 33 -0.43 2.01 -3.45
N VAL A 34 0.25 3.04 -2.97
CA VAL A 34 -0.35 4.01 -2.07
C VAL A 34 -1.22 5.02 -2.83
N LEU A 35 -2.31 5.44 -2.20
CA LEU A 35 -3.22 6.40 -2.82
C LEU A 35 -3.40 7.62 -1.94
N ASP A 36 -3.66 7.39 -0.66
CA ASP A 36 -3.84 8.47 0.30
C ASP A 36 -2.87 8.35 1.47
N HIS A 37 -1.74 9.02 1.37
CA HIS A 37 -0.73 8.97 2.42
C HIS A 37 -0.69 10.30 3.18
N SER A 38 -1.86 10.78 3.58
CA SER A 38 -1.96 12.04 4.32
C SER A 38 -2.57 11.82 5.70
N LYS A 39 -3.71 11.15 5.73
CA LYS A 39 -4.41 10.87 6.99
C LYS A 39 -3.74 9.71 7.72
N ARG A 40 -4.03 9.59 9.01
CA ARG A 40 -3.45 8.53 9.83
C ARG A 40 -3.32 7.24 9.03
N TRP A 41 -4.46 6.64 8.70
CA TRP A 41 -4.46 5.39 7.93
C TRP A 41 -4.20 5.66 6.46
N TRP A 42 -3.28 4.90 5.87
CA TRP A 42 -2.94 5.05 4.46
C TRP A 42 -3.80 4.14 3.59
N LEU A 43 -4.15 4.62 2.41
CA LEU A 43 -4.97 3.84 1.48
C LEU A 43 -4.10 3.21 0.39
N VAL A 44 -4.33 1.92 0.14
CA VAL A 44 -3.57 1.19 -0.87
C VAL A 44 -4.48 0.30 -1.70
N LYS A 45 -3.98 -0.16 -2.84
CA LYS A 45 -4.74 -1.01 -3.74
C LYS A 45 -3.92 -2.23 -4.16
N ASN A 46 -4.61 -3.31 -4.51
CA ASN A 46 -3.95 -4.54 -4.94
C ASN A 46 -4.25 -4.83 -6.40
N GLU A 47 -3.60 -5.87 -6.93
CA GLU A 47 -3.80 -6.25 -8.33
C GLU A 47 -5.28 -6.36 -8.66
N ALA A 48 -6.00 -7.18 -7.90
CA ALA A 48 -7.42 -7.38 -8.10
C ALA A 48 -8.11 -6.06 -8.47
N GLY A 49 -7.65 -4.98 -7.86
CA GLY A 49 -8.23 -3.67 -8.12
C GLY A 49 -9.00 -3.12 -6.94
N ARG A 50 -8.92 -3.83 -5.81
CA ARG A 50 -9.62 -3.40 -4.60
C ARG A 50 -8.69 -2.58 -3.70
N SER A 51 -9.18 -1.44 -3.24
CA SER A 51 -8.39 -0.57 -2.38
C SER A 51 -8.99 -0.51 -0.97
N GLY A 52 -8.13 -0.70 0.03
CA GLY A 52 -8.58 -0.67 1.40
C GLY A 52 -7.70 0.17 2.29
N TYR A 53 -8.28 0.74 3.35
CA TYR A 53 -7.54 1.59 4.27
C TYR A 53 -6.66 0.74 5.20
N ILE A 54 -5.36 0.86 5.02
CA ILE A 54 -4.40 0.11 5.85
C ILE A 54 -3.52 1.04 6.65
N PRO A 55 -3.06 0.56 7.82
CA PRO A 55 -2.19 1.34 8.71
C PRO A 55 -0.79 1.54 8.13
N SER A 56 -0.22 2.72 8.35
CA SER A 56 1.10 3.04 7.85
C SER A 56 2.18 2.34 8.69
N ASN A 57 1.75 1.50 9.62
CA ASN A 57 2.67 0.78 10.49
C ASN A 57 3.14 -0.51 9.82
N ILE A 58 2.35 -1.01 8.88
CA ILE A 58 2.69 -2.23 8.17
C ILE A 58 3.36 -1.93 6.83
N LEU A 59 3.60 -0.64 6.58
CA LEU A 59 4.23 -0.22 5.34
C LEU A 59 5.65 0.27 5.59
N GLU A 60 6.58 -0.20 4.76
CA GLU A 60 7.98 0.20 4.90
C GLU A 60 8.50 0.83 3.61
N PRO A 61 9.54 1.66 3.72
CA PRO A 61 10.15 2.34 2.58
C PRO A 61 10.90 1.37 1.67
N LEU A 62 10.22 0.86 0.65
CA LEU A 62 10.83 -0.07 -0.28
C LEU A 62 12.27 0.29 -0.56
N SER A 63 12.48 1.48 -1.10
CA SER A 63 13.83 1.96 -1.42
C SER A 63 14.76 1.78 -0.22
N GLY A 64 14.28 2.16 0.96
CA GLY A 64 15.08 2.04 2.16
C GLY A 64 16.04 3.20 2.34
N PRO A 65 16.28 3.58 3.60
CA PRO A 65 17.18 4.68 3.94
C PRO A 65 18.64 4.35 3.66
N SER A 66 18.95 3.05 3.58
CA SER A 66 20.31 2.60 3.32
C SER A 66 20.68 2.82 1.85
N SER A 67 21.23 3.99 1.56
CA SER A 67 21.64 4.33 0.20
C SER A 67 22.64 5.47 0.20
N GLY A 68 23.78 5.24 -0.45
CA GLY A 68 24.81 6.26 -0.51
C GLY A 68 26.01 5.93 0.35
N GLY A 1 7.47 15.05 -10.83
CA GLY A 1 7.14 15.89 -11.98
C GLY A 1 7.95 15.53 -13.21
N SER A 2 8.90 16.38 -13.55
CA SER A 2 9.75 16.15 -14.71
C SER A 2 10.77 15.07 -14.43
N SER A 3 10.46 13.84 -14.84
CA SER A 3 11.35 12.71 -14.62
C SER A 3 11.76 12.61 -13.16
N GLY A 4 10.81 12.84 -12.26
CA GLY A 4 11.09 12.76 -10.84
C GLY A 4 10.42 11.59 -10.17
N SER A 5 9.57 11.86 -9.19
CA SER A 5 8.87 10.81 -8.47
C SER A 5 7.37 10.83 -8.79
N SER A 6 6.99 10.07 -9.81
CA SER A 6 5.59 10.02 -10.22
C SER A 6 4.86 8.87 -9.51
N GLY A 7 4.11 9.22 -8.47
CA GLY A 7 3.37 8.21 -7.72
C GLY A 7 4.16 7.69 -6.53
N LEU A 8 3.51 6.84 -5.73
CA LEU A 8 4.16 6.27 -4.55
C LEU A 8 3.80 4.79 -4.40
N LYS A 9 4.80 3.98 -4.08
CA LYS A 9 4.58 2.55 -3.89
C LYS A 9 5.26 2.05 -2.62
N MET A 10 4.54 1.24 -1.85
CA MET A 10 5.08 0.70 -0.62
C MET A 10 4.78 -0.79 -0.50
N GLN A 11 5.64 -1.52 0.22
CA GLN A 11 5.47 -2.95 0.40
C GLN A 11 5.15 -3.28 1.85
N VAL A 12 4.19 -4.19 2.05
CA VAL A 12 3.79 -4.59 3.39
C VAL A 12 4.98 -5.13 4.19
N LEU A 13 5.09 -4.66 5.44
CA LEU A 13 6.18 -5.09 6.30
C LEU A 13 5.71 -6.16 7.28
N TYR A 14 4.47 -6.04 7.72
CA TYR A 14 3.90 -7.01 8.66
C TYR A 14 2.46 -7.35 8.28
N GLU A 15 2.24 -8.60 7.93
CA GLU A 15 0.90 -9.06 7.54
C GLU A 15 -0.17 -8.38 8.38
N PHE A 16 -1.27 -8.02 7.75
CA PHE A 16 -2.37 -7.37 8.44
C PHE A 16 -3.72 -7.91 7.96
N GLU A 17 -4.55 -8.34 8.91
CA GLU A 17 -5.86 -8.88 8.58
C GLU A 17 -6.95 -7.82 8.75
N ALA A 18 -7.54 -7.41 7.64
CA ALA A 18 -8.59 -6.40 7.67
C ALA A 18 -9.86 -6.94 8.32
N ARG A 19 -10.50 -6.11 9.14
CA ARG A 19 -11.72 -6.51 9.83
C ARG A 19 -12.92 -5.69 9.34
N ASN A 20 -12.62 -4.54 8.74
CA ASN A 20 -13.68 -3.67 8.23
C ASN A 20 -13.98 -3.98 6.76
N PRO A 21 -15.21 -3.69 6.34
CA PRO A 21 -15.65 -3.92 4.96
C PRO A 21 -14.98 -2.98 3.97
N ARG A 22 -14.39 -1.90 4.49
CA ARG A 22 -13.73 -0.92 3.64
C ARG A 22 -12.21 -1.13 3.66
N GLU A 23 -11.77 -2.12 4.43
CA GLU A 23 -10.35 -2.44 4.53
C GLU A 23 -9.95 -3.52 3.54
N LEU A 24 -8.64 -3.73 3.40
CA LEU A 24 -8.13 -4.74 2.47
C LEU A 24 -7.04 -5.57 3.13
N THR A 25 -7.15 -6.89 3.03
CA THR A 25 -6.16 -7.79 3.60
C THR A 25 -4.83 -7.70 2.87
N VAL A 26 -3.74 -7.86 3.60
CA VAL A 26 -2.40 -7.80 3.02
C VAL A 26 -1.42 -8.69 3.78
N VAL A 27 -0.35 -9.09 3.11
CA VAL A 27 0.67 -9.94 3.72
C VAL A 27 2.06 -9.34 3.57
N GLN A 28 2.93 -9.63 4.52
CA GLN A 28 4.29 -9.12 4.50
C GLN A 28 4.99 -9.50 3.20
N GLY A 29 5.85 -8.60 2.72
CA GLY A 29 6.57 -8.86 1.49
C GLY A 29 5.76 -8.50 0.26
N GLU A 30 4.44 -8.52 0.39
CA GLU A 30 3.56 -8.20 -0.71
C GLU A 30 3.77 -6.76 -1.19
N LYS A 31 3.61 -6.54 -2.50
CA LYS A 31 3.79 -5.21 -3.07
C LYS A 31 2.44 -4.55 -3.34
N LEU A 32 2.34 -3.27 -3.02
CA LEU A 32 1.11 -2.53 -3.24
C LEU A 32 1.41 -1.10 -3.69
N GLU A 33 0.35 -0.33 -3.94
CA GLU A 33 0.50 1.05 -4.39
C GLU A 33 -0.17 2.01 -3.40
N VAL A 34 0.57 3.04 -3.01
CA VAL A 34 0.04 4.03 -2.07
C VAL A 34 -0.79 5.08 -2.79
N LEU A 35 -1.99 5.33 -2.29
CA LEU A 35 -2.89 6.31 -2.89
C LEU A 35 -3.00 7.55 -2.00
N ASP A 36 -3.54 7.36 -0.80
CA ASP A 36 -3.71 8.47 0.14
C ASP A 36 -2.85 8.25 1.38
N HIS A 37 -1.63 8.78 1.36
CA HIS A 37 -0.72 8.64 2.49
C HIS A 37 -0.67 9.92 3.30
N SER A 38 -1.83 10.49 3.59
CA SER A 38 -1.91 11.72 4.36
C SER A 38 -2.48 11.47 5.75
N LYS A 39 -3.76 11.09 5.80
CA LYS A 39 -4.41 10.80 7.07
C LYS A 39 -3.71 9.67 7.81
N ARG A 40 -4.03 9.51 9.09
CA ARG A 40 -3.43 8.46 9.90
C ARG A 40 -3.34 7.16 9.12
N TRP A 41 -4.49 6.68 8.64
CA TRP A 41 -4.52 5.43 7.87
C TRP A 41 -4.24 5.69 6.39
N TRP A 42 -3.41 4.85 5.80
CA TRP A 42 -3.06 4.99 4.39
C TRP A 42 -3.93 4.10 3.51
N LEU A 43 -4.25 4.60 2.33
CA LEU A 43 -5.10 3.85 1.39
C LEU A 43 -4.25 3.20 0.30
N VAL A 44 -4.37 1.88 0.19
CA VAL A 44 -3.61 1.13 -0.80
C VAL A 44 -4.54 0.30 -1.68
N LYS A 45 -4.04 -0.10 -2.85
CA LYS A 45 -4.83 -0.90 -3.79
C LYS A 45 -4.02 -2.09 -4.29
N ASN A 46 -4.71 -3.17 -4.64
CA ASN A 46 -4.05 -4.37 -5.15
C ASN A 46 -4.22 -4.49 -6.65
N GLU A 47 -3.69 -5.56 -7.22
CA GLU A 47 -3.79 -5.79 -8.66
C GLU A 47 -5.25 -5.99 -9.08
N ALA A 48 -5.98 -6.74 -8.29
CA ALA A 48 -7.38 -7.01 -8.58
C ALA A 48 -8.15 -5.71 -8.82
N GLY A 49 -7.73 -4.65 -8.14
CA GLY A 49 -8.39 -3.37 -8.29
C GLY A 49 -9.16 -2.95 -7.05
N ARG A 50 -8.90 -3.65 -5.95
CA ARG A 50 -9.58 -3.35 -4.69
C ARG A 50 -8.69 -2.53 -3.77
N SER A 51 -9.25 -1.46 -3.21
CA SER A 51 -8.49 -0.59 -2.31
C SER A 51 -9.05 -0.68 -0.89
N GLY A 52 -8.15 -0.69 0.09
CA GLY A 52 -8.56 -0.77 1.48
C GLY A 52 -7.66 0.04 2.40
N TYR A 53 -8.22 0.54 3.48
CA TYR A 53 -7.46 1.33 4.45
C TYR A 53 -6.58 0.44 5.31
N ILE A 54 -5.31 0.82 5.43
CA ILE A 54 -4.36 0.06 6.23
C ILE A 54 -3.45 0.97 7.04
N PRO A 55 -3.06 0.52 8.23
CA PRO A 55 -2.18 1.29 9.12
C PRO A 55 -0.76 1.39 8.59
N SER A 56 -0.28 2.63 8.42
CA SER A 56 1.06 2.86 7.92
C SER A 56 2.10 2.11 8.74
N ASN A 57 1.69 1.64 9.92
CA ASN A 57 2.58 0.90 10.80
C ASN A 57 3.08 -0.37 10.13
N ILE A 58 2.34 -0.83 9.13
CA ILE A 58 2.71 -2.04 8.39
C ILE A 58 3.17 -1.71 6.98
N LEU A 59 3.53 -0.44 6.76
CA LEU A 59 4.00 0.00 5.45
C LEU A 59 5.45 0.45 5.51
N GLU A 60 6.31 -0.23 4.74
CA GLU A 60 7.73 0.10 4.71
C GLU A 60 8.11 0.76 3.39
N PRO A 61 9.16 1.58 3.42
CA PRO A 61 9.66 2.29 2.23
C PRO A 61 10.28 1.34 1.21
N LEU A 62 9.44 0.67 0.43
CA LEU A 62 9.92 -0.26 -0.59
C LEU A 62 11.18 0.26 -1.27
N SER A 63 12.17 -0.61 -1.42
CA SER A 63 13.43 -0.22 -2.05
C SER A 63 13.79 -1.19 -3.18
N GLY A 64 14.74 -0.80 -4.01
CA GLY A 64 15.16 -1.64 -5.10
C GLY A 64 15.57 -3.03 -4.66
N PRO A 65 15.31 -4.03 -5.50
CA PRO A 65 15.65 -5.43 -5.20
C PRO A 65 17.15 -5.68 -5.22
N SER A 66 17.81 -5.24 -6.28
CA SER A 66 19.25 -5.42 -6.42
C SER A 66 19.93 -4.11 -6.78
N SER A 67 21.25 -4.06 -6.58
CA SER A 67 22.02 -2.86 -6.87
C SER A 67 21.59 -2.25 -8.20
N GLY A 68 21.79 -0.94 -8.33
CA GLY A 68 21.41 -0.25 -9.56
C GLY A 68 22.44 -0.44 -10.66
N GLY A 1 1.50 12.94 -20.40
CA GLY A 1 2.65 13.17 -19.56
C GLY A 1 2.91 12.02 -18.60
N SER A 2 2.90 12.32 -17.31
CA SER A 2 3.13 11.30 -16.29
C SER A 2 2.09 11.39 -15.18
N SER A 3 0.84 11.61 -15.57
CA SER A 3 -0.25 11.71 -14.60
C SER A 3 -1.27 10.59 -14.80
N GLY A 4 -1.59 9.91 -13.71
CA GLY A 4 -2.55 8.82 -13.78
C GLY A 4 -1.95 7.50 -13.33
N SER A 5 -0.83 7.12 -13.94
CA SER A 5 -0.17 5.86 -13.61
C SER A 5 0.82 6.06 -12.47
N SER A 6 1.63 7.11 -12.58
CA SER A 6 2.62 7.41 -11.56
C SER A 6 2.01 7.39 -10.17
N GLY A 7 2.71 6.78 -9.21
CA GLY A 7 2.22 6.70 -7.85
C GLY A 7 3.22 6.07 -6.90
N LEU A 8 3.16 6.45 -5.63
CA LEU A 8 4.07 5.92 -4.63
C LEU A 8 3.91 4.41 -4.50
N LYS A 9 5.01 3.74 -4.15
CA LYS A 9 5.00 2.29 -3.97
C LYS A 9 5.59 1.89 -2.64
N MET A 10 4.86 1.07 -1.89
CA MET A 10 5.33 0.60 -0.59
C MET A 10 5.18 -0.91 -0.46
N GLN A 11 5.78 -1.47 0.58
CA GLN A 11 5.71 -2.91 0.82
C GLN A 11 5.14 -3.21 2.20
N VAL A 12 4.48 -4.35 2.32
CA VAL A 12 3.89 -4.75 3.60
C VAL A 12 4.87 -5.57 4.42
N LEU A 13 4.92 -5.29 5.72
CA LEU A 13 5.81 -6.00 6.63
C LEU A 13 5.04 -6.96 7.52
N TYR A 14 3.78 -6.64 7.78
CA TYR A 14 2.94 -7.47 8.62
C TYR A 14 1.57 -7.72 7.96
N GLU A 15 0.94 -8.82 8.30
CA GLU A 15 -0.36 -9.17 7.74
C GLU A 15 -1.49 -8.54 8.56
N PHE A 16 -2.31 -7.73 7.90
CA PHE A 16 -3.43 -7.07 8.56
C PHE A 16 -4.76 -7.60 8.04
N GLU A 17 -5.36 -8.52 8.79
CA GLU A 17 -6.64 -9.12 8.42
C GLU A 17 -7.75 -8.08 8.50
N ALA A 18 -8.03 -7.42 7.38
CA ALA A 18 -9.07 -6.41 7.32
C ALA A 18 -10.37 -6.92 7.94
N ARG A 19 -11.01 -6.07 8.74
CA ARG A 19 -12.26 -6.44 9.41
C ARG A 19 -13.42 -5.60 8.89
N ASN A 20 -13.12 -4.36 8.51
CA ASN A 20 -14.15 -3.46 8.01
C ASN A 20 -14.36 -3.68 6.51
N PRO A 21 -15.58 -3.35 6.04
CA PRO A 21 -15.94 -3.50 4.62
C PRO A 21 -15.22 -2.50 3.73
N ARG A 22 -14.60 -1.50 4.34
CA ARG A 22 -13.88 -0.47 3.60
C ARG A 22 -12.37 -0.72 3.67
N GLU A 23 -11.98 -1.79 4.35
CA GLU A 23 -10.57 -2.14 4.49
C GLU A 23 -10.19 -3.28 3.55
N LEU A 24 -8.91 -3.38 3.22
CA LEU A 24 -8.42 -4.43 2.34
C LEU A 24 -7.42 -5.32 3.07
N THR A 25 -7.51 -6.62 2.80
CA THR A 25 -6.61 -7.59 3.43
C THR A 25 -5.27 -7.65 2.70
N VAL A 26 -4.18 -7.59 3.46
CA VAL A 26 -2.84 -7.63 2.88
C VAL A 26 -1.95 -8.61 3.65
N VAL A 27 -0.88 -9.06 3.01
CA VAL A 27 0.06 -9.98 3.63
C VAL A 27 1.47 -9.43 3.62
N GLN A 28 2.33 -9.97 4.48
CA GLN A 28 3.71 -9.52 4.57
C GLN A 28 4.44 -9.74 3.26
N GLY A 29 5.54 -9.02 3.06
CA GLY A 29 6.31 -9.14 1.84
C GLY A 29 5.46 -8.93 0.60
N GLU A 30 4.47 -8.06 0.71
CA GLU A 30 3.58 -7.77 -0.41
C GLU A 30 3.88 -6.39 -0.99
N LYS A 31 3.59 -6.22 -2.28
CA LYS A 31 3.82 -4.95 -2.94
C LYS A 31 2.50 -4.26 -3.27
N LEU A 32 2.24 -3.14 -2.60
CA LEU A 32 1.01 -2.38 -2.81
C LEU A 32 1.32 -0.94 -3.20
N GLU A 33 0.34 -0.26 -3.77
CA GLU A 33 0.51 1.13 -4.18
C GLU A 33 -0.27 2.07 -3.27
N VAL A 34 0.34 3.20 -2.93
CA VAL A 34 -0.28 4.19 -2.06
C VAL A 34 -1.16 5.14 -2.85
N LEU A 35 -2.30 5.52 -2.27
CA LEU A 35 -3.23 6.43 -2.93
C LEU A 35 -3.54 7.61 -2.02
N ASP A 36 -4.04 7.33 -0.82
CA ASP A 36 -4.37 8.37 0.14
C ASP A 36 -3.63 8.17 1.45
N HIS A 37 -2.43 8.72 1.54
CA HIS A 37 -1.62 8.61 2.74
C HIS A 37 -1.56 9.93 3.49
N SER A 38 -2.54 10.80 3.23
CA SER A 38 -2.60 12.11 3.87
C SER A 38 -3.14 11.98 5.30
N LYS A 39 -3.91 10.92 5.54
CA LYS A 39 -4.49 10.68 6.85
C LYS A 39 -3.77 9.55 7.57
N ARG A 40 -4.08 9.37 8.85
CA ARG A 40 -3.45 8.32 9.65
C ARG A 40 -3.30 7.04 8.83
N TRP A 41 -4.43 6.43 8.47
CA TRP A 41 -4.43 5.21 7.69
C TRP A 41 -4.20 5.50 6.21
N TRP A 42 -3.21 4.83 5.63
CA TRP A 42 -2.89 5.02 4.21
C TRP A 42 -3.73 4.10 3.34
N LEU A 43 -4.33 4.67 2.29
CA LEU A 43 -5.17 3.90 1.38
C LEU A 43 -4.33 3.32 0.25
N VAL A 44 -4.40 2.00 0.08
CA VAL A 44 -3.65 1.31 -0.97
C VAL A 44 -4.58 0.52 -1.88
N LYS A 45 -4.02 -0.04 -2.93
CA LYS A 45 -4.79 -0.84 -3.87
C LYS A 45 -4.09 -2.16 -4.19
N ASN A 46 -4.86 -3.15 -4.62
CA ASN A 46 -4.31 -4.46 -4.95
C ASN A 46 -4.41 -4.73 -6.44
N GLU A 47 -4.02 -5.93 -6.86
CA GLU A 47 -4.05 -6.31 -8.27
C GLU A 47 -5.50 -6.48 -8.73
N ALA A 48 -6.41 -6.66 -7.78
CA ALA A 48 -7.82 -6.84 -8.09
C ALA A 48 -8.55 -5.50 -8.11
N GLY A 49 -7.81 -4.42 -8.35
CA GLY A 49 -8.40 -3.10 -8.37
C GLY A 49 -9.07 -2.74 -7.06
N ARG A 50 -8.86 -3.57 -6.05
CA ARG A 50 -9.44 -3.34 -4.73
C ARG A 50 -8.58 -2.38 -3.92
N SER A 51 -9.23 -1.43 -3.25
CA SER A 51 -8.51 -0.45 -2.44
C SER A 51 -9.12 -0.35 -1.04
N GLY A 52 -8.27 -0.37 -0.02
CA GLY A 52 -8.74 -0.29 1.35
C GLY A 52 -7.80 0.49 2.23
N TYR A 53 -8.20 0.69 3.49
CA TYR A 53 -7.39 1.44 4.45
C TYR A 53 -6.50 0.49 5.25
N ILE A 54 -5.24 0.87 5.40
CA ILE A 54 -4.28 0.06 6.15
C ILE A 54 -3.35 0.93 6.99
N PRO A 55 -2.93 0.41 8.15
CA PRO A 55 -2.04 1.12 9.06
C PRO A 55 -0.63 1.26 8.50
N SER A 56 -0.19 2.50 8.30
CA SER A 56 1.15 2.76 7.77
C SER A 56 2.20 1.98 8.55
N ASN A 57 1.84 1.55 9.75
CA ASN A 57 2.75 0.80 10.60
C ASN A 57 3.25 -0.46 9.88
N ILE A 58 2.38 -1.06 9.09
CA ILE A 58 2.73 -2.27 8.35
C ILE A 58 3.30 -1.93 6.98
N LEU A 59 3.56 -0.65 6.75
CA LEU A 59 4.11 -0.19 5.49
C LEU A 59 5.55 0.30 5.66
N GLU A 60 6.38 0.00 4.67
CA GLU A 60 7.79 0.42 4.71
C GLU A 60 8.23 0.99 3.37
N PRO A 61 9.33 1.75 3.38
CA PRO A 61 9.88 2.37 2.17
C PRO A 61 10.47 1.35 1.22
N LEU A 62 9.69 0.95 0.22
CA LEU A 62 10.13 -0.01 -0.77
C LEU A 62 11.12 0.61 -1.75
N SER A 63 10.78 1.79 -2.26
CA SER A 63 11.63 2.49 -3.19
C SER A 63 11.94 3.91 -2.71
N GLY A 64 13.18 4.35 -2.93
CA GLY A 64 13.58 5.68 -2.51
C GLY A 64 14.72 6.23 -3.32
N PRO A 65 14.73 7.56 -3.51
CA PRO A 65 15.77 8.24 -4.29
C PRO A 65 17.13 8.23 -3.58
N SER A 66 17.09 8.44 -2.26
CA SER A 66 18.32 8.47 -1.46
C SER A 66 18.63 7.08 -0.91
N SER A 67 19.90 6.85 -0.59
CA SER A 67 20.33 5.55 -0.05
C SER A 67 19.98 5.44 1.43
N GLY A 68 19.43 4.31 1.82
CA GLY A 68 19.07 4.08 3.20
C GLY A 68 17.58 3.83 3.38
N GLY A 1 1.14 9.90 -13.30
CA GLY A 1 0.27 11.04 -13.05
C GLY A 1 0.56 12.19 -13.98
N SER A 2 -0.39 13.12 -14.08
CA SER A 2 -0.23 14.29 -14.95
C SER A 2 0.73 15.30 -14.33
N SER A 3 1.58 15.89 -15.18
CA SER A 3 2.55 16.86 -14.72
C SER A 3 3.53 16.24 -13.74
N GLY A 4 4.03 15.05 -14.07
CA GLY A 4 4.97 14.36 -13.21
C GLY A 4 4.41 13.08 -12.65
N SER A 5 5.18 12.00 -12.77
CA SER A 5 4.73 10.70 -12.28
C SER A 5 4.46 10.75 -10.77
N SER A 6 3.20 10.86 -10.41
CA SER A 6 2.80 10.92 -9.01
C SER A 6 2.34 9.55 -8.51
N GLY A 7 3.31 8.66 -8.28
CA GLY A 7 3.00 7.33 -7.82
C GLY A 7 3.76 6.96 -6.55
N LEU A 8 3.13 6.20 -5.67
CA LEU A 8 3.75 5.78 -4.43
C LEU A 8 3.62 4.27 -4.23
N LYS A 9 4.76 3.60 -4.07
CA LYS A 9 4.76 2.16 -3.87
C LYS A 9 5.38 1.80 -2.52
N MET A 10 4.74 0.87 -1.81
CA MET A 10 5.23 0.44 -0.51
C MET A 10 5.07 -1.07 -0.34
N GLN A 11 5.76 -1.62 0.66
CA GLN A 11 5.69 -3.06 0.92
C GLN A 11 5.09 -3.33 2.30
N VAL A 12 4.43 -4.47 2.44
CA VAL A 12 3.80 -4.85 3.70
C VAL A 12 4.81 -5.50 4.64
N LEU A 13 5.02 -4.89 5.80
CA LEU A 13 5.96 -5.40 6.79
C LEU A 13 5.29 -6.40 7.71
N TYR A 14 3.98 -6.24 7.90
CA TYR A 14 3.21 -7.13 8.77
C TYR A 14 1.85 -7.44 8.15
N GLU A 15 1.45 -8.71 8.24
CA GLU A 15 0.16 -9.13 7.70
C GLU A 15 -0.99 -8.53 8.49
N PHE A 16 -1.96 -7.95 7.78
CA PHE A 16 -3.12 -7.35 8.42
C PHE A 16 -4.41 -7.85 7.79
N GLU A 17 -5.34 -8.31 8.62
CA GLU A 17 -6.61 -8.82 8.14
C GLU A 17 -7.67 -7.71 8.13
N ALA A 18 -8.28 -7.50 6.97
CA ALA A 18 -9.31 -6.48 6.82
C ALA A 18 -10.66 -6.99 7.29
N ARG A 19 -11.14 -6.45 8.41
CA ARG A 19 -12.43 -6.86 8.96
C ARG A 19 -13.52 -5.88 8.56
N ASN A 20 -13.23 -5.04 7.58
CA ASN A 20 -14.19 -4.04 7.11
C ASN A 20 -14.35 -4.13 5.59
N PRO A 21 -15.52 -3.69 5.10
CA PRO A 21 -15.82 -3.69 3.66
C PRO A 21 -14.99 -2.68 2.88
N ARG A 22 -14.66 -1.57 3.54
CA ARG A 22 -13.86 -0.52 2.91
C ARG A 22 -12.37 -0.86 2.96
N GLU A 23 -11.96 -1.53 4.04
CA GLU A 23 -10.57 -1.90 4.21
C GLU A 23 -10.17 -3.00 3.22
N LEU A 24 -8.92 -3.43 3.30
CA LEU A 24 -8.41 -4.48 2.41
C LEU A 24 -7.40 -5.36 3.13
N THR A 25 -7.31 -6.62 2.70
CA THR A 25 -6.38 -7.56 3.30
C THR A 25 -5.03 -7.53 2.61
N VAL A 26 -3.96 -7.63 3.40
CA VAL A 26 -2.61 -7.60 2.86
C VAL A 26 -1.68 -8.51 3.67
N VAL A 27 -0.71 -9.11 2.98
CA VAL A 27 0.25 -10.00 3.63
C VAL A 27 1.67 -9.44 3.55
N GLN A 28 2.50 -9.83 4.50
CA GLN A 28 3.89 -9.37 4.52
C GLN A 28 4.60 -9.71 3.22
N GLY A 29 5.57 -8.87 2.84
CA GLY A 29 6.31 -9.09 1.62
C GLY A 29 5.60 -8.53 0.40
N GLU A 30 4.28 -8.64 0.38
CA GLU A 30 3.49 -8.14 -0.74
C GLU A 30 3.66 -6.63 -0.89
N LYS A 31 3.58 -6.16 -2.13
CA LYS A 31 3.73 -4.73 -2.41
C LYS A 31 2.41 -4.15 -2.92
N LEU A 32 2.11 -2.93 -2.48
CA LEU A 32 0.89 -2.25 -2.88
C LEU A 32 1.17 -0.80 -3.29
N GLU A 33 0.17 -0.15 -3.87
CA GLU A 33 0.32 1.24 -4.31
C GLU A 33 -0.50 2.17 -3.41
N VAL A 34 0.19 3.08 -2.73
CA VAL A 34 -0.48 4.02 -1.84
C VAL A 34 -1.20 5.11 -2.63
N LEU A 35 -2.32 5.57 -2.10
CA LEU A 35 -3.11 6.61 -2.77
C LEU A 35 -3.37 7.78 -1.83
N ASP A 36 -4.07 7.50 -0.72
CA ASP A 36 -4.38 8.53 0.26
C ASP A 36 -3.46 8.42 1.46
N HIS A 37 -2.34 9.15 1.40
CA HIS A 37 -1.36 9.14 2.49
C HIS A 37 -1.45 10.43 3.30
N SER A 38 -2.68 10.89 3.55
CA SER A 38 -2.90 12.11 4.32
C SER A 38 -3.37 11.78 5.73
N LYS A 39 -4.41 10.97 5.84
CA LYS A 39 -4.96 10.58 7.13
C LYS A 39 -4.08 9.52 7.79
N ARG A 40 -4.16 9.44 9.11
CA ARG A 40 -3.38 8.46 9.87
C ARG A 40 -3.24 7.15 9.09
N TRP A 41 -4.35 6.69 8.52
CA TRP A 41 -4.35 5.46 7.75
C TRP A 41 -4.06 5.73 6.28
N TRP A 42 -3.30 4.83 5.65
CA TRP A 42 -2.94 4.98 4.24
C TRP A 42 -3.76 4.03 3.37
N LEU A 43 -4.39 4.58 2.34
CA LEU A 43 -5.20 3.79 1.43
C LEU A 43 -4.38 3.29 0.26
N VAL A 44 -4.31 1.97 0.10
CA VAL A 44 -3.56 1.36 -0.99
C VAL A 44 -4.47 0.56 -1.92
N LYS A 45 -3.91 0.10 -3.04
CA LYS A 45 -4.67 -0.68 -4.00
C LYS A 45 -3.88 -1.90 -4.46
N ASN A 46 -4.59 -2.88 -4.99
CA ASN A 46 -3.96 -4.11 -5.46
C ASN A 46 -4.09 -4.25 -6.98
N GLU A 47 -3.53 -5.31 -7.53
CA GLU A 47 -3.59 -5.55 -8.97
C GLU A 47 -5.03 -5.75 -9.43
N ALA A 48 -5.86 -6.34 -8.56
CA ALA A 48 -7.26 -6.57 -8.88
C ALA A 48 -8.02 -5.26 -9.01
N GLY A 49 -7.60 -4.26 -8.24
CA GLY A 49 -8.26 -2.96 -8.28
C GLY A 49 -8.85 -2.57 -6.95
N ARG A 50 -9.03 -3.55 -6.06
CA ARG A 50 -9.60 -3.29 -4.75
C ARG A 50 -8.61 -2.53 -3.87
N SER A 51 -9.05 -1.41 -3.32
CA SER A 51 -8.21 -0.58 -2.46
C SER A 51 -8.79 -0.49 -1.05
N GLY A 52 -7.94 -0.66 -0.05
CA GLY A 52 -8.39 -0.59 1.32
C GLY A 52 -7.47 0.24 2.19
N TYR A 53 -7.97 0.68 3.34
CA TYR A 53 -7.19 1.50 4.25
C TYR A 53 -6.36 0.62 5.20
N ILE A 54 -5.04 0.70 5.07
CA ILE A 54 -4.14 -0.08 5.90
C ILE A 54 -3.29 0.82 6.80
N PRO A 55 -2.89 0.29 7.97
CA PRO A 55 -2.06 1.03 8.92
C PRO A 55 -0.64 1.24 8.42
N SER A 56 -0.27 2.50 8.22
CA SER A 56 1.07 2.83 7.74
C SER A 56 2.13 2.06 8.50
N ASN A 57 1.78 1.60 9.69
CA ASN A 57 2.70 0.83 10.52
C ASN A 57 3.25 -0.38 9.77
N ILE A 58 2.37 -1.03 8.99
CA ILE A 58 2.75 -2.19 8.22
C ILE A 58 3.18 -1.79 6.80
N LEU A 59 3.67 -0.57 6.66
CA LEU A 59 4.12 -0.07 5.36
C LEU A 59 5.55 0.43 5.43
N GLU A 60 6.39 -0.06 4.53
CA GLU A 60 7.80 0.34 4.49
C GLU A 60 8.15 0.93 3.14
N PRO A 61 9.21 1.76 3.12
CA PRO A 61 9.68 2.40 1.89
C PRO A 61 10.32 1.41 0.91
N LEU A 62 9.49 0.77 0.11
CA LEU A 62 9.97 -0.20 -0.87
C LEU A 62 10.78 0.48 -1.96
N SER A 63 10.21 1.51 -2.57
CA SER A 63 10.87 2.24 -3.64
C SER A 63 11.73 3.37 -3.06
N GLY A 64 13.01 3.37 -3.43
CA GLY A 64 13.92 4.39 -2.94
C GLY A 64 14.66 5.09 -4.06
N PRO A 65 15.18 6.30 -3.78
CA PRO A 65 15.92 7.10 -4.76
C PRO A 65 17.28 6.49 -5.09
N SER A 66 17.58 6.40 -6.39
CA SER A 66 18.84 5.83 -6.83
C SER A 66 19.81 6.93 -7.27
N SER A 67 20.64 7.39 -6.35
CA SER A 67 21.61 8.44 -6.63
C SER A 67 22.24 8.23 -8.01
N GLY A 68 21.99 9.18 -8.91
CA GLY A 68 22.54 9.08 -10.25
C GLY A 68 24.06 8.95 -10.25
N GLY A 1 10.96 2.88 -23.79
CA GLY A 1 11.66 3.69 -22.81
C GLY A 1 10.78 4.03 -21.62
N SER A 2 10.85 3.22 -20.57
CA SER A 2 10.04 3.45 -19.37
C SER A 2 10.93 3.87 -18.20
N SER A 3 10.94 5.16 -17.91
CA SER A 3 11.75 5.69 -16.81
C SER A 3 10.97 6.74 -16.03
N GLY A 4 10.83 6.50 -14.72
CA GLY A 4 10.10 7.42 -13.86
C GLY A 4 9.21 6.71 -12.88
N SER A 5 8.08 7.33 -12.56
CA SER A 5 7.13 6.75 -11.61
C SER A 5 5.78 7.46 -11.69
N SER A 6 4.72 6.72 -11.40
CA SER A 6 3.37 7.27 -11.44
C SER A 6 3.01 7.94 -10.11
N GLY A 7 3.02 7.15 -9.04
CA GLY A 7 2.70 7.67 -7.73
C GLY A 7 3.65 7.18 -6.65
N LEU A 8 3.08 6.63 -5.58
CA LEU A 8 3.89 6.10 -4.48
C LEU A 8 3.61 4.62 -4.25
N LYS A 9 4.64 3.89 -3.86
CA LYS A 9 4.51 2.46 -3.61
C LYS A 9 5.20 2.07 -2.31
N MET A 10 4.67 1.05 -1.63
CA MET A 10 5.23 0.59 -0.38
C MET A 10 5.03 -0.92 -0.21
N GLN A 11 5.80 -1.52 0.69
CA GLN A 11 5.69 -2.95 0.94
C GLN A 11 5.11 -3.22 2.32
N VAL A 12 4.25 -4.24 2.40
CA VAL A 12 3.61 -4.60 3.66
C VAL A 12 4.61 -5.26 4.61
N LEU A 13 4.89 -4.58 5.71
CA LEU A 13 5.83 -5.08 6.71
C LEU A 13 5.24 -6.31 7.42
N TYR A 14 4.10 -6.13 8.07
CA TYR A 14 3.44 -7.21 8.78
C TYR A 14 2.03 -7.43 8.26
N GLU A 15 1.62 -8.69 8.19
CA GLU A 15 0.28 -9.04 7.72
C GLU A 15 -0.79 -8.40 8.59
N PHE A 16 -1.88 -7.96 7.96
CA PHE A 16 -2.97 -7.33 8.68
C PHE A 16 -4.32 -7.88 8.21
N GLU A 17 -5.19 -8.17 9.16
CA GLU A 17 -6.51 -8.71 8.85
C GLU A 17 -7.58 -7.61 8.91
N ALA A 18 -7.94 -7.08 7.75
CA ALA A 18 -8.95 -6.04 7.67
C ALA A 18 -10.15 -6.36 8.55
N ARG A 19 -10.47 -5.46 9.46
CA ARG A 19 -11.60 -5.65 10.37
C ARG A 19 -12.85 -4.96 9.83
N ASN A 20 -12.67 -3.78 9.26
CA ASN A 20 -13.79 -3.03 8.69
C ASN A 20 -14.11 -3.50 7.28
N PRO A 21 -15.38 -3.32 6.87
CA PRO A 21 -15.84 -3.72 5.53
C PRO A 21 -15.26 -2.84 4.43
N ARG A 22 -14.65 -1.73 4.83
CA ARG A 22 -14.05 -0.80 3.88
C ARG A 22 -12.54 -1.01 3.79
N GLU A 23 -12.01 -1.85 4.66
CA GLU A 23 -10.59 -2.14 4.69
C GLU A 23 -10.23 -3.23 3.69
N LEU A 24 -8.95 -3.54 3.60
CA LEU A 24 -8.48 -4.57 2.67
C LEU A 24 -7.41 -5.45 3.34
N THR A 25 -7.66 -6.76 3.34
CA THR A 25 -6.73 -7.71 3.94
C THR A 25 -5.42 -7.77 3.17
N VAL A 26 -4.31 -7.58 3.87
CA VAL A 26 -3.00 -7.61 3.24
C VAL A 26 -2.05 -8.54 4.00
N VAL A 27 -0.95 -8.91 3.35
CA VAL A 27 0.04 -9.79 3.96
C VAL A 27 1.44 -9.22 3.83
N GLN A 28 2.34 -9.66 4.71
CA GLN A 28 3.72 -9.20 4.69
C GLN A 28 4.41 -9.58 3.39
N GLY A 29 5.26 -8.70 2.89
CA GLY A 29 5.98 -8.95 1.66
C GLY A 29 5.21 -8.48 0.44
N GLU A 30 3.89 -8.66 0.46
CA GLU A 30 3.05 -8.25 -0.65
C GLU A 30 3.33 -6.79 -1.04
N LYS A 31 3.17 -6.49 -2.33
CA LYS A 31 3.40 -5.14 -2.83
C LYS A 31 2.08 -4.44 -3.13
N LEU A 32 2.01 -3.16 -2.77
CA LEU A 32 0.80 -2.36 -3.00
C LEU A 32 1.16 -0.94 -3.41
N GLU A 33 0.21 -0.26 -4.05
CA GLU A 33 0.42 1.11 -4.49
C GLU A 33 -0.39 2.09 -3.64
N VAL A 34 0.31 2.93 -2.88
CA VAL A 34 -0.33 3.91 -2.02
C VAL A 34 -1.09 4.95 -2.85
N LEU A 35 -2.17 5.46 -2.28
CA LEU A 35 -2.99 6.47 -2.97
C LEU A 35 -3.20 7.68 -2.08
N ASP A 36 -3.52 7.44 -0.82
CA ASP A 36 -3.76 8.52 0.14
C ASP A 36 -2.95 8.31 1.41
N HIS A 37 -1.77 8.93 1.46
CA HIS A 37 -0.90 8.81 2.62
C HIS A 37 -0.91 10.09 3.45
N SER A 38 -2.10 10.66 3.63
CA SER A 38 -2.26 11.89 4.40
C SER A 38 -2.84 11.59 5.77
N LYS A 39 -4.09 11.13 5.80
CA LYS A 39 -4.76 10.80 7.05
C LYS A 39 -4.05 9.68 7.79
N ARG A 40 -4.35 9.53 9.07
CA ARG A 40 -3.73 8.49 9.88
C ARG A 40 -3.49 7.23 9.07
N TRP A 41 -4.59 6.59 8.66
CA TRP A 41 -4.50 5.36 7.87
C TRP A 41 -4.19 5.67 6.42
N TRP A 42 -3.45 4.78 5.77
CA TRP A 42 -3.07 4.96 4.37
C TRP A 42 -3.94 4.10 3.47
N LEU A 43 -4.24 4.60 2.28
CA LEU A 43 -5.06 3.88 1.31
C LEU A 43 -4.20 3.28 0.21
N VAL A 44 -4.28 1.96 0.04
CA VAL A 44 -3.51 1.27 -0.98
C VAL A 44 -4.40 0.37 -1.82
N LYS A 45 -3.87 -0.09 -2.96
CA LYS A 45 -4.62 -0.96 -3.85
C LYS A 45 -3.82 -2.21 -4.19
N ASN A 46 -4.52 -3.29 -4.50
CA ASN A 46 -3.88 -4.55 -4.86
C ASN A 46 -4.02 -4.85 -6.35
N GLU A 47 -3.36 -5.90 -6.80
CA GLU A 47 -3.41 -6.28 -8.21
C GLU A 47 -4.86 -6.48 -8.66
N ALA A 48 -5.61 -7.28 -7.91
CA ALA A 48 -7.01 -7.54 -8.22
C ALA A 48 -7.72 -6.26 -8.62
N GLY A 49 -7.40 -5.16 -7.95
CA GLY A 49 -8.03 -3.89 -8.26
C GLY A 49 -8.90 -3.39 -7.11
N ARG A 50 -8.56 -3.80 -5.89
CA ARG A 50 -9.32 -3.38 -4.72
C ARG A 50 -8.49 -2.47 -3.82
N SER A 51 -9.07 -1.34 -3.44
CA SER A 51 -8.37 -0.39 -2.59
C SER A 51 -8.96 -0.38 -1.18
N GLY A 52 -8.09 -0.46 -0.18
CA GLY A 52 -8.53 -0.47 1.20
C GLY A 52 -7.73 0.46 2.08
N TYR A 53 -7.89 0.33 3.39
CA TYR A 53 -7.18 1.17 4.34
C TYR A 53 -6.33 0.33 5.29
N ILE A 54 -5.03 0.56 5.27
CA ILE A 54 -4.11 -0.18 6.13
C ILE A 54 -3.25 0.77 6.97
N PRO A 55 -2.84 0.30 8.15
CA PRO A 55 -2.00 1.09 9.07
C PRO A 55 -0.59 1.28 8.55
N SER A 56 -0.21 2.54 8.33
CA SER A 56 1.11 2.87 7.82
C SER A 56 2.19 2.09 8.57
N ASN A 57 1.85 1.64 9.77
CA ASN A 57 2.78 0.87 10.60
C ASN A 57 3.31 -0.35 9.84
N ILE A 58 2.41 -1.02 9.13
CA ILE A 58 2.78 -2.20 8.36
C ILE A 58 3.17 -1.83 6.94
N LEU A 59 3.75 -0.64 6.78
CA LEU A 59 4.18 -0.17 5.46
C LEU A 59 5.60 0.39 5.52
N GLU A 60 6.33 0.25 4.43
CA GLU A 60 7.70 0.75 4.35
C GLU A 60 8.10 1.00 2.90
N PRO A 61 9.05 1.93 2.71
CA PRO A 61 9.55 2.30 1.38
C PRO A 61 10.38 1.18 0.74
N LEU A 62 9.72 0.36 -0.08
CA LEU A 62 10.40 -0.75 -0.75
C LEU A 62 11.44 -0.24 -1.73
N SER A 63 12.68 -0.69 -1.57
CA SER A 63 13.76 -0.28 -2.44
C SER A 63 15.02 -1.09 -2.15
N GLY A 64 15.81 -1.34 -3.20
CA GLY A 64 17.04 -2.09 -3.04
C GLY A 64 16.84 -3.57 -3.28
N PRO A 65 17.86 -4.22 -3.88
CA PRO A 65 17.82 -5.65 -4.18
C PRO A 65 17.87 -6.52 -2.92
N SER A 66 18.09 -5.87 -1.78
CA SER A 66 18.17 -6.59 -0.51
C SER A 66 17.18 -7.75 -0.49
N SER A 67 15.95 -7.49 -0.88
CA SER A 67 14.91 -8.52 -0.90
C SER A 67 15.00 -9.36 -2.18
N GLY A 68 15.74 -10.46 -2.10
CA GLY A 68 15.89 -11.31 -3.27
C GLY A 68 16.67 -12.58 -2.94
N GLY A 1 10.43 -1.82 -20.00
CA GLY A 1 9.21 -1.59 -19.25
C GLY A 1 8.38 -0.45 -19.84
N SER A 2 8.63 0.76 -19.36
CA SER A 2 7.89 1.93 -19.83
C SER A 2 6.39 1.70 -19.75
N SER A 3 5.95 1.08 -18.66
CA SER A 3 4.53 0.80 -18.47
C SER A 3 4.09 1.19 -17.06
N GLY A 4 3.01 1.97 -16.99
CA GLY A 4 2.50 2.41 -15.71
C GLY A 4 2.79 3.87 -15.44
N SER A 5 2.35 4.35 -14.27
CA SER A 5 2.56 5.75 -13.90
C SER A 5 3.28 5.85 -12.56
N SER A 6 4.36 6.63 -12.53
CA SER A 6 5.13 6.81 -11.30
C SER A 6 4.26 7.37 -10.19
N GLY A 7 4.53 6.92 -8.96
CA GLY A 7 3.77 7.37 -7.81
C GLY A 7 4.38 6.95 -6.49
N LEU A 8 3.53 6.62 -5.53
CA LEU A 8 4.00 6.20 -4.21
C LEU A 8 3.68 4.73 -3.96
N LYS A 9 4.72 3.92 -3.84
CA LYS A 9 4.56 2.49 -3.60
C LYS A 9 5.25 2.08 -2.30
N MET A 10 4.74 1.02 -1.68
CA MET A 10 5.32 0.52 -0.44
C MET A 10 5.05 -0.97 -0.28
N GLN A 11 5.90 -1.65 0.49
CA GLN A 11 5.77 -3.07 0.71
C GLN A 11 5.19 -3.35 2.10
N VAL A 12 4.61 -4.53 2.27
CA VAL A 12 4.03 -4.92 3.55
C VAL A 12 5.02 -5.69 4.40
N LEU A 13 5.17 -5.29 5.65
CA LEU A 13 6.10 -5.95 6.57
C LEU A 13 5.35 -6.92 7.48
N TYR A 14 4.18 -6.51 7.93
CA TYR A 14 3.37 -7.35 8.82
C TYR A 14 1.98 -7.58 8.23
N GLU A 15 1.53 -8.83 8.27
CA GLU A 15 0.22 -9.19 7.73
C GLU A 15 -0.90 -8.59 8.59
N PHE A 16 -1.90 -8.03 7.94
CA PHE A 16 -3.03 -7.42 8.65
C PHE A 16 -4.35 -8.05 8.20
N GLU A 17 -5.34 -8.01 9.09
CA GLU A 17 -6.65 -8.57 8.78
C GLU A 17 -7.73 -7.49 8.81
N ALA A 18 -8.13 -7.01 7.64
CA ALA A 18 -9.15 -5.98 7.54
C ALA A 18 -10.38 -6.34 8.36
N ARG A 19 -10.87 -5.39 9.14
CA ARG A 19 -12.05 -5.61 9.98
C ARG A 19 -13.28 -4.92 9.38
N ASN A 20 -13.08 -3.73 8.83
CA ASN A 20 -14.18 -2.98 8.23
C ASN A 20 -14.34 -3.35 6.76
N PRO A 21 -15.57 -3.19 6.24
CA PRO A 21 -15.89 -3.50 4.85
C PRO A 21 -15.25 -2.51 3.87
N ARG A 22 -14.50 -1.56 4.42
CA ARG A 22 -13.83 -0.56 3.59
C ARG A 22 -12.32 -0.78 3.58
N GLU A 23 -11.86 -1.79 4.31
CA GLU A 23 -10.45 -2.11 4.39
C GLU A 23 -10.09 -3.24 3.43
N LEU A 24 -8.80 -3.58 3.39
CA LEU A 24 -8.32 -4.65 2.50
C LEU A 24 -7.23 -5.46 3.18
N THR A 25 -7.42 -6.78 3.24
CA THR A 25 -6.45 -7.67 3.85
C THR A 25 -5.17 -7.73 3.04
N VAL A 26 -4.02 -7.71 3.72
CA VAL A 26 -2.74 -7.77 3.06
C VAL A 26 -1.77 -8.66 3.83
N VAL A 27 -0.80 -9.23 3.10
CA VAL A 27 0.19 -10.11 3.71
C VAL A 27 1.59 -9.52 3.61
N GLN A 28 2.54 -10.09 4.34
CA GLN A 28 3.92 -9.63 4.32
C GLN A 28 4.57 -9.91 2.97
N GLY A 29 5.49 -9.04 2.57
CA GLY A 29 6.17 -9.20 1.29
C GLY A 29 5.36 -8.68 0.13
N GLU A 30 4.04 -8.81 0.22
CA GLU A 30 3.15 -8.35 -0.85
C GLU A 30 3.38 -6.87 -1.14
N LYS A 31 3.30 -6.51 -2.41
CA LYS A 31 3.50 -5.13 -2.82
C LYS A 31 2.17 -4.44 -3.08
N LEU A 32 2.12 -3.13 -2.85
CA LEU A 32 0.90 -2.35 -3.06
C LEU A 32 1.23 -0.92 -3.46
N GLU A 33 0.24 -0.22 -3.99
CA GLU A 33 0.42 1.16 -4.41
C GLU A 33 -0.35 2.12 -3.51
N VAL A 34 0.37 3.06 -2.91
CA VAL A 34 -0.25 4.04 -2.01
C VAL A 34 -1.04 5.08 -2.80
N LEU A 35 -2.20 5.46 -2.27
CA LEU A 35 -3.05 6.44 -2.92
C LEU A 35 -3.19 7.69 -2.05
N ASP A 36 -3.48 7.49 -0.77
CA ASP A 36 -3.65 8.60 0.16
C ASP A 36 -2.81 8.38 1.41
N HIS A 37 -1.62 8.96 1.44
CA HIS A 37 -0.72 8.83 2.58
C HIS A 37 -0.83 10.05 3.50
N SER A 38 -2.04 10.59 3.61
CA SER A 38 -2.27 11.76 4.46
C SER A 38 -2.88 11.35 5.79
N LYS A 39 -4.14 10.96 5.76
CA LYS A 39 -4.84 10.53 6.98
C LYS A 39 -4.03 9.49 7.73
N ARG A 40 -4.29 9.37 9.03
CA ARG A 40 -3.60 8.40 9.87
C ARG A 40 -3.40 7.08 9.13
N TRP A 41 -4.44 6.64 8.44
CA TRP A 41 -4.39 5.39 7.70
C TRP A 41 -4.12 5.65 6.22
N TRP A 42 -3.22 4.86 5.65
CA TRP A 42 -2.86 5.00 4.24
C TRP A 42 -3.72 4.09 3.37
N LEU A 43 -4.25 4.66 2.29
CA LEU A 43 -5.09 3.89 1.36
C LEU A 43 -4.25 3.27 0.26
N VAL A 44 -4.38 1.95 0.10
CA VAL A 44 -3.64 1.23 -0.92
C VAL A 44 -4.58 0.38 -1.78
N LYS A 45 -4.05 -0.12 -2.89
CA LYS A 45 -4.84 -0.95 -3.80
C LYS A 45 -4.01 -2.12 -4.32
N ASN A 46 -4.63 -3.30 -4.38
CA ASN A 46 -3.95 -4.50 -4.85
C ASN A 46 -4.10 -4.64 -6.37
N GLU A 47 -3.57 -5.73 -6.91
CA GLU A 47 -3.64 -5.99 -8.35
C GLU A 47 -5.08 -6.24 -8.78
N ALA A 48 -5.81 -6.98 -7.96
CA ALA A 48 -7.21 -7.30 -8.25
C ALA A 48 -8.00 -6.04 -8.61
N GLY A 49 -7.71 -4.95 -7.90
CA GLY A 49 -8.40 -3.70 -8.15
C GLY A 49 -9.20 -3.23 -6.96
N ARG A 50 -8.93 -3.80 -5.79
CA ARG A 50 -9.64 -3.45 -4.58
C ARG A 50 -8.76 -2.59 -3.67
N SER A 51 -9.32 -1.46 -3.20
CA SER A 51 -8.58 -0.56 -2.33
C SER A 51 -9.13 -0.61 -0.90
N GLY A 52 -8.22 -0.68 0.07
CA GLY A 52 -8.62 -0.74 1.46
C GLY A 52 -7.70 0.04 2.37
N TYR A 53 -8.25 0.59 3.44
CA TYR A 53 -7.46 1.37 4.40
C TYR A 53 -6.60 0.45 5.26
N ILE A 54 -5.30 0.76 5.31
CA ILE A 54 -4.37 -0.03 6.10
C ILE A 54 -3.46 0.86 6.95
N PRO A 55 -3.03 0.33 8.10
CA PRO A 55 -2.15 1.07 9.02
C PRO A 55 -0.75 1.26 8.46
N SER A 56 -0.38 2.50 8.19
CA SER A 56 0.94 2.82 7.65
C SER A 56 2.03 2.06 8.40
N ASN A 57 1.73 1.68 9.63
CA ASN A 57 2.69 0.96 10.46
C ASN A 57 3.22 -0.28 9.73
N ILE A 58 2.33 -0.93 8.99
CA ILE A 58 2.70 -2.13 8.23
C ILE A 58 3.18 -1.77 6.84
N LEU A 59 3.69 -0.54 6.69
CA LEU A 59 4.19 -0.08 5.40
C LEU A 59 5.56 0.56 5.55
N GLU A 60 6.49 0.22 4.66
CA GLU A 60 7.83 0.77 4.70
C GLU A 60 8.33 1.10 3.29
N PRO A 61 9.36 1.95 3.21
CA PRO A 61 9.94 2.36 1.93
C PRO A 61 10.70 1.23 1.25
N LEU A 62 10.24 0.85 0.06
CA LEU A 62 10.87 -0.22 -0.70
C LEU A 62 12.28 0.18 -1.13
N SER A 63 12.92 -0.69 -1.91
CA SER A 63 14.27 -0.43 -2.39
C SER A 63 14.28 0.71 -3.40
N GLY A 64 15.37 1.49 -3.41
CA GLY A 64 15.48 2.60 -4.32
C GLY A 64 15.51 2.16 -5.78
N PRO A 65 14.93 2.98 -6.67
CA PRO A 65 14.88 2.69 -8.09
C PRO A 65 16.26 2.77 -8.76
N SER A 66 16.64 1.70 -9.44
CA SER A 66 17.94 1.66 -10.12
C SER A 66 18.03 0.42 -11.02
N SER A 67 18.02 0.66 -12.33
CA SER A 67 18.10 -0.42 -13.29
C SER A 67 19.07 -1.50 -12.82
N GLY A 68 18.74 -2.76 -13.14
CA GLY A 68 19.59 -3.87 -12.73
C GLY A 68 20.87 -3.95 -13.55
N GLY A 1 -3.99 9.64 -21.78
CA GLY A 1 -2.76 8.89 -21.60
C GLY A 1 -2.31 8.84 -20.15
N SER A 2 -1.30 9.65 -19.82
CA SER A 2 -0.78 9.70 -18.46
C SER A 2 -0.65 8.30 -17.88
N SER A 3 -0.37 7.33 -18.74
CA SER A 3 -0.22 5.94 -18.32
C SER A 3 1.25 5.53 -18.32
N GLY A 4 1.57 4.52 -17.51
CA GLY A 4 2.94 4.05 -17.44
C GLY A 4 3.32 3.59 -16.04
N SER A 5 4.55 3.89 -15.64
CA SER A 5 5.04 3.50 -14.31
C SER A 5 5.27 4.73 -13.44
N SER A 6 4.26 5.10 -12.67
CA SER A 6 4.36 6.26 -11.78
C SER A 6 3.58 6.03 -10.50
N GLY A 7 3.63 7.00 -9.60
CA GLY A 7 2.93 6.89 -8.33
C GLY A 7 3.80 6.35 -7.22
N LEU A 8 3.30 6.38 -6.00
CA LEU A 8 4.05 5.88 -4.84
C LEU A 8 3.64 4.45 -4.52
N LYS A 9 4.61 3.67 -4.04
CA LYS A 9 4.36 2.28 -3.68
C LYS A 9 5.08 1.92 -2.38
N MET A 10 4.57 0.89 -1.70
CA MET A 10 5.17 0.44 -0.44
C MET A 10 5.01 -1.07 -0.27
N GLN A 11 5.94 -1.68 0.46
CA GLN A 11 5.89 -3.12 0.69
C GLN A 11 5.50 -3.42 2.14
N VAL A 12 4.53 -4.30 2.31
CA VAL A 12 4.06 -4.67 3.64
C VAL A 12 5.21 -5.26 4.47
N LEU A 13 5.10 -5.12 5.79
CA LEU A 13 6.11 -5.64 6.70
C LEU A 13 5.51 -6.66 7.66
N TYR A 14 4.30 -6.39 8.12
CA TYR A 14 3.62 -7.28 9.06
C TYR A 14 2.22 -7.63 8.55
N GLU A 15 1.97 -8.91 8.35
CA GLU A 15 0.67 -9.38 7.87
C GLU A 15 -0.47 -8.72 8.66
N PHE A 16 -1.54 -8.38 7.97
CA PHE A 16 -2.70 -7.75 8.61
C PHE A 16 -4.00 -8.40 8.14
N GLU A 17 -5.01 -8.36 9.00
CA GLU A 17 -6.31 -8.95 8.69
C GLU A 17 -7.41 -7.90 8.77
N ALA A 18 -7.76 -7.32 7.63
CA ALA A 18 -8.82 -6.31 7.57
C ALA A 18 -10.12 -6.84 8.16
N ARG A 19 -10.78 -6.00 8.95
CA ARG A 19 -12.04 -6.38 9.57
C ARG A 19 -13.18 -5.48 9.10
N ASN A 20 -12.83 -4.46 8.33
CA ASN A 20 -13.83 -3.51 7.81
C ASN A 20 -14.08 -3.76 6.33
N PRO A 21 -15.30 -3.39 5.88
CA PRO A 21 -15.69 -3.56 4.48
C PRO A 21 -14.94 -2.62 3.55
N ARG A 22 -14.41 -1.54 4.11
CA ARG A 22 -13.67 -0.56 3.31
C ARG A 22 -12.16 -0.83 3.39
N GLU A 23 -11.77 -1.75 4.27
CA GLU A 23 -10.37 -2.09 4.43
C GLU A 23 -9.98 -3.23 3.49
N LEU A 24 -8.67 -3.42 3.32
CA LEU A 24 -8.17 -4.47 2.43
C LEU A 24 -7.14 -5.34 3.16
N THR A 25 -7.22 -6.65 2.96
CA THR A 25 -6.29 -7.58 3.59
C THR A 25 -4.95 -7.61 2.86
N VAL A 26 -3.87 -7.79 3.61
CA VAL A 26 -2.54 -7.84 3.03
C VAL A 26 -1.63 -8.76 3.83
N VAL A 27 -0.44 -9.02 3.30
CA VAL A 27 0.54 -9.88 3.96
C VAL A 27 1.95 -9.34 3.81
N GLN A 28 2.82 -9.74 4.73
CA GLN A 28 4.22 -9.28 4.70
C GLN A 28 4.88 -9.64 3.38
N GLY A 29 5.80 -8.80 2.93
CA GLY A 29 6.49 -9.04 1.69
C GLY A 29 5.73 -8.52 0.49
N GLU A 30 4.41 -8.64 0.53
CA GLU A 30 3.56 -8.17 -0.56
C GLU A 30 3.71 -6.67 -0.77
N LYS A 31 3.59 -6.23 -2.00
CA LYS A 31 3.70 -4.81 -2.33
C LYS A 31 2.36 -4.23 -2.76
N LEU A 32 2.18 -2.94 -2.53
CA LEU A 32 0.94 -2.27 -2.89
C LEU A 32 1.19 -0.79 -3.23
N GLU A 33 0.27 -0.20 -3.98
CA GLU A 33 0.39 1.20 -4.38
C GLU A 33 -0.38 2.10 -3.43
N VAL A 34 0.30 3.13 -2.91
CA VAL A 34 -0.33 4.07 -2.00
C VAL A 34 -1.11 5.14 -2.74
N LEU A 35 -2.24 5.55 -2.17
CA LEU A 35 -3.08 6.56 -2.79
C LEU A 35 -3.27 7.75 -1.85
N ASP A 36 -3.77 7.48 -0.66
CA ASP A 36 -4.00 8.52 0.33
C ASP A 36 -3.12 8.33 1.56
N HIS A 37 -1.92 8.90 1.52
CA HIS A 37 -0.97 8.77 2.62
C HIS A 37 -0.90 10.07 3.42
N SER A 38 -2.06 10.66 3.68
CA SER A 38 -2.13 11.91 4.43
C SER A 38 -2.70 11.68 5.83
N LYS A 39 -3.92 11.14 5.88
CA LYS A 39 -4.57 10.87 7.15
C LYS A 39 -3.86 9.75 7.90
N ARG A 40 -4.24 9.55 9.16
CA ARG A 40 -3.63 8.52 9.98
C ARG A 40 -3.42 7.24 9.18
N TRP A 41 -4.51 6.64 8.73
CA TRP A 41 -4.43 5.41 7.96
C TRP A 41 -4.13 5.70 6.49
N TRP A 42 -3.40 4.80 5.85
CA TRP A 42 -3.05 4.96 4.44
C TRP A 42 -3.89 4.05 3.56
N LEU A 43 -4.31 4.58 2.40
CA LEU A 43 -5.12 3.82 1.46
C LEU A 43 -4.26 3.26 0.34
N VAL A 44 -4.33 1.94 0.13
CA VAL A 44 -3.57 1.29 -0.92
C VAL A 44 -4.46 0.42 -1.79
N LYS A 45 -3.92 -0.03 -2.92
CA LYS A 45 -4.67 -0.87 -3.85
C LYS A 45 -3.81 -2.05 -4.33
N ASN A 46 -4.48 -3.09 -4.81
CA ASN A 46 -3.78 -4.27 -5.31
C ASN A 46 -3.99 -4.43 -6.81
N GLU A 47 -3.45 -5.51 -7.36
CA GLU A 47 -3.58 -5.78 -8.79
C GLU A 47 -5.03 -6.04 -9.17
N ALA A 48 -5.76 -6.70 -8.28
CA ALA A 48 -7.17 -7.00 -8.52
C ALA A 48 -7.97 -5.73 -8.77
N GLY A 49 -7.67 -4.68 -8.03
CA GLY A 49 -8.36 -3.42 -8.18
C GLY A 49 -9.00 -2.95 -6.89
N ARG A 50 -9.02 -3.82 -5.89
CA ARG A 50 -9.60 -3.48 -4.59
C ARG A 50 -8.65 -2.61 -3.78
N SER A 51 -9.18 -1.50 -3.25
CA SER A 51 -8.38 -0.58 -2.45
C SER A 51 -8.96 -0.44 -1.05
N GLY A 52 -8.11 -0.66 -0.04
CA GLY A 52 -8.56 -0.55 1.34
C GLY A 52 -7.63 0.32 2.17
N TYR A 53 -8.11 0.70 3.35
CA TYR A 53 -7.32 1.54 4.25
C TYR A 53 -6.50 0.69 5.22
N ILE A 54 -5.18 0.72 5.05
CA ILE A 54 -4.29 -0.05 5.90
C ILE A 54 -3.41 0.87 6.74
N PRO A 55 -3.02 0.39 7.94
CA PRO A 55 -2.17 1.15 8.85
C PRO A 55 -0.75 1.32 8.33
N SER A 56 -0.31 2.55 8.19
CA SER A 56 1.03 2.85 7.69
C SER A 56 2.08 2.06 8.47
N ASN A 57 1.69 1.57 9.65
CA ASN A 57 2.59 0.80 10.49
C ASN A 57 3.10 -0.44 9.76
N ILE A 58 2.26 -1.00 8.90
CA ILE A 58 2.63 -2.19 8.13
C ILE A 58 3.09 -1.80 6.73
N LEU A 59 3.69 -0.63 6.60
CA LEU A 59 4.18 -0.15 5.32
C LEU A 59 5.62 0.35 5.43
N GLU A 60 6.49 -0.16 4.57
CA GLU A 60 7.89 0.24 4.57
C GLU A 60 8.26 0.96 3.28
N PRO A 61 9.32 1.76 3.33
CA PRO A 61 9.81 2.52 2.17
C PRO A 61 10.41 1.62 1.09
N LEU A 62 9.56 1.06 0.24
CA LEU A 62 10.02 0.18 -0.83
C LEU A 62 11.03 0.89 -1.72
N SER A 63 12.26 0.39 -1.71
CA SER A 63 13.32 0.98 -2.52
C SER A 63 13.80 -0.01 -3.59
N GLY A 64 14.31 0.52 -4.69
CA GLY A 64 14.80 -0.32 -5.76
C GLY A 64 14.93 0.42 -7.07
N PRO A 65 15.93 0.04 -7.88
CA PRO A 65 16.18 0.68 -9.18
C PRO A 65 15.09 0.34 -10.21
N SER A 66 14.32 1.34 -10.61
CA SER A 66 13.25 1.15 -11.58
C SER A 66 13.67 1.64 -12.95
N SER A 67 13.14 1.02 -13.99
CA SER A 67 13.45 1.38 -15.36
C SER A 67 13.33 2.90 -15.56
N GLY A 68 14.45 3.60 -15.51
CA GLY A 68 14.44 5.04 -15.68
C GLY A 68 13.28 5.70 -14.94
N GLY A 1 -2.08 16.85 -22.59
CA GLY A 1 -1.07 16.32 -21.71
C GLY A 1 -0.68 14.90 -22.05
N SER A 2 -0.01 14.23 -21.12
CA SER A 2 0.43 12.85 -21.33
C SER A 2 -0.13 11.93 -20.24
N SER A 3 0.09 10.64 -20.41
CA SER A 3 -0.40 9.65 -19.46
C SER A 3 0.64 9.39 -18.38
N GLY A 4 0.37 9.86 -17.16
CA GLY A 4 1.29 9.67 -16.06
C GLY A 4 0.67 8.89 -14.92
N SER A 5 -0.05 7.82 -15.26
CA SER A 5 -0.69 6.99 -14.26
C SER A 5 0.34 6.32 -13.35
N SER A 6 0.59 6.94 -12.20
CA SER A 6 1.56 6.41 -11.25
C SER A 6 1.37 7.05 -9.87
N GLY A 7 1.92 6.40 -8.86
CA GLY A 7 1.81 6.92 -7.50
C GLY A 7 2.92 6.44 -6.60
N LEU A 8 2.66 6.41 -5.29
CA LEU A 8 3.66 5.98 -4.32
C LEU A 8 3.58 4.47 -4.11
N LYS A 9 4.74 3.82 -4.11
CA LYS A 9 4.81 2.38 -3.92
C LYS A 9 5.34 2.04 -2.53
N MET A 10 4.72 1.05 -1.89
CA MET A 10 5.12 0.63 -0.55
C MET A 10 4.82 -0.85 -0.33
N GLN A 11 5.65 -1.51 0.45
CA GLN A 11 5.47 -2.93 0.73
C GLN A 11 4.89 -3.13 2.14
N VAL A 12 4.25 -4.28 2.34
CA VAL A 12 3.65 -4.59 3.64
C VAL A 12 4.70 -5.11 4.62
N LEU A 13 5.07 -4.26 5.57
CA LEU A 13 6.06 -4.62 6.58
C LEU A 13 5.60 -5.83 7.38
N TYR A 14 4.34 -5.80 7.81
CA TYR A 14 3.77 -6.90 8.59
C TYR A 14 2.38 -7.28 8.07
N GLU A 15 2.03 -8.54 8.27
CA GLU A 15 0.72 -9.03 7.82
C GLU A 15 -0.40 -8.39 8.63
N PHE A 16 -1.48 -8.02 7.94
CA PHE A 16 -2.63 -7.40 8.58
C PHE A 16 -3.93 -8.06 8.14
N GLU A 17 -4.84 -8.26 9.08
CA GLU A 17 -6.13 -8.88 8.78
C GLU A 17 -7.26 -7.85 8.87
N ALA A 18 -7.60 -7.27 7.72
CA ALA A 18 -8.67 -6.27 7.66
C ALA A 18 -9.88 -6.73 8.46
N ARG A 19 -10.63 -5.77 8.98
CA ARG A 19 -11.83 -6.07 9.77
C ARG A 19 -13.04 -5.33 9.21
N ASN A 20 -12.81 -4.13 8.69
CA ASN A 20 -13.88 -3.32 8.13
C ASN A 20 -14.14 -3.69 6.68
N PRO A 21 -15.37 -3.42 6.21
CA PRO A 21 -15.78 -3.72 4.82
C PRO A 21 -15.10 -2.80 3.81
N ARG A 22 -14.49 -1.73 4.31
CA ARG A 22 -13.81 -0.76 3.45
C ARG A 22 -12.30 -0.95 3.52
N GLU A 23 -11.87 -1.98 4.25
CA GLU A 23 -10.45 -2.28 4.39
C GLU A 23 -10.04 -3.44 3.50
N LEU A 24 -8.74 -3.62 3.33
CA LEU A 24 -8.21 -4.70 2.51
C LEU A 24 -7.17 -5.52 3.27
N THR A 25 -7.33 -6.84 3.25
CA THR A 25 -6.42 -7.73 3.94
C THR A 25 -5.12 -7.90 3.15
N VAL A 26 -3.99 -7.63 3.80
CA VAL A 26 -2.69 -7.76 3.16
C VAL A 26 -1.77 -8.68 3.95
N VAL A 27 -0.62 -8.99 3.38
CA VAL A 27 0.35 -9.86 4.04
C VAL A 27 1.77 -9.32 3.91
N GLN A 28 2.61 -9.62 4.88
CA GLN A 28 3.99 -9.17 4.88
C GLN A 28 4.70 -9.59 3.60
N GLY A 29 5.44 -8.65 3.00
CA GLY A 29 6.15 -8.94 1.77
C GLY A 29 5.45 -8.41 0.54
N GLU A 30 4.13 -8.59 0.49
CA GLU A 30 3.34 -8.12 -0.65
C GLU A 30 3.50 -6.62 -0.83
N LYS A 31 3.37 -6.17 -2.07
CA LYS A 31 3.49 -4.75 -2.39
C LYS A 31 2.13 -4.14 -2.74
N LEU A 32 1.98 -2.85 -2.49
CA LEU A 32 0.73 -2.15 -2.78
C LEU A 32 1.00 -0.69 -3.16
N GLU A 33 0.22 -0.19 -4.11
CA GLU A 33 0.37 1.20 -4.56
C GLU A 33 -0.40 2.15 -3.65
N VAL A 34 0.35 2.98 -2.92
CA VAL A 34 -0.25 3.95 -2.01
C VAL A 34 -1.04 5.01 -2.77
N LEU A 35 -2.16 5.45 -2.19
CA LEU A 35 -2.99 6.46 -2.82
C LEU A 35 -3.18 7.66 -1.90
N ASP A 36 -3.58 7.39 -0.66
CA ASP A 36 -3.80 8.44 0.32
C ASP A 36 -2.93 8.22 1.56
N HIS A 37 -1.79 8.91 1.61
CA HIS A 37 -0.87 8.78 2.74
C HIS A 37 -0.93 10.00 3.63
N SER A 38 -2.14 10.56 3.78
CA SER A 38 -2.33 11.74 4.62
C SER A 38 -2.74 11.35 6.03
N LYS A 39 -3.96 10.86 6.18
CA LYS A 39 -4.47 10.44 7.48
C LYS A 39 -3.66 9.27 8.03
N ARG A 40 -3.84 8.99 9.31
CA ARG A 40 -3.14 7.90 9.97
C ARG A 40 -3.09 6.67 9.07
N TRP A 41 -4.26 6.17 8.69
CA TRP A 41 -4.35 4.99 7.84
C TRP A 41 -4.18 5.38 6.37
N TRP A 42 -3.28 4.67 5.69
CA TRP A 42 -3.01 4.94 4.27
C TRP A 42 -3.90 4.08 3.38
N LEU A 43 -4.24 4.60 2.22
CA LEU A 43 -5.09 3.87 1.27
C LEU A 43 -4.25 3.27 0.15
N VAL A 44 -4.18 1.95 0.12
CA VAL A 44 -3.42 1.24 -0.90
C VAL A 44 -4.32 0.35 -1.75
N LYS A 45 -3.85 0.01 -2.94
CA LYS A 45 -4.62 -0.84 -3.85
C LYS A 45 -3.81 -2.06 -4.27
N ASN A 46 -4.51 -3.09 -4.74
CA ASN A 46 -3.86 -4.32 -5.17
C ASN A 46 -4.09 -4.57 -6.66
N GLU A 47 -3.63 -5.72 -7.13
CA GLU A 47 -3.80 -6.08 -8.55
C GLU A 47 -5.26 -6.40 -8.86
N ALA A 48 -6.04 -6.65 -7.81
CA ALA A 48 -7.45 -6.97 -7.98
C ALA A 48 -8.30 -5.71 -8.04
N GLY A 49 -7.64 -4.57 -8.26
CA GLY A 49 -8.34 -3.31 -8.33
C GLY A 49 -9.07 -2.97 -7.05
N ARG A 50 -8.81 -3.76 -6.00
CA ARG A 50 -9.45 -3.54 -4.71
C ARG A 50 -8.55 -2.72 -3.79
N SER A 51 -9.03 -1.56 -3.38
CA SER A 51 -8.28 -0.68 -2.49
C SER A 51 -8.90 -0.63 -1.10
N GLY A 52 -8.06 -0.84 -0.08
CA GLY A 52 -8.56 -0.82 1.28
C GLY A 52 -7.71 0.05 2.19
N TYR A 53 -8.30 0.52 3.28
CA TYR A 53 -7.59 1.38 4.23
C TYR A 53 -6.70 0.55 5.14
N ILE A 54 -5.41 0.84 5.13
CA ILE A 54 -4.45 0.12 5.96
C ILE A 54 -3.51 1.10 6.67
N PRO A 55 -3.03 0.69 7.86
CA PRO A 55 -2.12 1.51 8.66
C PRO A 55 -0.73 1.62 8.04
N SER A 56 -0.02 2.68 8.39
CA SER A 56 1.32 2.91 7.85
C SER A 56 2.36 2.11 8.63
N ASN A 57 1.97 1.63 9.81
CA ASN A 57 2.86 0.84 10.65
C ASN A 57 3.27 -0.45 9.96
N ILE A 58 2.44 -0.89 9.01
CA ILE A 58 2.71 -2.12 8.28
C ILE A 58 3.20 -1.81 6.87
N LEU A 59 3.80 -0.65 6.69
CA LEU A 59 4.32 -0.23 5.39
C LEU A 59 5.74 0.28 5.51
N GLU A 60 6.62 -0.21 4.64
CA GLU A 60 8.02 0.20 4.64
C GLU A 60 8.51 0.51 3.23
N PRO A 61 9.58 1.32 3.13
CA PRO A 61 10.16 1.71 1.86
C PRO A 61 10.84 0.54 1.14
N LEU A 62 10.11 -0.12 0.25
CA LEU A 62 10.65 -1.24 -0.50
C LEU A 62 11.52 -0.77 -1.66
N SER A 63 12.12 -1.72 -2.37
CA SER A 63 12.98 -1.40 -3.51
C SER A 63 12.99 -2.53 -4.52
N GLY A 64 13.03 -2.18 -5.80
CA GLY A 64 13.04 -3.18 -6.85
C GLY A 64 13.91 -2.79 -8.01
N PRO A 65 13.29 -2.22 -9.06
CA PRO A 65 14.01 -1.78 -10.26
C PRO A 65 14.91 -0.57 -10.00
N SER A 66 15.89 -0.37 -10.87
CA SER A 66 16.82 0.74 -10.73
C SER A 66 16.67 1.73 -11.89
N SER A 67 15.50 1.71 -12.51
CA SER A 67 15.22 2.60 -13.63
C SER A 67 14.14 3.62 -13.26
N GLY A 68 14.54 4.88 -13.14
CA GLY A 68 13.60 5.93 -12.79
C GLY A 68 13.51 6.16 -11.30
N GLY A 1 -4.29 6.28 -12.71
CA GLY A 1 -4.77 7.53 -13.29
C GLY A 1 -3.64 8.38 -13.85
N SER A 2 -3.07 7.92 -14.95
CA SER A 2 -1.96 8.64 -15.59
C SER A 2 -2.18 10.14 -15.51
N SER A 3 -3.44 10.56 -15.53
CA SER A 3 -3.79 11.97 -15.46
C SER A 3 -4.07 12.39 -14.02
N GLY A 4 -3.08 13.02 -13.40
CA GLY A 4 -3.23 13.47 -12.03
C GLY A 4 -1.90 13.63 -11.32
N SER A 5 -1.91 13.41 -10.00
CA SER A 5 -0.70 13.53 -9.20
C SER A 5 0.09 12.22 -9.22
N SER A 6 1.37 12.31 -8.84
CA SER A 6 2.24 11.14 -8.82
C SER A 6 1.79 10.14 -7.76
N GLY A 7 2.12 8.87 -7.96
CA GLY A 7 1.74 7.84 -7.02
C GLY A 7 2.88 7.47 -6.09
N LEU A 8 2.75 6.31 -5.44
CA LEU A 8 3.78 5.85 -4.52
C LEU A 8 3.70 4.33 -4.33
N LYS A 9 4.85 3.69 -4.25
CA LYS A 9 4.91 2.24 -4.07
C LYS A 9 5.52 1.88 -2.72
N MET A 10 4.81 1.05 -1.96
CA MET A 10 5.28 0.63 -0.64
C MET A 10 5.12 -0.88 -0.47
N GLN A 11 5.72 -1.41 0.60
CA GLN A 11 5.65 -2.83 0.88
C GLN A 11 5.05 -3.09 2.27
N VAL A 12 4.46 -4.26 2.44
CA VAL A 12 3.85 -4.62 3.71
C VAL A 12 4.88 -5.22 4.66
N LEU A 13 4.90 -4.74 5.90
CA LEU A 13 5.84 -5.23 6.91
C LEU A 13 5.20 -6.32 7.76
N TYR A 14 3.88 -6.25 7.91
CA TYR A 14 3.15 -7.23 8.71
C TYR A 14 1.76 -7.47 8.13
N GLU A 15 1.32 -8.72 8.16
CA GLU A 15 0.00 -9.08 7.64
C GLU A 15 -1.10 -8.37 8.42
N PHE A 16 -2.25 -8.18 7.77
CA PHE A 16 -3.39 -7.52 8.40
C PHE A 16 -4.71 -8.01 7.80
N GLU A 17 -5.65 -8.36 8.67
CA GLU A 17 -6.95 -8.84 8.24
C GLU A 17 -8.00 -7.73 8.31
N ALA A 18 -8.29 -7.13 7.16
CA ALA A 18 -9.26 -6.05 7.09
C ALA A 18 -10.60 -6.48 7.70
N ARG A 19 -10.99 -5.84 8.78
CA ARG A 19 -12.25 -6.16 9.46
C ARG A 19 -13.38 -5.29 8.94
N ASN A 20 -13.04 -4.07 8.52
CA ASN A 20 -14.04 -3.14 8.00
C ASN A 20 -14.30 -3.39 6.51
N PRO A 21 -15.51 -3.03 6.06
CA PRO A 21 -15.91 -3.21 4.66
C PRO A 21 -15.16 -2.28 3.72
N ARG A 22 -14.50 -1.27 4.29
CA ARG A 22 -13.74 -0.31 3.50
C ARG A 22 -12.26 -0.63 3.51
N GLU A 23 -11.88 -1.66 4.28
CA GLU A 23 -10.49 -2.07 4.38
C GLU A 23 -10.17 -3.16 3.36
N LEU A 24 -8.91 -3.59 3.33
CA LEU A 24 -8.47 -4.62 2.40
C LEU A 24 -7.44 -5.54 3.06
N THR A 25 -7.64 -6.84 2.91
CA THR A 25 -6.73 -7.82 3.49
C THR A 25 -5.39 -7.83 2.75
N VAL A 26 -4.31 -7.70 3.51
CA VAL A 26 -2.97 -7.70 2.93
C VAL A 26 -2.05 -8.65 3.68
N VAL A 27 -0.92 -8.99 3.05
CA VAL A 27 0.05 -9.89 3.66
C VAL A 27 1.43 -9.26 3.71
N GLN A 28 2.33 -9.86 4.50
CA GLN A 28 3.69 -9.35 4.63
C GLN A 28 4.50 -9.62 3.37
N GLY A 29 5.42 -8.71 3.06
CA GLY A 29 6.24 -8.87 1.88
C GLY A 29 5.56 -8.39 0.61
N GLU A 30 4.23 -8.41 0.62
CA GLU A 30 3.46 -7.97 -0.53
C GLU A 30 3.65 -6.49 -0.78
N LYS A 31 3.44 -6.06 -2.03
CA LYS A 31 3.60 -4.67 -2.40
C LYS A 31 2.27 -4.08 -2.85
N LEU A 32 1.99 -2.85 -2.41
CA LEU A 32 0.75 -2.17 -2.78
C LEU A 32 1.01 -0.72 -3.16
N GLU A 33 0.17 -0.17 -4.03
CA GLU A 33 0.32 1.20 -4.48
C GLU A 33 -0.45 2.15 -3.56
N VAL A 34 0.27 3.11 -2.97
CA VAL A 34 -0.35 4.07 -2.07
C VAL A 34 -1.16 5.09 -2.85
N LEU A 35 -2.25 5.56 -2.23
CA LEU A 35 -3.13 6.54 -2.87
C LEU A 35 -3.33 7.75 -1.96
N ASP A 36 -3.87 7.52 -0.78
CA ASP A 36 -4.12 8.59 0.18
C ASP A 36 -3.36 8.33 1.49
N HIS A 37 -2.12 8.82 1.54
CA HIS A 37 -1.30 8.65 2.73
C HIS A 37 -1.21 9.95 3.53
N SER A 38 -2.26 10.76 3.44
CA SER A 38 -2.31 12.03 4.16
C SER A 38 -3.13 11.89 5.44
N LYS A 39 -3.05 10.74 6.08
CA LYS A 39 -3.79 10.49 7.31
C LYS A 39 -3.20 9.29 8.06
N ARG A 40 -3.67 9.08 9.28
CA ARG A 40 -3.20 7.97 10.11
C ARG A 40 -3.20 6.67 9.32
N TRP A 41 -4.27 6.45 8.56
CA TRP A 41 -4.40 5.23 7.76
C TRP A 41 -4.20 5.54 6.27
N TRP A 42 -3.26 4.84 5.64
CA TRP A 42 -2.98 5.03 4.24
C TRP A 42 -3.86 4.15 3.37
N LEU A 43 -4.25 4.66 2.20
CA LEU A 43 -5.10 3.91 1.29
C LEU A 43 -4.29 3.36 0.12
N VAL A 44 -4.19 2.03 0.07
CA VAL A 44 -3.44 1.37 -1.00
C VAL A 44 -4.36 0.51 -1.87
N LYS A 45 -3.84 0.06 -3.00
CA LYS A 45 -4.61 -0.77 -3.92
C LYS A 45 -3.78 -1.97 -4.40
N ASN A 46 -4.48 -3.02 -4.80
CA ASN A 46 -3.82 -4.23 -5.27
C ASN A 46 -4.02 -4.41 -6.77
N GLU A 47 -3.43 -5.47 -7.33
CA GLU A 47 -3.55 -5.76 -8.75
C GLU A 47 -5.00 -6.04 -9.13
N ALA A 48 -5.73 -6.69 -8.23
CA ALA A 48 -7.13 -7.02 -8.46
C ALA A 48 -7.96 -5.76 -8.68
N GLY A 49 -7.48 -4.64 -8.15
CA GLY A 49 -8.19 -3.39 -8.29
C GLY A 49 -8.86 -2.94 -7.01
N ARG A 50 -8.78 -3.77 -5.98
CA ARG A 50 -9.38 -3.46 -4.69
C ARG A 50 -8.43 -2.64 -3.83
N SER A 51 -8.97 -1.60 -3.17
CA SER A 51 -8.16 -0.74 -2.33
C SER A 51 -8.78 -0.62 -0.94
N GLY A 52 -7.95 -0.81 0.09
CA GLY A 52 -8.43 -0.73 1.46
C GLY A 52 -7.52 0.11 2.34
N TYR A 53 -8.08 0.66 3.40
CA TYR A 53 -7.31 1.49 4.34
C TYR A 53 -6.45 0.62 5.26
N ILE A 54 -5.15 0.78 5.15
CA ILE A 54 -4.22 0.01 5.98
C ILE A 54 -3.31 0.94 6.79
N PRO A 55 -2.94 0.49 8.00
CA PRO A 55 -2.08 1.26 8.89
C PRO A 55 -0.64 1.36 8.37
N SER A 56 -0.14 2.59 8.25
CA SER A 56 1.21 2.81 7.76
C SER A 56 2.22 2.00 8.57
N ASN A 57 1.80 1.54 9.73
CA ASN A 57 2.67 0.74 10.59
C ASN A 57 3.13 -0.53 9.88
N ILE A 58 2.22 -1.15 9.15
CA ILE A 58 2.53 -2.37 8.41
C ILE A 58 3.00 -2.06 6.99
N LEU A 59 3.63 -0.90 6.83
CA LEU A 59 4.12 -0.48 5.52
C LEU A 59 5.57 -0.02 5.61
N GLU A 60 6.30 -0.15 4.51
CA GLU A 60 7.70 0.25 4.47
C GLU A 60 8.06 0.86 3.11
N PRO A 61 9.16 1.62 3.07
CA PRO A 61 9.63 2.27 1.84
C PRO A 61 10.16 1.27 0.82
N LEU A 62 9.29 0.82 -0.07
CA LEU A 62 9.68 -0.15 -1.10
C LEU A 62 10.15 0.57 -2.36
N SER A 63 11.44 0.41 -2.68
CA SER A 63 12.03 1.04 -3.85
C SER A 63 11.92 0.12 -5.07
N GLY A 64 12.14 0.69 -6.25
CA GLY A 64 12.06 -0.09 -7.47
C GLY A 64 10.63 -0.36 -7.89
N PRO A 65 10.41 -0.41 -9.22
CA PRO A 65 9.06 -0.66 -9.77
C PRO A 65 8.61 -2.09 -9.54
N SER A 66 7.30 -2.27 -9.39
CA SER A 66 6.72 -3.59 -9.16
C SER A 66 7.16 -4.57 -10.24
N SER A 67 6.93 -4.19 -11.49
CA SER A 67 7.29 -5.03 -12.62
C SER A 67 8.78 -5.38 -12.59
N GLY A 68 9.60 -4.39 -12.29
CA GLY A 68 11.03 -4.60 -12.23
C GLY A 68 11.74 -4.23 -13.52
N GLY A 1 -3.72 7.62 -23.76
CA GLY A 1 -2.41 8.01 -23.26
C GLY A 1 -1.46 6.84 -23.18
N SER A 2 -0.60 6.84 -22.16
CA SER A 2 0.37 5.76 -21.98
C SER A 2 0.25 5.15 -20.59
N SER A 3 0.19 3.82 -20.53
CA SER A 3 0.07 3.12 -19.27
C SER A 3 1.18 3.52 -18.32
N GLY A 4 1.12 3.00 -17.09
CA GLY A 4 2.12 3.32 -16.09
C GLY A 4 1.80 4.59 -15.33
N SER A 5 1.71 4.49 -14.01
CA SER A 5 1.40 5.64 -13.18
C SER A 5 2.55 5.92 -12.20
N SER A 6 3.30 6.99 -12.48
CA SER A 6 4.42 7.36 -11.64
C SER A 6 3.94 8.03 -10.35
N GLY A 7 3.74 7.22 -9.31
CA GLY A 7 3.28 7.74 -8.04
C GLY A 7 4.10 7.24 -6.87
N LEU A 8 3.43 6.59 -5.92
CA LEU A 8 4.10 6.05 -4.74
C LEU A 8 3.67 4.62 -4.47
N LYS A 9 4.63 3.76 -4.13
CA LYS A 9 4.34 2.36 -3.84
C LYS A 9 5.07 1.91 -2.58
N MET A 10 4.46 0.99 -1.84
CA MET A 10 5.07 0.47 -0.61
C MET A 10 4.84 -1.03 -0.50
N GLN A 11 5.63 -1.67 0.36
CA GLN A 11 5.52 -3.11 0.56
C GLN A 11 5.15 -3.44 2.01
N VAL A 12 4.15 -4.29 2.18
CA VAL A 12 3.70 -4.68 3.50
C VAL A 12 4.84 -5.30 4.31
N LEU A 13 4.87 -4.99 5.61
CA LEU A 13 5.90 -5.51 6.50
C LEU A 13 5.31 -6.49 7.51
N TYR A 14 4.07 -6.24 7.90
CA TYR A 14 3.40 -7.09 8.87
C TYR A 14 1.99 -7.45 8.39
N GLU A 15 1.70 -8.74 8.36
CA GLU A 15 0.38 -9.21 7.92
C GLU A 15 -0.73 -8.55 8.71
N PHE A 16 -1.77 -8.10 8.00
CA PHE A 16 -2.90 -7.44 8.64
C PHE A 16 -4.21 -7.90 8.02
N GLU A 17 -5.16 -8.31 8.87
CA GLU A 17 -6.46 -8.78 8.42
C GLU A 17 -7.48 -7.64 8.43
N ALA A 18 -8.19 -7.47 7.32
CA ALA A 18 -9.19 -6.42 7.21
C ALA A 18 -10.52 -6.87 7.80
N ARG A 19 -11.02 -6.12 8.78
CA ARG A 19 -12.28 -6.45 9.42
C ARG A 19 -13.40 -5.54 8.92
N ASN A 20 -13.04 -4.33 8.53
CA ASN A 20 -14.02 -3.37 8.02
C ASN A 20 -14.32 -3.62 6.55
N PRO A 21 -15.55 -3.27 6.14
CA PRO A 21 -15.99 -3.46 4.75
C PRO A 21 -15.28 -2.49 3.79
N ARG A 22 -14.47 -1.61 4.34
CA ARG A 22 -13.74 -0.63 3.53
C ARG A 22 -12.23 -0.86 3.65
N GLU A 23 -11.85 -2.05 4.09
CA GLU A 23 -10.44 -2.38 4.25
C GLU A 23 -10.02 -3.46 3.26
N LEU A 24 -8.75 -3.88 3.34
CA LEU A 24 -8.23 -4.90 2.45
C LEU A 24 -7.16 -5.73 3.14
N THR A 25 -7.29 -7.05 3.07
CA THR A 25 -6.34 -7.95 3.69
C THR A 25 -4.99 -7.91 2.98
N VAL A 26 -3.91 -7.95 3.75
CA VAL A 26 -2.56 -7.91 3.19
C VAL A 26 -1.61 -8.80 3.99
N VAL A 27 -0.47 -9.12 3.38
CA VAL A 27 0.52 -9.96 4.04
C VAL A 27 1.93 -9.44 3.78
N GLN A 28 2.83 -9.72 4.72
CA GLN A 28 4.22 -9.27 4.60
C GLN A 28 4.79 -9.66 3.24
N GLY A 29 5.69 -8.82 2.72
CA GLY A 29 6.30 -9.10 1.44
C GLY A 29 5.47 -8.60 0.27
N GLU A 30 4.14 -8.66 0.42
CA GLU A 30 3.24 -8.20 -0.62
C GLU A 30 3.51 -6.75 -0.99
N LYS A 31 3.23 -6.40 -2.24
CA LYS A 31 3.44 -5.04 -2.71
C LYS A 31 2.11 -4.34 -2.99
N LEU A 32 2.07 -3.04 -2.75
CA LEU A 32 0.86 -2.26 -2.98
C LEU A 32 1.21 -0.83 -3.41
N GLU A 33 0.21 -0.12 -3.94
CA GLU A 33 0.41 1.25 -4.40
C GLU A 33 -0.27 2.24 -3.47
N VAL A 34 0.53 3.10 -2.85
CA VAL A 34 -0.01 4.11 -1.93
C VAL A 34 -0.85 5.14 -2.67
N LEU A 35 -2.01 5.47 -2.10
CA LEU A 35 -2.90 6.44 -2.69
C LEU A 35 -3.02 7.69 -1.83
N ASP A 36 -3.43 7.50 -0.58
CA ASP A 36 -3.59 8.60 0.36
C ASP A 36 -2.72 8.39 1.59
N HIS A 37 -1.61 9.12 1.66
CA HIS A 37 -0.69 9.01 2.80
C HIS A 37 -0.77 10.25 3.68
N SER A 38 -1.99 10.71 3.93
CA SER A 38 -2.20 11.89 4.76
C SER A 38 -2.84 11.51 6.10
N LYS A 39 -4.06 10.98 6.04
CA LYS A 39 -4.77 10.57 7.24
C LYS A 39 -4.05 9.43 7.94
N ARG A 40 -4.33 9.26 9.23
CA ARG A 40 -3.70 8.21 10.02
C ARG A 40 -3.53 6.94 9.18
N TRP A 41 -4.64 6.38 8.71
CA TRP A 41 -4.61 5.17 7.91
C TRP A 41 -4.39 5.51 6.44
N TRP A 42 -3.45 4.81 5.80
CA TRP A 42 -3.14 5.04 4.39
C TRP A 42 -4.01 4.16 3.51
N LEU A 43 -4.24 4.62 2.28
CA LEU A 43 -5.05 3.87 1.33
C LEU A 43 -4.19 3.26 0.23
N VAL A 44 -4.23 1.93 0.13
CA VAL A 44 -3.45 1.21 -0.88
C VAL A 44 -4.37 0.40 -1.80
N LYS A 45 -3.82 0.00 -2.95
CA LYS A 45 -4.58 -0.78 -3.91
C LYS A 45 -3.79 -2.01 -4.36
N ASN A 46 -4.47 -3.15 -4.47
CA ASN A 46 -3.84 -4.39 -4.88
C ASN A 46 -3.76 -4.46 -6.41
N GLU A 47 -3.30 -5.61 -6.90
CA GLU A 47 -3.18 -5.82 -8.35
C GLU A 47 -4.54 -6.08 -8.97
N ALA A 48 -5.44 -6.68 -8.20
CA ALA A 48 -6.78 -6.99 -8.69
C ALA A 48 -7.57 -5.71 -8.95
N GLY A 49 -7.23 -4.65 -8.22
CA GLY A 49 -7.92 -3.38 -8.38
C GLY A 49 -8.59 -2.91 -7.11
N ARG A 50 -8.72 -3.82 -6.14
CA ARG A 50 -9.35 -3.50 -4.87
C ARG A 50 -8.42 -2.65 -4.01
N SER A 51 -9.00 -1.71 -3.26
CA SER A 51 -8.22 -0.83 -2.40
C SER A 51 -8.83 -0.77 -0.99
N GLY A 52 -7.97 -0.92 0.02
CA GLY A 52 -8.44 -0.89 1.39
C GLY A 52 -7.57 -0.03 2.28
N TYR A 53 -8.13 0.46 3.37
CA TYR A 53 -7.40 1.31 4.30
C TYR A 53 -6.53 0.47 5.23
N ILE A 54 -5.24 0.75 5.22
CA ILE A 54 -4.29 0.02 6.06
C ILE A 54 -3.40 0.98 6.85
N PRO A 55 -2.96 0.53 8.03
CA PRO A 55 -2.08 1.34 8.90
C PRO A 55 -0.69 1.50 8.33
N SER A 56 -0.20 2.74 8.30
CA SER A 56 1.13 3.03 7.78
C SER A 56 2.20 2.29 8.58
N ASN A 57 1.80 1.70 9.70
CA ASN A 57 2.72 0.97 10.56
C ASN A 57 3.25 -0.27 9.86
N ILE A 58 2.34 -0.99 9.18
CA ILE A 58 2.72 -2.20 8.47
C ILE A 58 3.26 -1.87 7.08
N LEU A 59 3.52 -0.60 6.84
CA LEU A 59 4.04 -0.15 5.55
C LEU A 59 5.50 0.27 5.67
N GLU A 60 6.24 0.15 4.56
CA GLU A 60 7.65 0.52 4.55
C GLU A 60 8.04 1.13 3.20
N PRO A 61 9.09 1.97 3.21
CA PRO A 61 9.57 2.63 2.00
C PRO A 61 10.23 1.66 1.02
N LEU A 62 9.40 0.96 0.26
CA LEU A 62 9.90 -0.01 -0.72
C LEU A 62 11.04 0.59 -1.54
N SER A 63 10.81 1.78 -2.07
CA SER A 63 11.82 2.46 -2.88
C SER A 63 12.57 1.46 -3.75
N GLY A 64 11.84 0.51 -4.32
CA GLY A 64 12.46 -0.50 -5.17
C GLY A 64 13.35 0.11 -6.23
N PRO A 65 14.42 -0.62 -6.59
CA PRO A 65 15.38 -0.15 -7.60
C PRO A 65 14.78 -0.15 -9.01
N SER A 66 14.16 -1.26 -9.39
CA SER A 66 13.56 -1.39 -10.71
C SER A 66 12.29 -0.54 -10.81
N SER A 67 11.98 -0.08 -12.01
CA SER A 67 10.80 0.75 -12.24
C SER A 67 10.28 0.57 -13.65
N GLY A 68 8.96 0.37 -13.77
CA GLY A 68 8.35 0.18 -15.08
C GLY A 68 8.44 -1.25 -15.56
N GLY A 1 -2.81 14.71 -17.79
CA GLY A 1 -3.47 15.27 -16.63
C GLY A 1 -2.57 16.20 -15.85
N SER A 2 -2.89 16.39 -14.57
CA SER A 2 -2.10 17.26 -13.70
C SER A 2 -0.62 16.94 -13.82
N SER A 3 0.13 17.86 -14.41
CA SER A 3 1.57 17.69 -14.59
C SER A 3 2.28 17.61 -13.24
N GLY A 4 3.13 16.59 -13.09
CA GLY A 4 3.86 16.42 -11.85
C GLY A 4 3.96 14.97 -11.43
N SER A 5 4.61 14.72 -10.30
CA SER A 5 4.79 13.36 -9.80
C SER A 5 3.55 12.89 -9.05
N SER A 6 3.12 11.66 -9.32
CA SER A 6 1.94 11.10 -8.67
C SER A 6 1.94 9.58 -8.78
N GLY A 7 1.93 8.91 -7.63
CA GLY A 7 1.92 7.46 -7.61
C GLY A 7 3.05 6.89 -6.77
N LEU A 8 2.74 6.60 -5.51
CA LEU A 8 3.74 6.05 -4.59
C LEU A 8 3.46 4.57 -4.33
N LYS A 9 4.53 3.80 -4.15
CA LYS A 9 4.41 2.37 -3.87
C LYS A 9 5.19 1.99 -2.62
N MET A 10 4.55 1.21 -1.74
CA MET A 10 5.20 0.78 -0.51
C MET A 10 4.99 -0.71 -0.30
N GLN A 11 5.89 -1.33 0.47
CA GLN A 11 5.81 -2.76 0.76
C GLN A 11 5.24 -3.01 2.14
N VAL A 12 4.61 -4.17 2.32
CA VAL A 12 4.02 -4.53 3.60
C VAL A 12 5.08 -5.09 4.55
N LEU A 13 4.92 -4.80 5.84
CA LEU A 13 5.86 -5.27 6.86
C LEU A 13 5.24 -6.41 7.66
N TYR A 14 3.95 -6.33 7.91
CA TYR A 14 3.24 -7.35 8.67
C TYR A 14 1.81 -7.53 8.16
N GLU A 15 1.37 -8.78 8.12
CA GLU A 15 0.02 -9.09 7.65
C GLU A 15 -1.03 -8.34 8.47
N PHE A 16 -2.15 -8.01 7.83
CA PHE A 16 -3.22 -7.29 8.50
C PHE A 16 -4.58 -7.74 7.97
N GLU A 17 -5.33 -8.43 8.83
CA GLU A 17 -6.66 -8.92 8.45
C GLU A 17 -7.69 -7.81 8.51
N ALA A 18 -7.99 -7.23 7.36
CA ALA A 18 -8.96 -6.14 7.28
C ALA A 18 -10.20 -6.45 8.12
N ARG A 19 -10.48 -5.58 9.08
CA ARG A 19 -11.63 -5.76 9.96
C ARG A 19 -12.84 -4.98 9.44
N ASN A 20 -12.58 -3.82 8.83
CA ASN A 20 -13.64 -2.98 8.29
C ASN A 20 -13.90 -3.31 6.83
N PRO A 21 -15.14 -3.08 6.38
CA PRO A 21 -15.53 -3.33 5.00
C PRO A 21 -14.89 -2.35 4.01
N ARG A 22 -14.12 -1.41 4.54
CA ARG A 22 -13.45 -0.42 3.72
C ARG A 22 -11.95 -0.70 3.64
N GLU A 23 -11.49 -1.64 4.46
CA GLU A 23 -10.07 -2.00 4.48
C GLU A 23 -9.80 -3.19 3.56
N LEU A 24 -8.56 -3.32 3.12
CA LEU A 24 -8.17 -4.42 2.25
C LEU A 24 -7.14 -5.33 2.93
N THR A 25 -7.43 -6.62 2.93
CA THR A 25 -6.52 -7.59 3.55
C THR A 25 -5.19 -7.65 2.82
N VAL A 26 -4.10 -7.63 3.58
CA VAL A 26 -2.76 -7.67 3.01
C VAL A 26 -1.86 -8.60 3.81
N VAL A 27 -0.71 -8.95 3.22
CA VAL A 27 0.24 -9.83 3.87
C VAL A 27 1.65 -9.27 3.81
N GLN A 28 2.53 -9.75 4.67
CA GLN A 28 3.92 -9.29 4.70
C GLN A 28 4.62 -9.59 3.39
N GLY A 29 5.50 -8.69 2.97
CA GLY A 29 6.22 -8.88 1.73
C GLY A 29 5.44 -8.42 0.52
N GLU A 30 4.12 -8.60 0.57
CA GLU A 30 3.25 -8.20 -0.53
C GLU A 30 3.48 -6.73 -0.90
N LYS A 31 3.35 -6.43 -2.19
CA LYS A 31 3.54 -5.06 -2.66
C LYS A 31 2.20 -4.40 -2.98
N LEU A 32 2.10 -3.11 -2.67
CA LEU A 32 0.87 -2.37 -2.92
C LEU A 32 1.18 -0.93 -3.34
N GLU A 33 0.20 -0.26 -3.94
CA GLU A 33 0.37 1.11 -4.38
C GLU A 33 -0.39 2.08 -3.46
N VAL A 34 0.35 3.04 -2.90
CA VAL A 34 -0.24 4.02 -2.00
C VAL A 34 -1.08 5.04 -2.77
N LEU A 35 -2.22 5.40 -2.20
CA LEU A 35 -3.11 6.37 -2.84
C LEU A 35 -3.24 7.63 -1.99
N ASP A 36 -3.68 7.46 -0.76
CA ASP A 36 -3.85 8.59 0.16
C ASP A 36 -2.89 8.46 1.34
N HIS A 37 -1.87 9.31 1.37
CA HIS A 37 -0.88 9.30 2.45
C HIS A 37 -1.12 10.46 3.40
N SER A 38 -2.39 10.79 3.62
CA SER A 38 -2.74 11.90 4.51
C SER A 38 -3.34 11.37 5.81
N LYS A 39 -4.53 10.78 5.72
CA LYS A 39 -5.20 10.22 6.89
C LYS A 39 -4.32 9.20 7.60
N ARG A 40 -4.34 9.26 8.93
CA ARG A 40 -3.54 8.33 9.73
C ARG A 40 -3.44 6.96 9.07
N TRP A 41 -4.50 6.59 8.36
CA TRP A 41 -4.54 5.30 7.67
C TRP A 41 -4.31 5.47 6.18
N TRP A 42 -3.25 4.86 5.67
CA TRP A 42 -2.91 4.95 4.25
C TRP A 42 -3.78 4.00 3.43
N LEU A 43 -4.28 4.49 2.30
CA LEU A 43 -5.13 3.68 1.42
C LEU A 43 -4.33 3.10 0.28
N VAL A 44 -4.25 1.78 0.22
CA VAL A 44 -3.51 1.09 -0.83
C VAL A 44 -4.44 0.25 -1.70
N LYS A 45 -3.96 -0.11 -2.89
CA LYS A 45 -4.75 -0.92 -3.81
C LYS A 45 -3.92 -2.08 -4.35
N ASN A 46 -4.58 -3.22 -4.55
CA ASN A 46 -3.92 -4.41 -5.06
C ASN A 46 -4.04 -4.50 -6.58
N GLU A 47 -3.49 -5.56 -7.15
CA GLU A 47 -3.54 -5.76 -8.59
C GLU A 47 -4.97 -6.02 -9.06
N ALA A 48 -5.76 -6.63 -8.19
CA ALA A 48 -7.15 -6.93 -8.50
C ALA A 48 -7.94 -5.66 -8.84
N GLY A 49 -7.72 -4.62 -8.04
CA GLY A 49 -8.41 -3.36 -8.27
C GLY A 49 -9.15 -2.88 -7.04
N ARG A 50 -9.00 -3.59 -5.93
CA ARG A 50 -9.67 -3.24 -4.69
C ARG A 50 -8.74 -2.44 -3.79
N SER A 51 -9.18 -1.24 -3.41
CA SER A 51 -8.38 -0.37 -2.55
C SER A 51 -8.97 -0.32 -1.14
N GLY A 52 -8.12 -0.56 -0.14
CA GLY A 52 -8.57 -0.53 1.23
C GLY A 52 -7.60 0.21 2.14
N TYR A 53 -8.13 0.76 3.23
CA TYR A 53 -7.32 1.50 4.18
C TYR A 53 -6.48 0.55 5.04
N ILE A 54 -5.24 0.96 5.31
CA ILE A 54 -4.34 0.15 6.12
C ILE A 54 -3.40 1.03 6.95
N PRO A 55 -2.97 0.51 8.11
CA PRO A 55 -2.07 1.22 9.01
C PRO A 55 -0.66 1.36 8.43
N SER A 56 -0.16 2.59 8.41
CA SER A 56 1.18 2.86 7.89
C SER A 56 2.24 2.07 8.66
N ASN A 57 1.83 1.48 9.78
CA ASN A 57 2.74 0.69 10.61
C ASN A 57 3.19 -0.57 9.88
N ILE A 58 2.29 -1.13 9.07
CA ILE A 58 2.60 -2.34 8.31
C ILE A 58 3.13 -1.99 6.92
N LEU A 59 3.73 -0.81 6.80
CA LEU A 59 4.29 -0.36 5.53
C LEU A 59 5.73 0.10 5.71
N GLU A 60 6.54 -0.12 4.69
CA GLU A 60 7.95 0.28 4.72
C GLU A 60 8.41 0.79 3.36
N PRO A 61 9.47 1.62 3.37
CA PRO A 61 10.03 2.20 2.14
C PRO A 61 10.73 1.15 1.28
N LEU A 62 9.98 0.55 0.36
CA LEU A 62 10.54 -0.47 -0.52
C LEU A 62 11.39 0.16 -1.62
N SER A 63 12.54 -0.44 -1.90
CA SER A 63 13.44 0.07 -2.93
C SER A 63 14.09 -1.07 -3.70
N GLY A 64 14.87 -0.73 -4.72
CA GLY A 64 15.54 -1.74 -5.52
C GLY A 64 17.02 -1.45 -5.68
N PRO A 65 17.72 -2.31 -6.45
CA PRO A 65 19.15 -2.18 -6.70
C PRO A 65 19.46 -0.97 -7.60
N SER A 66 18.42 -0.28 -8.03
CA SER A 66 18.58 0.88 -8.90
C SER A 66 19.84 1.67 -8.51
N SER A 67 20.81 1.69 -9.42
CA SER A 67 22.06 2.40 -9.18
C SER A 67 22.08 3.73 -9.94
N GLY A 68 23.18 4.46 -9.81
CA GLY A 68 23.32 5.74 -10.48
C GLY A 68 24.65 6.41 -10.21
N GLY A 1 1.59 7.00 -27.09
CA GLY A 1 1.69 7.40 -25.70
C GLY A 1 2.00 6.23 -24.78
N SER A 2 2.51 6.54 -23.60
CA SER A 2 2.86 5.51 -22.63
C SER A 2 2.06 5.67 -21.34
N SER A 3 2.22 4.72 -20.42
CA SER A 3 1.51 4.76 -19.15
C SER A 3 1.55 6.16 -18.55
N GLY A 4 0.37 6.74 -18.34
CA GLY A 4 0.29 8.08 -17.78
C GLY A 4 -0.20 8.08 -16.35
N SER A 5 0.65 7.61 -15.43
CA SER A 5 0.29 7.54 -14.02
C SER A 5 1.54 7.38 -13.15
N SER A 6 1.65 8.20 -12.12
CA SER A 6 2.78 8.15 -11.21
C SER A 6 2.33 8.24 -9.76
N GLY A 7 2.68 7.22 -8.97
CA GLY A 7 2.30 7.20 -7.57
C GLY A 7 3.32 6.48 -6.70
N LEU A 8 3.22 6.69 -5.40
CA LEU A 8 4.14 6.06 -4.46
C LEU A 8 3.77 4.60 -4.22
N LYS A 9 4.76 3.80 -3.85
CA LYS A 9 4.53 2.38 -3.59
C LYS A 9 5.24 1.94 -2.31
N MET A 10 4.59 1.07 -1.54
CA MET A 10 5.15 0.58 -0.30
C MET A 10 4.91 -0.92 -0.14
N GLN A 11 5.80 -1.60 0.58
CA GLN A 11 5.68 -3.03 0.80
C GLN A 11 5.14 -3.32 2.20
N VAL A 12 4.49 -4.48 2.35
CA VAL A 12 3.93 -4.87 3.63
C VAL A 12 4.97 -5.63 4.47
N LEU A 13 4.90 -5.45 5.78
CA LEU A 13 5.82 -6.10 6.70
C LEU A 13 5.07 -7.00 7.68
N TYR A 14 3.76 -6.81 7.76
CA TYR A 14 2.93 -7.61 8.66
C TYR A 14 1.55 -7.87 8.05
N GLU A 15 1.12 -9.12 8.08
CA GLU A 15 -0.17 -9.50 7.54
C GLU A 15 -1.31 -8.86 8.33
N PHE A 16 -2.16 -8.11 7.63
CA PHE A 16 -3.28 -7.45 8.27
C PHE A 16 -4.61 -8.02 7.78
N GLU A 17 -5.45 -8.43 8.72
CA GLU A 17 -6.75 -8.99 8.37
C GLU A 17 -7.84 -7.92 8.39
N ALA A 18 -8.29 -7.54 7.20
CA ALA A 18 -9.33 -6.51 7.07
C ALA A 18 -10.63 -6.97 7.72
N ARG A 19 -11.04 -6.28 8.77
CA ARG A 19 -12.26 -6.61 9.49
C ARG A 19 -13.28 -5.48 9.40
N ASN A 20 -13.27 -4.79 8.26
CA ASN A 20 -14.19 -3.68 8.04
C ASN A 20 -14.53 -3.53 6.55
N PRO A 21 -15.71 -2.97 6.26
CA PRO A 21 -16.18 -2.77 4.89
C PRO A 21 -15.38 -1.70 4.17
N ARG A 22 -14.36 -1.16 4.83
CA ARG A 22 -13.52 -0.13 4.24
C ARG A 22 -12.05 -0.48 4.39
N GLU A 23 -11.76 -1.77 4.48
CA GLU A 23 -10.38 -2.24 4.62
C GLU A 23 -10.10 -3.40 3.66
N LEU A 24 -8.82 -3.63 3.39
CA LEU A 24 -8.42 -4.71 2.48
C LEU A 24 -7.43 -5.65 3.17
N THR A 25 -7.57 -6.94 2.92
CA THR A 25 -6.69 -7.94 3.50
C THR A 25 -5.37 -8.02 2.75
N VAL A 26 -4.28 -7.76 3.46
CA VAL A 26 -2.95 -7.81 2.87
C VAL A 26 -2.05 -8.81 3.59
N VAL A 27 -0.96 -9.21 2.93
CA VAL A 27 -0.03 -10.15 3.52
C VAL A 27 1.39 -9.56 3.57
N GLN A 28 2.22 -10.15 4.41
CA GLN A 28 3.60 -9.69 4.57
C GLN A 28 4.39 -9.89 3.28
N GLY A 29 5.30 -8.97 2.99
CA GLY A 29 6.10 -9.06 1.79
C GLY A 29 5.39 -8.47 0.58
N GLU A 30 4.08 -8.69 0.49
CA GLU A 30 3.30 -8.18 -0.63
C GLU A 30 3.49 -6.68 -0.78
N LYS A 31 3.49 -6.22 -2.03
CA LYS A 31 3.66 -4.79 -2.32
C LYS A 31 2.36 -4.19 -2.86
N LEU A 32 2.13 -2.93 -2.53
CA LEU A 32 0.93 -2.23 -2.99
C LEU A 32 1.25 -0.79 -3.38
N GLU A 33 0.25 -0.10 -3.92
CA GLU A 33 0.43 1.29 -4.34
C GLU A 33 -0.34 2.24 -3.43
N VAL A 34 0.37 3.21 -2.86
CA VAL A 34 -0.24 4.18 -1.96
C VAL A 34 -1.06 5.21 -2.74
N LEU A 35 -2.27 5.45 -2.29
CA LEU A 35 -3.16 6.42 -2.94
C LEU A 35 -3.35 7.66 -2.07
N ASP A 36 -3.62 7.44 -0.79
CA ASP A 36 -3.82 8.54 0.15
C ASP A 36 -2.99 8.33 1.41
N HIS A 37 -1.80 8.92 1.44
CA HIS A 37 -0.91 8.80 2.58
C HIS A 37 -0.91 10.09 3.41
N SER A 38 -2.09 10.67 3.60
CA SER A 38 -2.23 11.91 4.36
C SER A 38 -2.76 11.62 5.76
N LYS A 39 -3.95 11.03 5.83
CA LYS A 39 -4.57 10.70 7.12
C LYS A 39 -3.77 9.62 7.84
N ARG A 40 -4.07 9.43 9.12
CA ARG A 40 -3.38 8.43 9.92
C ARG A 40 -3.16 7.15 9.14
N TRP A 41 -4.25 6.59 8.62
CA TRP A 41 -4.18 5.36 7.83
C TRP A 41 -3.87 5.67 6.37
N TRP A 42 -3.15 4.76 5.72
CA TRP A 42 -2.80 4.94 4.32
C TRP A 42 -3.65 4.04 3.42
N LEU A 43 -4.13 4.60 2.32
CA LEU A 43 -4.96 3.85 1.37
C LEU A 43 -4.10 3.19 0.30
N VAL A 44 -4.43 1.95 -0.02
CA VAL A 44 -3.68 1.20 -1.03
C VAL A 44 -4.63 0.37 -1.90
N LYS A 45 -4.11 -0.16 -3.00
CA LYS A 45 -4.90 -0.97 -3.90
C LYS A 45 -4.12 -2.19 -4.37
N ASN A 46 -4.82 -3.30 -4.60
CA ASN A 46 -4.18 -4.53 -5.05
C ASN A 46 -4.49 -4.79 -6.52
N GLU A 47 -3.66 -5.62 -7.15
CA GLU A 47 -3.84 -5.96 -8.56
C GLU A 47 -5.31 -6.27 -8.86
N ALA A 48 -6.05 -6.62 -7.82
CA ALA A 48 -7.47 -6.95 -7.98
C ALA A 48 -8.31 -5.69 -8.05
N GLY A 49 -7.65 -4.55 -8.25
CA GLY A 49 -8.36 -3.29 -8.33
C GLY A 49 -9.07 -2.94 -7.04
N ARG A 50 -8.85 -3.75 -6.01
CA ARG A 50 -9.49 -3.52 -4.71
C ARG A 50 -8.61 -2.64 -3.83
N SER A 51 -9.22 -1.63 -3.22
CA SER A 51 -8.48 -0.72 -2.35
C SER A 51 -9.08 -0.72 -0.94
N GLY A 52 -8.20 -0.71 0.06
CA GLY A 52 -8.65 -0.71 1.44
C GLY A 52 -7.74 0.09 2.35
N TYR A 53 -8.31 0.63 3.42
CA TYR A 53 -7.55 1.44 4.37
C TYR A 53 -6.65 0.55 5.23
N ILE A 54 -5.34 0.78 5.14
CA ILE A 54 -4.37 0.01 5.91
C ILE A 54 -3.45 0.93 6.70
N PRO A 55 -3.04 0.47 7.89
CA PRO A 55 -2.14 1.23 8.77
C PRO A 55 -0.72 1.32 8.21
N SER A 56 -0.22 2.55 8.09
CA SER A 56 1.12 2.77 7.56
C SER A 56 2.17 2.03 8.40
N ASN A 57 1.76 1.58 9.58
CA ASN A 57 2.66 0.86 10.47
C ASN A 57 3.15 -0.42 9.82
N ILE A 58 2.36 -0.96 8.89
CA ILE A 58 2.73 -2.19 8.20
C ILE A 58 3.31 -1.89 6.82
N LEU A 59 3.59 -0.61 6.57
CA LEU A 59 4.15 -0.20 5.29
C LEU A 59 5.56 0.37 5.47
N GLU A 60 6.42 0.10 4.51
CA GLU A 60 7.80 0.57 4.55
C GLU A 60 8.31 0.93 3.16
N PRO A 61 9.39 1.73 3.10
CA PRO A 61 9.99 2.14 1.83
C PRO A 61 10.69 1.00 1.11
N LEU A 62 9.94 0.30 0.26
CA LEU A 62 10.50 -0.83 -0.49
C LEU A 62 11.50 -0.34 -1.53
N SER A 63 12.32 -1.26 -2.03
CA SER A 63 13.33 -0.93 -3.03
C SER A 63 13.42 -2.02 -4.09
N GLY A 64 13.02 -1.68 -5.32
CA GLY A 64 13.07 -2.64 -6.40
C GLY A 64 14.40 -3.36 -6.50
N PRO A 65 14.36 -4.64 -6.88
CA PRO A 65 15.57 -5.46 -7.01
C PRO A 65 16.44 -5.03 -8.19
N SER A 66 15.80 -4.49 -9.23
CA SER A 66 16.51 -4.05 -10.41
C SER A 66 17.57 -3.01 -10.05
N SER A 67 18.82 -3.29 -10.42
CA SER A 67 19.93 -2.40 -10.13
C SER A 67 20.03 -1.31 -11.19
N GLY A 68 20.57 -0.16 -10.80
CA GLY A 68 20.72 0.95 -11.73
C GLY A 68 19.78 2.10 -11.42
N GLY A 1 1.94 4.80 -25.24
CA GLY A 1 2.36 4.53 -23.87
C GLY A 1 2.64 5.79 -23.09
N SER A 2 3.33 5.64 -21.97
CA SER A 2 3.65 6.78 -21.11
C SER A 2 4.65 6.39 -20.02
N SER A 3 5.60 7.28 -19.76
CA SER A 3 6.62 7.02 -18.74
C SER A 3 6.13 7.45 -17.37
N GLY A 4 6.11 6.52 -16.43
CA GLY A 4 5.67 6.82 -15.08
C GLY A 4 4.16 6.71 -14.92
N SER A 5 3.53 7.80 -14.47
CA SER A 5 2.09 7.81 -14.28
C SER A 5 1.70 6.98 -13.06
N SER A 6 2.43 7.15 -11.98
CA SER A 6 2.16 6.42 -10.74
C SER A 6 2.59 7.22 -9.52
N GLY A 7 1.85 7.06 -8.43
CA GLY A 7 2.16 7.78 -7.21
C GLY A 7 3.27 7.13 -6.42
N LEU A 8 2.96 6.73 -5.19
CA LEU A 8 3.95 6.10 -4.32
C LEU A 8 3.63 4.62 -4.11
N LYS A 9 4.65 3.80 -4.04
CA LYS A 9 4.48 2.36 -3.84
C LYS A 9 5.26 1.88 -2.62
N MET A 10 4.59 1.08 -1.78
CA MET A 10 5.22 0.56 -0.58
C MET A 10 4.96 -0.94 -0.44
N GLN A 11 5.82 -1.63 0.30
CA GLN A 11 5.68 -3.06 0.51
C GLN A 11 5.27 -3.36 1.94
N VAL A 12 4.35 -4.32 2.10
CA VAL A 12 3.87 -4.69 3.42
C VAL A 12 4.98 -5.34 4.24
N LEU A 13 4.95 -5.11 5.54
CA LEU A 13 5.95 -5.66 6.45
C LEU A 13 5.33 -6.69 7.39
N TYR A 14 4.13 -6.40 7.85
CA TYR A 14 3.42 -7.30 8.76
C TYR A 14 2.00 -7.57 8.27
N GLU A 15 1.68 -8.86 8.09
CA GLU A 15 0.36 -9.26 7.62
C GLU A 15 -0.73 -8.58 8.43
N PHE A 16 -1.81 -8.20 7.76
CA PHE A 16 -2.94 -7.54 8.41
C PHE A 16 -4.26 -8.13 7.94
N GLU A 17 -5.14 -8.41 8.89
CA GLU A 17 -6.45 -8.98 8.58
C GLU A 17 -7.51 -7.88 8.49
N ALA A 18 -7.98 -7.62 7.28
CA ALA A 18 -8.99 -6.59 7.06
C ALA A 18 -10.33 -7.00 7.68
N ARG A 19 -10.71 -6.32 8.76
CA ARG A 19 -11.96 -6.62 9.44
C ARG A 19 -13.00 -5.54 9.16
N ASN A 20 -13.03 -5.06 7.93
CA ASN A 20 -13.97 -4.02 7.52
C ASN A 20 -14.22 -4.07 6.02
N PRO A 21 -15.30 -3.41 5.58
CA PRO A 21 -15.66 -3.35 4.16
C PRO A 21 -14.70 -2.50 3.35
N ARG A 22 -14.34 -1.35 3.88
CA ARG A 22 -13.41 -0.43 3.21
C ARG A 22 -11.96 -0.84 3.45
N GLU A 23 -11.78 -2.00 4.09
CA GLU A 23 -10.44 -2.51 4.38
C GLU A 23 -10.04 -3.58 3.38
N LEU A 24 -8.75 -3.89 3.36
CA LEU A 24 -8.23 -4.90 2.44
C LEU A 24 -7.11 -5.73 3.10
N THR A 25 -7.24 -7.04 3.03
CA THR A 25 -6.25 -7.94 3.63
C THR A 25 -4.92 -7.84 2.90
N VAL A 26 -3.83 -7.92 3.65
CA VAL A 26 -2.49 -7.85 3.08
C VAL A 26 -1.51 -8.74 3.84
N VAL A 27 -0.52 -9.27 3.12
CA VAL A 27 0.48 -10.14 3.73
C VAL A 27 1.88 -9.58 3.53
N GLN A 28 2.77 -9.87 4.48
CA GLN A 28 4.15 -9.40 4.41
C GLN A 28 4.76 -9.73 3.06
N GLY A 29 5.62 -8.84 2.57
CA GLY A 29 6.26 -9.06 1.28
C GLY A 29 5.40 -8.62 0.12
N GLU A 30 4.09 -8.65 0.31
CA GLU A 30 3.15 -8.25 -0.74
C GLU A 30 3.47 -6.85 -1.25
N LYS A 31 3.12 -6.59 -2.50
CA LYS A 31 3.37 -5.29 -3.12
C LYS A 31 2.07 -4.53 -3.33
N LEU A 32 2.02 -3.29 -2.87
CA LEU A 32 0.84 -2.46 -3.01
C LEU A 32 1.22 -1.03 -3.39
N GLU A 33 0.23 -0.27 -3.86
CA GLU A 33 0.47 1.12 -4.25
C GLU A 33 -0.27 2.08 -3.32
N VAL A 34 0.47 3.02 -2.75
CA VAL A 34 -0.10 4.01 -1.84
C VAL A 34 -0.85 5.08 -2.61
N LEU A 35 -2.04 5.43 -2.13
CA LEU A 35 -2.86 6.46 -2.77
C LEU A 35 -2.99 7.69 -1.88
N ASP A 36 -3.56 7.50 -0.70
CA ASP A 36 -3.74 8.59 0.25
C ASP A 36 -2.90 8.37 1.51
N HIS A 37 -1.73 8.99 1.54
CA HIS A 37 -0.84 8.87 2.70
C HIS A 37 -0.82 10.15 3.52
N SER A 38 -2.01 10.59 3.93
CA SER A 38 -2.14 11.80 4.72
C SER A 38 -2.78 11.51 6.07
N LYS A 39 -3.84 10.71 6.05
CA LYS A 39 -4.56 10.36 7.27
C LYS A 39 -3.84 9.20 8.00
N ARG A 40 -4.11 9.08 9.29
CA ARG A 40 -3.50 8.03 10.09
C ARG A 40 -3.36 6.73 9.29
N TRP A 41 -4.43 6.37 8.58
CA TRP A 41 -4.43 5.16 7.77
C TRP A 41 -4.26 5.49 6.29
N TRP A 42 -3.30 4.82 5.66
CA TRP A 42 -3.03 5.05 4.23
C TRP A 42 -3.92 4.16 3.36
N LEU A 43 -4.31 4.68 2.21
CA LEU A 43 -5.17 3.94 1.29
C LEU A 43 -4.34 3.31 0.17
N VAL A 44 -4.21 1.99 0.19
CA VAL A 44 -3.46 1.27 -0.82
C VAL A 44 -4.36 0.46 -1.72
N LYS A 45 -3.81 -0.06 -2.82
CA LYS A 45 -4.58 -0.86 -3.76
C LYS A 45 -3.79 -2.10 -4.20
N ASN A 46 -4.51 -3.16 -4.55
CA ASN A 46 -3.87 -4.39 -4.98
C ASN A 46 -3.77 -4.45 -6.50
N GLU A 47 -3.26 -5.56 -7.01
CA GLU A 47 -3.10 -5.74 -8.45
C GLU A 47 -4.42 -6.17 -9.08
N ALA A 48 -5.50 -6.05 -8.32
CA ALA A 48 -6.83 -6.43 -8.81
C ALA A 48 -7.72 -5.20 -8.97
N GLY A 49 -7.33 -4.11 -8.31
CA GLY A 49 -8.12 -2.89 -8.39
C GLY A 49 -8.84 -2.59 -7.09
N ARG A 50 -8.70 -3.47 -6.11
CA ARG A 50 -9.34 -3.29 -4.81
C ARG A 50 -8.46 -2.48 -3.89
N SER A 51 -9.02 -1.42 -3.31
CA SER A 51 -8.28 -0.56 -2.39
C SER A 51 -8.87 -0.64 -0.99
N GLY A 52 -8.00 -0.84 0.00
CA GLY A 52 -8.43 -0.93 1.38
C GLY A 52 -7.63 -0.05 2.31
N TYR A 53 -8.26 0.41 3.37
CA TYR A 53 -7.58 1.28 4.34
C TYR A 53 -6.68 0.46 5.27
N ILE A 54 -5.39 0.72 5.20
CA ILE A 54 -4.42 0.01 6.03
C ILE A 54 -3.53 0.99 6.80
N PRO A 55 -3.07 0.57 7.98
CA PRO A 55 -2.20 1.39 8.83
C PRO A 55 -0.81 1.57 8.24
N SER A 56 -0.25 2.76 8.39
CA SER A 56 1.08 3.05 7.86
C SER A 56 2.16 2.39 8.70
N ASN A 57 1.73 1.70 9.76
CA ASN A 57 2.67 1.03 10.66
C ASN A 57 3.20 -0.24 10.01
N ILE A 58 2.40 -0.84 9.13
CA ILE A 58 2.80 -2.06 8.44
C ILE A 58 3.38 -1.75 7.06
N LEU A 59 3.57 -0.47 6.78
CA LEU A 59 4.11 -0.04 5.50
C LEU A 59 5.59 0.32 5.63
N GLU A 60 6.36 0.05 4.57
CA GLU A 60 7.77 0.36 4.57
C GLU A 60 8.20 0.96 3.23
N PRO A 61 9.28 1.76 3.26
CA PRO A 61 9.81 2.41 2.06
C PRO A 61 10.45 1.43 1.10
N LEU A 62 9.62 0.74 0.32
CA LEU A 62 10.11 -0.24 -0.65
C LEU A 62 11.29 0.32 -1.43
N SER A 63 11.10 1.49 -2.03
CA SER A 63 12.15 2.12 -2.82
C SER A 63 12.74 3.32 -2.08
N GLY A 64 13.85 3.83 -2.58
CA GLY A 64 14.49 4.98 -1.95
C GLY A 64 15.58 4.57 -0.97
N PRO A 65 16.02 5.52 -0.14
CA PRO A 65 17.07 5.28 0.85
C PRO A 65 16.59 4.37 1.99
N SER A 66 17.41 3.38 2.32
CA SER A 66 17.07 2.44 3.39
C SER A 66 18.32 1.75 3.93
N SER A 67 18.50 1.82 5.24
CA SER A 67 19.66 1.20 5.88
C SER A 67 19.35 -0.22 6.33
N GLY A 68 19.71 -1.20 5.50
CA GLY A 68 19.45 -2.59 5.82
C GLY A 68 19.13 -3.42 4.61
N GLY A 1 9.05 14.62 -20.50
CA GLY A 1 9.55 13.55 -19.65
C GLY A 1 8.62 12.36 -19.59
N SER A 2 8.08 12.09 -18.41
CA SER A 2 7.18 10.96 -18.22
C SER A 2 5.75 11.34 -18.62
N SER A 3 5.21 10.61 -19.59
CA SER A 3 3.85 10.86 -20.07
C SER A 3 2.84 10.00 -19.32
N GLY A 4 3.00 9.90 -18.00
CA GLY A 4 2.10 9.12 -17.20
C GLY A 4 2.04 9.59 -15.76
N SER A 5 1.20 8.94 -14.96
CA SER A 5 1.05 9.30 -13.55
C SER A 5 1.83 8.34 -12.66
N SER A 6 2.91 8.84 -12.07
CA SER A 6 3.74 8.02 -11.19
C SER A 6 3.05 7.79 -9.85
N GLY A 7 2.99 6.53 -9.44
CA GLY A 7 2.37 6.19 -8.17
C GLY A 7 3.35 5.66 -7.16
N LEU A 8 3.15 6.02 -5.89
CA LEU A 8 4.02 5.58 -4.81
C LEU A 8 3.82 4.10 -4.52
N LYS A 9 4.93 3.36 -4.41
CA LYS A 9 4.87 1.94 -4.13
C LYS A 9 5.51 1.62 -2.77
N MET A 10 4.76 0.93 -1.92
CA MET A 10 5.24 0.56 -0.60
C MET A 10 5.06 -0.93 -0.36
N GLN A 11 5.91 -1.50 0.50
CA GLN A 11 5.85 -2.91 0.83
C GLN A 11 5.22 -3.13 2.20
N VAL A 12 4.74 -4.34 2.44
CA VAL A 12 4.12 -4.68 3.72
C VAL A 12 5.16 -5.15 4.73
N LEU A 13 4.95 -4.79 6.00
CA LEU A 13 5.87 -5.18 7.06
C LEU A 13 5.28 -6.31 7.90
N TYR A 14 3.97 -6.29 8.08
CA TYR A 14 3.29 -7.30 8.86
C TYR A 14 1.89 -7.58 8.30
N GLU A 15 1.53 -8.86 8.24
CA GLU A 15 0.22 -9.26 7.72
C GLU A 15 -0.90 -8.70 8.60
N PHE A 16 -1.83 -7.98 7.97
CA PHE A 16 -2.95 -7.39 8.69
C PHE A 16 -4.27 -7.98 8.19
N GLU A 17 -5.22 -8.14 9.11
CA GLU A 17 -6.52 -8.69 8.77
C GLU A 17 -7.60 -7.61 8.82
N ALA A 18 -8.09 -7.22 7.64
CA ALA A 18 -9.12 -6.20 7.54
C ALA A 18 -10.48 -6.75 7.95
N ARG A 19 -11.20 -6.00 8.78
CA ARG A 19 -12.52 -6.41 9.24
C ARG A 19 -13.62 -5.63 8.53
N ASN A 20 -13.40 -4.33 8.36
CA ASN A 20 -14.37 -3.47 7.70
C ASN A 20 -14.41 -3.75 6.20
N PRO A 21 -15.57 -3.47 5.58
CA PRO A 21 -15.76 -3.68 4.15
C PRO A 21 -14.96 -2.69 3.30
N ARG A 22 -14.52 -1.61 3.93
CA ARG A 22 -13.74 -0.59 3.23
C ARG A 22 -12.25 -0.92 3.27
N GLU A 23 -11.85 -1.72 4.26
CA GLU A 23 -10.46 -2.11 4.42
C GLU A 23 -10.09 -3.24 3.45
N LEU A 24 -8.81 -3.54 3.35
CA LEU A 24 -8.33 -4.59 2.47
C LEU A 24 -7.22 -5.40 3.12
N THR A 25 -7.38 -6.72 3.16
CA THR A 25 -6.39 -7.60 3.76
C THR A 25 -5.09 -7.58 2.96
N VAL A 26 -3.97 -7.70 3.68
CA VAL A 26 -2.65 -7.70 3.03
C VAL A 26 -1.69 -8.64 3.76
N VAL A 27 -0.61 -8.99 3.07
CA VAL A 27 0.40 -9.88 3.66
C VAL A 27 1.77 -9.21 3.69
N GLN A 28 2.65 -9.73 4.55
CA GLN A 28 3.99 -9.18 4.68
C GLN A 28 4.78 -9.36 3.39
N GLY A 29 5.62 -8.37 3.07
CA GLY A 29 6.42 -8.43 1.87
C GLY A 29 5.65 -7.98 0.63
N GLU A 30 4.38 -8.37 0.56
CA GLU A 30 3.54 -8.00 -0.58
C GLU A 30 3.74 -6.53 -0.94
N LYS A 31 3.56 -6.22 -2.23
CA LYS A 31 3.71 -4.85 -2.71
C LYS A 31 2.36 -4.23 -3.03
N LEU A 32 2.18 -2.98 -2.62
CA LEU A 32 0.92 -2.28 -2.87
C LEU A 32 1.18 -0.82 -3.23
N GLU A 33 0.22 -0.20 -3.91
CA GLU A 33 0.35 1.19 -4.33
C GLU A 33 -0.34 2.12 -3.32
N VAL A 34 0.33 3.21 -2.97
CA VAL A 34 -0.22 4.17 -2.02
C VAL A 34 -0.99 5.27 -2.74
N LEU A 35 -2.17 5.60 -2.21
CA LEU A 35 -3.00 6.64 -2.81
C LEU A 35 -3.17 7.82 -1.85
N ASP A 36 -3.63 7.53 -0.64
CA ASP A 36 -3.82 8.56 0.37
C ASP A 36 -2.96 8.29 1.60
N HIS A 37 -1.74 8.81 1.58
CA HIS A 37 -0.81 8.63 2.70
C HIS A 37 -0.76 9.88 3.57
N SER A 38 -1.91 10.51 3.76
CA SER A 38 -2.00 11.72 4.57
C SER A 38 -2.51 11.40 5.97
N LYS A 39 -3.80 11.11 6.08
CA LYS A 39 -4.42 10.79 7.36
C LYS A 39 -3.71 9.60 8.01
N ARG A 40 -4.08 9.32 9.26
CA ARG A 40 -3.48 8.22 10.01
C ARG A 40 -3.41 6.96 9.13
N TRP A 41 -4.56 6.41 8.79
CA TRP A 41 -4.63 5.21 7.97
C TRP A 41 -4.39 5.55 6.49
N TRP A 42 -3.49 4.81 5.86
CA TRP A 42 -3.17 5.04 4.46
C TRP A 42 -4.05 4.17 3.55
N LEU A 43 -4.35 4.69 2.37
CA LEU A 43 -5.19 3.97 1.41
C LEU A 43 -4.34 3.39 0.29
N VAL A 44 -4.40 2.07 0.12
CA VAL A 44 -3.64 1.39 -0.93
C VAL A 44 -4.56 0.59 -1.83
N LYS A 45 -4.03 0.15 -2.97
CA LYS A 45 -4.80 -0.63 -3.92
C LYS A 45 -4.04 -1.88 -4.35
N ASN A 46 -4.78 -2.95 -4.65
CA ASN A 46 -4.17 -4.21 -5.07
C ASN A 46 -4.29 -4.39 -6.58
N GLU A 47 -3.66 -5.44 -7.10
CA GLU A 47 -3.69 -5.72 -8.53
C GLU A 47 -5.13 -5.90 -9.00
N ALA A 48 -5.93 -6.61 -8.21
CA ALA A 48 -7.33 -6.85 -8.56
C ALA A 48 -8.07 -5.53 -8.79
N GLY A 49 -7.65 -4.49 -8.07
CA GLY A 49 -8.29 -3.20 -8.22
C GLY A 49 -8.93 -2.71 -6.92
N ARG A 50 -9.17 -3.65 -6.00
CA ARG A 50 -9.78 -3.31 -4.73
C ARG A 50 -8.80 -2.55 -3.84
N SER A 51 -9.26 -1.42 -3.30
CA SER A 51 -8.42 -0.59 -2.44
C SER A 51 -8.98 -0.55 -1.02
N GLY A 52 -8.11 -0.73 -0.03
CA GLY A 52 -8.54 -0.72 1.36
C GLY A 52 -7.61 0.10 2.23
N TYR A 53 -8.14 0.60 3.34
CA TYR A 53 -7.36 1.42 4.26
C TYR A 53 -6.53 0.53 5.19
N ILE A 54 -5.22 0.71 5.15
CA ILE A 54 -4.32 -0.07 6.00
C ILE A 54 -3.43 0.84 6.84
N PRO A 55 -3.05 0.36 8.03
CA PRO A 55 -2.20 1.10 8.96
C PRO A 55 -0.76 1.23 8.45
N SER A 56 -0.31 2.47 8.31
CA SER A 56 1.04 2.74 7.82
C SER A 56 2.08 1.99 8.66
N ASN A 57 1.67 1.55 9.85
CA ASN A 57 2.55 0.82 10.75
C ASN A 57 3.03 -0.47 10.10
N ILE A 58 2.34 -0.90 9.05
CA ILE A 58 2.71 -2.12 8.35
C ILE A 58 3.16 -1.82 6.92
N LEU A 59 3.75 -0.65 6.73
CA LEU A 59 4.22 -0.25 5.42
C LEU A 59 5.66 0.26 5.49
N GLU A 60 6.35 0.25 4.35
CA GLU A 60 7.73 0.70 4.30
C GLU A 60 8.15 1.00 2.86
N PRO A 61 9.20 1.82 2.70
CA PRO A 61 9.71 2.21 1.38
C PRO A 61 10.39 1.04 0.66
N LEU A 62 9.65 0.40 -0.24
CA LEU A 62 10.18 -0.73 -1.00
C LEU A 62 10.95 -0.25 -2.22
N SER A 63 10.66 0.97 -2.65
CA SER A 63 11.33 1.54 -3.81
C SER A 63 12.73 2.04 -3.44
N GLY A 64 13.62 2.06 -4.43
CA GLY A 64 14.98 2.52 -4.19
C GLY A 64 15.70 2.87 -5.47
N PRO A 65 16.42 4.01 -5.46
CA PRO A 65 17.18 4.47 -6.62
C PRO A 65 18.39 3.59 -6.92
N SER A 66 18.69 2.67 -6.00
CA SER A 66 19.82 1.76 -6.17
C SER A 66 19.89 1.23 -7.59
N SER A 67 21.11 0.98 -8.07
CA SER A 67 21.31 0.47 -9.41
C SER A 67 20.40 -0.73 -9.69
N GLY A 68 19.27 -0.46 -10.32
CA GLY A 68 18.32 -1.52 -10.63
C GLY A 68 16.89 -1.02 -10.70
N GLY A 1 6.39 15.47 -24.58
CA GLY A 1 6.34 16.45 -23.51
C GLY A 1 6.31 15.82 -22.13
N SER A 2 5.10 15.65 -21.59
CA SER A 2 4.94 15.06 -20.27
C SER A 2 4.86 13.53 -20.37
N SER A 3 5.80 12.86 -19.71
CA SER A 3 5.84 11.40 -19.73
C SER A 3 6.38 10.86 -18.41
N GLY A 4 5.50 10.27 -17.61
CA GLY A 4 5.90 9.72 -16.33
C GLY A 4 4.72 9.44 -15.42
N SER A 5 4.62 8.20 -14.95
CA SER A 5 3.53 7.80 -14.06
C SER A 5 3.89 8.05 -12.60
N SER A 6 3.46 9.20 -12.08
CA SER A 6 3.75 9.56 -10.70
C SER A 6 2.88 8.76 -9.73
N GLY A 7 3.50 7.78 -9.08
CA GLY A 7 2.76 6.94 -8.14
C GLY A 7 3.64 6.41 -7.03
N LEU A 8 3.11 6.41 -5.81
CA LEU A 8 3.86 5.93 -4.65
C LEU A 8 3.61 4.45 -4.43
N LYS A 9 4.68 3.71 -4.14
CA LYS A 9 4.58 2.27 -3.89
C LYS A 9 5.21 1.90 -2.56
N MET A 10 4.58 0.95 -1.86
CA MET A 10 5.08 0.51 -0.56
C MET A 10 4.91 -1.00 -0.40
N GLN A 11 5.73 -1.60 0.44
CA GLN A 11 5.66 -3.04 0.69
C GLN A 11 5.19 -3.33 2.10
N VAL A 12 4.30 -4.32 2.22
CA VAL A 12 3.76 -4.70 3.53
C VAL A 12 4.83 -5.31 4.41
N LEU A 13 4.75 -5.04 5.71
CA LEU A 13 5.72 -5.57 6.67
C LEU A 13 5.09 -6.65 7.53
N TYR A 14 3.93 -6.34 8.12
CA TYR A 14 3.23 -7.29 8.98
C TYR A 14 1.89 -7.68 8.37
N GLU A 15 1.66 -8.98 8.24
CA GLU A 15 0.41 -9.49 7.68
C GLU A 15 -0.80 -8.90 8.42
N PHE A 16 -1.70 -8.28 7.67
CA PHE A 16 -2.89 -7.68 8.26
C PHE A 16 -4.16 -8.20 7.57
N GLU A 17 -5.24 -8.28 8.33
CA GLU A 17 -6.52 -8.76 7.80
C GLU A 17 -7.58 -7.67 7.85
N ALA A 18 -8.31 -7.50 6.75
CA ALA A 18 -9.36 -6.49 6.67
C ALA A 18 -10.60 -6.93 7.44
N ARG A 19 -11.06 -6.06 8.33
CA ARG A 19 -12.24 -6.36 9.14
C ARG A 19 -13.46 -5.59 8.63
N ASN A 20 -13.22 -4.42 8.07
CA ASN A 20 -14.30 -3.59 7.54
C ASN A 20 -14.47 -3.82 6.04
N PRO A 21 -15.63 -3.39 5.50
CA PRO A 21 -15.94 -3.54 4.09
C PRO A 21 -15.08 -2.64 3.20
N ARG A 22 -14.47 -1.63 3.81
CA ARG A 22 -13.62 -0.70 3.08
C ARG A 22 -12.15 -1.05 3.26
N GLU A 23 -11.88 -2.11 4.01
CA GLU A 23 -10.52 -2.55 4.26
C GLU A 23 -10.08 -3.59 3.23
N LEU A 24 -8.80 -3.90 3.23
CA LEU A 24 -8.24 -4.88 2.29
C LEU A 24 -7.18 -5.74 2.96
N THR A 25 -7.29 -7.05 2.79
CA THR A 25 -6.33 -7.98 3.38
C THR A 25 -4.99 -7.91 2.67
N VAL A 26 -3.92 -8.11 3.43
CA VAL A 26 -2.57 -8.08 2.87
C VAL A 26 -1.63 -8.99 3.65
N VAL A 27 -0.45 -9.22 3.08
CA VAL A 27 0.55 -10.07 3.73
C VAL A 27 1.95 -9.46 3.64
N GLN A 28 2.81 -9.82 4.57
CA GLN A 28 4.18 -9.32 4.59
C GLN A 28 4.88 -9.58 3.27
N GLY A 29 5.75 -8.66 2.85
CA GLY A 29 6.47 -8.82 1.61
C GLY A 29 5.68 -8.33 0.41
N GLU A 30 4.36 -8.48 0.48
CA GLU A 30 3.50 -8.05 -0.62
C GLU A 30 3.79 -6.61 -1.01
N LYS A 31 3.58 -6.29 -2.29
CA LYS A 31 3.81 -4.95 -2.80
C LYS A 31 2.51 -4.25 -3.13
N LEU A 32 2.28 -3.11 -2.51
CA LEU A 32 1.06 -2.33 -2.75
C LEU A 32 1.38 -0.94 -3.27
N GLU A 33 0.34 -0.17 -3.56
CA GLU A 33 0.53 1.19 -4.07
C GLU A 33 -0.31 2.19 -3.27
N VAL A 34 0.37 3.15 -2.66
CA VAL A 34 -0.31 4.17 -1.86
C VAL A 34 -1.14 5.10 -2.74
N LEU A 35 -2.25 5.56 -2.19
CA LEU A 35 -3.14 6.48 -2.93
C LEU A 35 -3.40 7.75 -2.13
N ASP A 36 -3.76 7.59 -0.86
CA ASP A 36 -4.04 8.72 0.00
C ASP A 36 -3.30 8.59 1.32
N HIS A 37 -2.19 9.32 1.46
CA HIS A 37 -1.40 9.28 2.68
C HIS A 37 -1.62 10.54 3.51
N SER A 38 -2.87 11.01 3.55
CA SER A 38 -3.21 12.21 4.30
C SER A 38 -4.14 11.86 5.46
N LYS A 39 -3.81 10.78 6.17
CA LYS A 39 -4.60 10.34 7.31
C LYS A 39 -3.92 9.19 8.03
N ARG A 40 -4.12 9.13 9.35
CA ARG A 40 -3.52 8.07 10.16
C ARG A 40 -3.43 6.76 9.38
N TRP A 41 -4.51 6.44 8.67
CA TRP A 41 -4.55 5.22 7.87
C TRP A 41 -4.35 5.51 6.39
N TRP A 42 -3.34 4.91 5.80
CA TRP A 42 -3.04 5.11 4.39
C TRP A 42 -3.90 4.21 3.51
N LEU A 43 -4.28 4.71 2.34
CA LEU A 43 -5.10 3.94 1.41
C LEU A 43 -4.27 3.39 0.27
N VAL A 44 -4.24 2.07 0.15
CA VAL A 44 -3.48 1.41 -0.92
C VAL A 44 -4.38 0.55 -1.79
N LYS A 45 -3.87 0.15 -2.94
CA LYS A 45 -4.63 -0.68 -3.87
C LYS A 45 -3.84 -1.92 -4.27
N ASN A 46 -4.55 -2.98 -4.63
CA ASN A 46 -3.92 -4.23 -5.03
C ASN A 46 -3.94 -4.40 -6.54
N GLU A 47 -3.40 -5.52 -7.01
CA GLU A 47 -3.37 -5.81 -8.45
C GLU A 47 -4.78 -6.02 -8.99
N ALA A 48 -5.62 -6.68 -8.21
CA ALA A 48 -6.99 -6.95 -8.62
C ALA A 48 -7.75 -5.65 -8.89
N GLY A 49 -7.45 -4.62 -8.10
CA GLY A 49 -8.11 -3.34 -8.27
C GLY A 49 -8.85 -2.90 -7.02
N ARG A 50 -8.82 -3.75 -5.99
CA ARG A 50 -9.50 -3.43 -4.74
C ARG A 50 -8.58 -2.64 -3.81
N SER A 51 -9.10 -1.51 -3.32
CA SER A 51 -8.33 -0.65 -2.42
C SER A 51 -8.92 -0.66 -1.02
N GLY A 52 -8.05 -0.80 -0.03
CA GLY A 52 -8.51 -0.84 1.35
C GLY A 52 -7.65 0.02 2.26
N TYR A 53 -8.21 0.43 3.39
CA TYR A 53 -7.49 1.27 4.35
C TYR A 53 -6.58 0.42 5.24
N ILE A 54 -5.30 0.76 5.27
CA ILE A 54 -4.34 0.04 6.07
C ILE A 54 -3.42 0.99 6.83
N PRO A 55 -2.98 0.57 8.02
CA PRO A 55 -2.09 1.37 8.86
C PRO A 55 -0.68 1.51 8.28
N SER A 56 -0.14 2.72 8.33
CA SER A 56 1.19 2.99 7.80
C SER A 56 2.25 2.25 8.60
N ASN A 57 1.82 1.61 9.69
CA ASN A 57 2.74 0.86 10.55
C ASN A 57 3.17 -0.45 9.88
N ILE A 58 2.32 -0.96 9.01
CA ILE A 58 2.61 -2.21 8.30
C ILE A 58 3.14 -1.93 6.90
N LEU A 59 3.68 -0.73 6.71
CA LEU A 59 4.23 -0.34 5.41
C LEU A 59 5.69 0.08 5.55
N GLU A 60 6.51 -0.30 4.58
CA GLU A 60 7.93 0.04 4.59
C GLU A 60 8.33 0.76 3.30
N PRO A 61 9.46 1.47 3.34
CA PRO A 61 9.98 2.21 2.19
C PRO A 61 10.49 1.29 1.10
N LEU A 62 9.58 0.79 0.28
CA LEU A 62 9.94 -0.11 -0.82
C LEU A 62 11.07 0.48 -1.66
N SER A 63 10.98 1.78 -1.92
CA SER A 63 12.00 2.47 -2.72
C SER A 63 13.06 3.08 -1.81
N GLY A 64 14.13 3.58 -2.43
CA GLY A 64 15.21 4.19 -1.67
C GLY A 64 14.71 5.18 -0.65
N PRO A 65 15.41 5.26 0.50
CA PRO A 65 15.05 6.18 1.58
C PRO A 65 15.28 7.64 1.21
N SER A 66 16.01 7.86 0.12
CA SER A 66 16.31 9.22 -0.34
C SER A 66 15.10 9.83 -1.02
N SER A 67 14.83 11.10 -0.71
CA SER A 67 13.71 11.81 -1.30
C SER A 67 14.00 12.21 -2.74
N GLY A 68 12.95 12.45 -3.51
CA GLY A 68 13.11 12.83 -4.90
C GLY A 68 11.80 13.21 -5.56
N GLY A 1 1.26 17.35 -22.95
CA GLY A 1 1.64 18.12 -21.79
C GLY A 1 3.01 17.75 -21.26
N SER A 2 3.03 17.06 -20.11
CA SER A 2 4.29 16.65 -19.50
C SER A 2 4.45 15.13 -19.56
N SER A 3 5.70 14.68 -19.61
CA SER A 3 5.99 13.25 -19.67
C SER A 3 6.65 12.78 -18.38
N GLY A 4 6.12 13.22 -17.25
CA GLY A 4 6.67 12.83 -15.97
C GLY A 4 5.60 12.44 -14.96
N SER A 5 5.54 11.15 -14.63
CA SER A 5 4.54 10.66 -13.69
C SER A 5 5.22 10.14 -12.42
N SER A 6 4.67 10.52 -11.27
CA SER A 6 5.22 10.11 -9.99
C SER A 6 4.17 9.36 -9.17
N GLY A 7 4.62 8.33 -8.45
CA GLY A 7 3.70 7.56 -7.62
C GLY A 7 4.33 7.11 -6.32
N LEU A 8 3.49 6.78 -5.34
CA LEU A 8 3.98 6.33 -4.04
C LEU A 8 3.65 4.86 -3.82
N LYS A 9 4.70 4.03 -3.77
CA LYS A 9 4.53 2.60 -3.56
C LYS A 9 5.26 2.14 -2.30
N MET A 10 4.68 1.17 -1.59
CA MET A 10 5.28 0.65 -0.38
C MET A 10 5.08 -0.86 -0.27
N GLN A 11 5.81 -1.49 0.63
CA GLN A 11 5.71 -2.93 0.83
C GLN A 11 5.19 -3.25 2.23
N VAL A 12 4.44 -4.34 2.34
CA VAL A 12 3.88 -4.77 3.62
C VAL A 12 4.95 -5.45 4.48
N LEU A 13 4.95 -5.12 5.77
CA LEU A 13 5.92 -5.70 6.69
C LEU A 13 5.25 -6.72 7.61
N TYR A 14 3.97 -6.49 7.90
CA TYR A 14 3.22 -7.40 8.76
C TYR A 14 1.82 -7.64 8.21
N GLU A 15 1.43 -8.90 8.11
CA GLU A 15 0.12 -9.27 7.60
C GLU A 15 -0.98 -8.55 8.36
N PHE A 16 -2.00 -8.08 7.63
CA PHE A 16 -3.12 -7.37 8.24
C PHE A 16 -4.45 -7.91 7.72
N GLU A 17 -5.37 -8.17 8.65
CA GLU A 17 -6.68 -8.68 8.29
C GLU A 17 -7.75 -7.61 8.40
N ALA A 18 -8.27 -7.18 7.25
CA ALA A 18 -9.30 -6.15 7.22
C ALA A 18 -10.47 -6.50 8.14
N ARG A 19 -10.98 -5.50 8.84
CA ARG A 19 -12.10 -5.70 9.76
C ARG A 19 -13.31 -4.86 9.35
N ASN A 20 -13.04 -3.66 8.84
CA ASN A 20 -14.10 -2.76 8.41
C ASN A 20 -14.50 -3.04 6.96
N PRO A 21 -15.67 -2.54 6.56
CA PRO A 21 -16.19 -2.72 5.19
C PRO A 21 -15.39 -1.94 4.16
N ARG A 22 -14.50 -1.07 4.65
CA ARG A 22 -13.67 -0.27 3.76
C ARG A 22 -12.19 -0.62 3.93
N GLU A 23 -11.93 -1.81 4.46
CA GLU A 23 -10.57 -2.27 4.66
C GLU A 23 -10.24 -3.44 3.74
N LEU A 24 -8.96 -3.56 3.38
CA LEU A 24 -8.52 -4.64 2.49
C LEU A 24 -7.44 -5.48 3.17
N THR A 25 -7.57 -6.80 3.05
CA THR A 25 -6.60 -7.72 3.65
C THR A 25 -5.28 -7.71 2.88
N VAL A 26 -4.20 -8.06 3.56
CA VAL A 26 -2.89 -8.08 2.93
C VAL A 26 -1.96 -9.08 3.65
N VAL A 27 -0.85 -9.41 3.00
CA VAL A 27 0.11 -10.34 3.56
C VAL A 27 1.51 -9.75 3.57
N GLN A 28 2.34 -10.19 4.52
CA GLN A 28 3.71 -9.70 4.63
C GLN A 28 4.47 -9.93 3.33
N GLY A 29 5.39 -9.02 3.02
CA GLY A 29 6.17 -9.14 1.79
C GLY A 29 5.40 -8.73 0.56
N GLU A 30 4.09 -8.55 0.72
CA GLU A 30 3.23 -8.16 -0.40
C GLU A 30 3.45 -6.68 -0.74
N LYS A 31 3.38 -6.37 -2.03
CA LYS A 31 3.55 -5.00 -2.49
C LYS A 31 2.22 -4.37 -2.86
N LEU A 32 2.07 -3.08 -2.58
CA LEU A 32 0.84 -2.37 -2.89
C LEU A 32 1.12 -0.90 -3.21
N GLU A 33 0.25 -0.29 -4.00
CA GLU A 33 0.41 1.10 -4.39
C GLU A 33 -0.40 2.02 -3.48
N VAL A 34 0.25 3.02 -2.91
CA VAL A 34 -0.41 3.97 -2.02
C VAL A 34 -1.22 4.99 -2.81
N LEU A 35 -2.35 5.40 -2.24
CA LEU A 35 -3.22 6.39 -2.89
C LEU A 35 -3.39 7.62 -2.01
N ASP A 36 -3.88 7.41 -0.80
CA ASP A 36 -4.10 8.49 0.15
C ASP A 36 -3.28 8.29 1.42
N HIS A 37 -2.13 8.97 1.48
CA HIS A 37 -1.24 8.86 2.63
C HIS A 37 -1.38 10.09 3.53
N SER A 38 -2.40 10.89 3.27
CA SER A 38 -2.63 12.11 4.05
C SER A 38 -3.08 11.76 5.47
N LYS A 39 -4.13 10.95 5.57
CA LYS A 39 -4.67 10.54 6.86
C LYS A 39 -3.75 9.53 7.53
N ARG A 40 -4.01 9.23 8.80
CA ARG A 40 -3.21 8.28 9.55
C ARG A 40 -3.12 6.95 8.81
N TRP A 41 -4.26 6.47 8.32
CA TRP A 41 -4.31 5.20 7.59
C TRP A 41 -4.12 5.43 6.10
N TRP A 42 -3.07 4.85 5.55
CA TRP A 42 -2.77 4.97 4.12
C TRP A 42 -3.63 4.02 3.30
N LEU A 43 -4.31 4.55 2.29
CA LEU A 43 -5.16 3.75 1.42
C LEU A 43 -4.37 3.19 0.24
N VAL A 44 -4.29 1.88 0.15
CA VAL A 44 -3.57 1.23 -0.93
C VAL A 44 -4.53 0.44 -1.83
N LYS A 45 -4.01 -0.03 -2.96
CA LYS A 45 -4.80 -0.80 -3.91
C LYS A 45 -4.05 -2.04 -4.38
N ASN A 46 -4.80 -3.08 -4.71
CA ASN A 46 -4.20 -4.33 -5.18
C ASN A 46 -4.37 -4.48 -6.69
N GLU A 47 -3.88 -5.59 -7.23
CA GLU A 47 -3.98 -5.87 -8.65
C GLU A 47 -5.44 -6.03 -9.07
N ALA A 48 -6.24 -6.63 -8.20
CA ALA A 48 -7.65 -6.85 -8.49
C ALA A 48 -8.38 -5.52 -8.69
N GLY A 49 -7.88 -4.47 -8.06
CA GLY A 49 -8.50 -3.17 -8.19
C GLY A 49 -9.18 -2.71 -6.92
N ARG A 50 -9.12 -3.55 -5.89
CA ARG A 50 -9.75 -3.24 -4.61
C ARG A 50 -8.77 -2.48 -3.71
N SER A 51 -9.20 -1.32 -3.23
CA SER A 51 -8.37 -0.49 -2.36
C SER A 51 -8.94 -0.43 -0.95
N GLY A 52 -8.11 -0.79 0.03
CA GLY A 52 -8.55 -0.76 1.41
C GLY A 52 -7.66 0.08 2.29
N TYR A 53 -8.22 0.58 3.39
CA TYR A 53 -7.46 1.42 4.32
C TYR A 53 -6.55 0.56 5.21
N ILE A 54 -5.25 0.81 5.12
CA ILE A 54 -4.28 0.07 5.91
C ILE A 54 -3.37 1.01 6.68
N PRO A 55 -2.91 0.57 7.87
CA PRO A 55 -2.03 1.36 8.73
C PRO A 55 -0.63 1.49 8.13
N SER A 56 -0.08 2.70 8.16
CA SER A 56 1.24 2.96 7.63
C SER A 56 2.31 2.22 8.44
N ASN A 57 1.90 1.67 9.58
CA ASN A 57 2.81 0.93 10.45
C ASN A 57 3.26 -0.37 9.78
N ILE A 58 2.39 -0.94 8.97
CA ILE A 58 2.70 -2.18 8.27
C ILE A 58 3.28 -1.91 6.88
N LEU A 59 3.56 -0.64 6.61
CA LEU A 59 4.13 -0.24 5.32
C LEU A 59 5.60 0.15 5.47
N GLU A 60 6.43 -0.37 4.57
CA GLU A 60 7.86 -0.07 4.60
C GLU A 60 8.30 0.64 3.32
N PRO A 61 9.40 1.40 3.41
CA PRO A 61 9.93 2.16 2.27
C PRO A 61 10.53 1.24 1.21
N LEU A 62 9.70 0.80 0.27
CA LEU A 62 10.15 -0.08 -0.80
C LEU A 62 11.01 0.69 -1.81
N SER A 63 12.03 0.02 -2.33
CA SER A 63 12.93 0.64 -3.30
C SER A 63 13.44 -0.39 -4.30
N GLY A 64 12.93 -0.30 -5.53
CA GLY A 64 13.33 -1.23 -6.57
C GLY A 64 14.75 -0.97 -7.06
N PRO A 65 15.44 -2.04 -7.48
CA PRO A 65 16.82 -1.95 -7.98
C PRO A 65 16.89 -1.25 -9.33
N SER A 66 15.99 -1.62 -10.23
CA SER A 66 15.96 -1.05 -11.57
C SER A 66 15.80 0.47 -11.49
N SER A 67 15.99 1.14 -12.63
CA SER A 67 15.87 2.59 -12.69
C SER A 67 14.65 3.07 -11.92
N GLY A 68 13.49 2.49 -12.23
CA GLY A 68 12.26 2.88 -11.55
C GLY A 68 11.19 1.82 -11.67
N GLY A 1 10.70 2.44 -23.09
CA GLY A 1 9.90 2.91 -21.98
C GLY A 1 8.97 4.05 -22.37
N SER A 2 7.67 3.80 -22.28
CA SER A 2 6.67 4.81 -22.64
C SER A 2 6.51 5.84 -21.52
N SER A 3 6.20 7.07 -21.90
CA SER A 3 6.02 8.14 -20.93
C SER A 3 4.95 7.79 -19.91
N GLY A 4 5.31 7.86 -18.63
CA GLY A 4 4.37 7.54 -17.57
C GLY A 4 4.83 8.02 -16.22
N SER A 5 4.02 8.85 -15.57
CA SER A 5 4.36 9.38 -14.26
C SER A 5 4.28 8.29 -13.19
N SER A 6 5.10 8.43 -12.15
CA SER A 6 5.12 7.45 -11.07
C SER A 6 4.36 7.97 -9.85
N GLY A 7 4.19 7.11 -8.86
CA GLY A 7 3.47 7.50 -7.66
C GLY A 7 4.15 7.00 -6.39
N LEU A 8 3.36 6.80 -5.34
CA LEU A 8 3.89 6.32 -4.07
C LEU A 8 3.58 4.84 -3.88
N LYS A 9 4.63 4.02 -3.84
CA LYS A 9 4.48 2.58 -3.66
C LYS A 9 5.17 2.12 -2.38
N MET A 10 4.56 1.18 -1.68
CA MET A 10 5.13 0.65 -0.45
C MET A 10 4.83 -0.84 -0.31
N GLN A 11 5.66 -1.53 0.47
CA GLN A 11 5.49 -2.96 0.68
C GLN A 11 5.03 -3.25 2.10
N VAL A 12 4.27 -4.33 2.26
CA VAL A 12 3.76 -4.73 3.57
C VAL A 12 4.87 -5.31 4.44
N LEU A 13 4.89 -4.91 5.71
CA LEU A 13 5.89 -5.40 6.65
C LEU A 13 5.32 -6.49 7.55
N TYR A 14 4.12 -6.25 8.07
CA TYR A 14 3.46 -7.21 8.95
C TYR A 14 2.06 -7.53 8.44
N GLU A 15 1.82 -8.82 8.17
CA GLU A 15 0.52 -9.26 7.69
C GLU A 15 -0.61 -8.58 8.46
N PHE A 16 -1.58 -8.04 7.72
CA PHE A 16 -2.71 -7.35 8.33
C PHE A 16 -4.03 -7.87 7.75
N GLU A 17 -5.06 -7.91 8.59
CA GLU A 17 -6.37 -8.38 8.17
C GLU A 17 -7.41 -7.27 8.25
N ALA A 18 -8.17 -7.09 7.18
CA ALA A 18 -9.20 -6.05 7.13
C ALA A 18 -10.32 -6.35 8.13
N ARG A 19 -10.38 -5.56 9.19
CA ARG A 19 -11.40 -5.73 10.22
C ARG A 19 -12.41 -4.59 10.18
N ASN A 20 -12.80 -4.19 8.96
CA ASN A 20 -13.76 -3.12 8.79
C ASN A 20 -14.31 -3.10 7.36
N PRO A 21 -15.43 -2.40 7.17
CA PRO A 21 -16.08 -2.29 5.86
C PRO A 21 -15.26 -1.46 4.87
N ARG A 22 -14.30 -0.72 5.39
CA ARG A 22 -13.44 0.12 4.56
C ARG A 22 -11.98 -0.25 4.73
N GLU A 23 -11.68 -1.53 4.57
CA GLU A 23 -10.30 -2.02 4.72
C GLU A 23 -10.02 -3.13 3.71
N LEU A 24 -8.76 -3.54 3.63
CA LEU A 24 -8.35 -4.58 2.71
C LEU A 24 -7.29 -5.48 3.34
N THR A 25 -7.43 -6.79 3.16
CA THR A 25 -6.49 -7.75 3.71
C THR A 25 -5.18 -7.73 2.94
N VAL A 26 -4.08 -8.01 3.64
CA VAL A 26 -2.76 -8.03 3.01
C VAL A 26 -1.82 -8.97 3.75
N VAL A 27 -0.64 -9.19 3.18
CA VAL A 27 0.36 -10.08 3.78
C VAL A 27 1.75 -9.46 3.72
N GLN A 28 2.62 -9.90 4.61
CA GLN A 28 3.99 -9.39 4.66
C GLN A 28 4.72 -9.68 3.35
N GLY A 29 5.60 -8.76 2.96
CA GLY A 29 6.35 -8.93 1.73
C GLY A 29 5.59 -8.45 0.51
N GLU A 30 4.29 -8.72 0.50
CA GLU A 30 3.45 -8.31 -0.62
C GLU A 30 3.62 -6.82 -0.93
N LYS A 31 3.59 -6.48 -2.21
CA LYS A 31 3.75 -5.09 -2.62
C LYS A 31 2.40 -4.48 -2.99
N LEU A 32 2.23 -3.20 -2.69
CA LEU A 32 0.99 -2.49 -2.99
C LEU A 32 1.26 -1.04 -3.37
N GLU A 33 0.27 -0.40 -3.98
CA GLU A 33 0.40 1.00 -4.39
C GLU A 33 -0.38 1.92 -3.45
N VAL A 34 0.29 2.94 -2.94
CA VAL A 34 -0.35 3.90 -2.03
C VAL A 34 -1.14 4.95 -2.82
N LEU A 35 -2.25 5.38 -2.23
CA LEU A 35 -3.10 6.38 -2.87
C LEU A 35 -3.31 7.59 -1.95
N ASP A 36 -3.75 7.32 -0.73
CA ASP A 36 -3.98 8.38 0.25
C ASP A 36 -3.04 8.25 1.44
N HIS A 37 -1.84 8.81 1.30
CA HIS A 37 -0.84 8.75 2.36
C HIS A 37 -0.79 10.07 3.14
N SER A 38 -1.96 10.65 3.37
CA SER A 38 -2.06 11.91 4.10
C SER A 38 -2.67 11.70 5.48
N LYS A 39 -3.83 11.07 5.52
CA LYS A 39 -4.52 10.80 6.78
C LYS A 39 -3.80 9.73 7.57
N ARG A 40 -4.10 9.65 8.86
CA ARG A 40 -3.48 8.67 9.74
C ARG A 40 -3.26 7.34 9.01
N TRP A 41 -4.34 6.79 8.47
CA TRP A 41 -4.27 5.54 7.73
C TRP A 41 -3.92 5.77 6.26
N TRP A 42 -3.15 4.85 5.69
CA TRP A 42 -2.74 4.96 4.30
C TRP A 42 -3.58 4.04 3.41
N LEU A 43 -4.15 4.60 2.35
CA LEU A 43 -4.97 3.81 1.43
C LEU A 43 -4.12 3.17 0.34
N VAL A 44 -4.37 1.90 0.08
CA VAL A 44 -3.63 1.17 -0.94
C VAL A 44 -4.55 0.32 -1.81
N LYS A 45 -4.02 -0.17 -2.92
CA LYS A 45 -4.81 -0.99 -3.84
C LYS A 45 -4.01 -2.22 -4.28
N ASN A 46 -4.72 -3.25 -4.73
CA ASN A 46 -4.09 -4.48 -5.18
C ASN A 46 -4.29 -4.68 -6.68
N GLU A 47 -3.76 -5.77 -7.20
CA GLU A 47 -3.88 -6.08 -8.63
C GLU A 47 -5.35 -6.30 -9.01
N ALA A 48 -6.11 -6.89 -8.09
CA ALA A 48 -7.52 -7.15 -8.33
C ALA A 48 -8.30 -5.87 -8.56
N GLY A 49 -7.86 -4.79 -7.90
CA GLY A 49 -8.52 -3.51 -8.05
C GLY A 49 -9.16 -3.04 -6.76
N ARG A 50 -9.22 -3.93 -5.77
CA ARG A 50 -9.82 -3.61 -4.48
C ARG A 50 -8.87 -2.78 -3.63
N SER A 51 -9.28 -1.56 -3.30
CA SER A 51 -8.47 -0.66 -2.49
C SER A 51 -9.06 -0.50 -1.10
N GLY A 52 -8.20 -0.55 -0.09
CA GLY A 52 -8.66 -0.40 1.29
C GLY A 52 -7.67 0.37 2.14
N TYR A 53 -8.12 0.80 3.31
CA TYR A 53 -7.27 1.55 4.23
C TYR A 53 -6.45 0.62 5.10
N ILE A 54 -5.14 0.84 5.12
CA ILE A 54 -4.23 0.02 5.91
C ILE A 54 -3.35 0.88 6.81
N PRO A 55 -2.96 0.33 7.97
CA PRO A 55 -2.11 1.02 8.93
C PRO A 55 -0.68 1.20 8.42
N SER A 56 -0.26 2.46 8.29
CA SER A 56 1.08 2.77 7.81
C SER A 56 2.13 2.03 8.62
N ASN A 57 1.74 1.55 9.80
CA ASN A 57 2.65 0.82 10.67
C ASN A 57 3.18 -0.43 9.98
N ILE A 58 2.44 -0.91 8.98
CA ILE A 58 2.85 -2.10 8.24
C ILE A 58 3.30 -1.73 6.83
N LEU A 59 3.68 -0.48 6.64
CA LEU A 59 4.15 0.00 5.35
C LEU A 59 5.59 0.49 5.44
N GLU A 60 6.44 -0.02 4.56
CA GLU A 60 7.85 0.36 4.54
C GLU A 60 8.27 0.83 3.14
N PRO A 61 9.27 1.70 3.08
CA PRO A 61 9.78 2.24 1.81
C PRO A 61 10.53 1.19 1.01
N LEU A 62 9.79 0.36 0.29
CA LEU A 62 10.37 -0.69 -0.53
C LEU A 62 11.32 -0.10 -1.57
N SER A 63 11.01 1.12 -2.02
CA SER A 63 11.84 1.78 -3.01
C SER A 63 13.17 2.21 -2.42
N GLY A 64 14.23 2.17 -3.23
CA GLY A 64 15.55 2.55 -2.76
C GLY A 64 16.49 1.37 -2.68
N PRO A 65 17.72 1.61 -2.18
CA PRO A 65 18.74 0.58 -2.04
C PRO A 65 18.40 -0.41 -0.94
N SER A 66 17.54 0.00 -0.01
CA SER A 66 17.14 -0.86 1.10
C SER A 66 16.49 -2.14 0.58
N SER A 67 17.23 -3.23 0.64
CA SER A 67 16.74 -4.52 0.18
C SER A 67 16.80 -5.56 1.30
N GLY A 68 15.63 -6.02 1.73
CA GLY A 68 15.56 -7.01 2.79
C GLY A 68 14.88 -6.48 4.04
#